data_4S1T
#
_entry.id   4S1T
#
_cell.length_a   86.445
_cell.length_b   140.285
_cell.length_c   426.933
_cell.angle_alpha   90.00
_cell.angle_beta   90.00
_cell.angle_gamma   90.00
#
_symmetry.space_group_name_H-M   'C 2 2 21'
#
loop_
_entity.id
_entity.type
_entity.pdbx_description
1 polymer 'Uridylate-specific endoribonuclease'
2 non-polymer 'PHOSPHATE ION'
3 water water
#
_entity_poly.entity_id   1
_entity_poly.type   'polypeptide(L)'
_entity_poly.pdbx_seq_one_letter_code
;SGLENIAFNVVNKGSFVGADGELPVAASGDKVFVRDGNTDNLVFVNKTSLPTAIAFELFAKRKVGLTPPLSILKNLGVVA
TYKFVLWDYEAERPLTSFTKSVCGYTDFAEDVCTCYDNSIQGSYERFTLSTNAVLFSATAVKTGGKSLPAIKLNFGMLNG
NAIATVKSEDGNIKNINWFVYVRKDGKPVDHYDGFYTQGRNLQDFLPRSTMEEDFLNMDIGVFIQKYGLEDFNFEHVVYG
DVSKTTLGGLHLLISQVRLSKMGILKAEEFVAASDITLKCCTVTYLNDPSSKTVCTYMDLLLDDFVSVLKSLDLTVVSKV
HEVIIDNKPWRWMLWCKDNAVATFYPQLQ
;
_entity_poly.pdbx_strand_id   A,B,C,D,E,F
#
# COMPACT_ATOMS: atom_id res chain seq x y z
N SER A 1 -13.95 -29.87 52.01
CA SER A 1 -14.38 -29.37 53.32
C SER A 1 -15.33 -28.21 53.13
N GLY A 2 -16.27 -28.37 52.21
CA GLY A 2 -17.33 -27.39 52.10
C GLY A 2 -17.05 -26.32 51.07
N LEU A 3 -18.13 -25.69 50.64
CA LEU A 3 -18.07 -24.75 49.56
C LEU A 3 -17.16 -23.57 49.89
N GLU A 4 -17.21 -23.12 51.14
CA GLU A 4 -16.32 -22.03 51.59
C GLU A 4 -14.81 -22.29 51.34
N ASN A 5 -14.39 -23.51 51.62
CA ASN A 5 -13.01 -23.92 51.35
C ASN A 5 -12.72 -24.02 49.84
N ILE A 6 -13.64 -24.60 49.09
CA ILE A 6 -13.49 -24.65 47.63
C ILE A 6 -13.43 -23.25 46.99
N ALA A 7 -14.23 -22.30 47.49
CA ALA A 7 -14.17 -20.92 47.02
C ALA A 7 -12.80 -20.30 47.34
N PHE A 8 -12.30 -20.57 48.55
CA PHE A 8 -10.96 -20.10 48.93
C PHE A 8 -9.91 -20.57 47.94
N ASN A 9 -9.95 -21.85 47.60
CA ASN A 9 -9.03 -22.44 46.60
C ASN A 9 -9.17 -21.84 45.21
N VAL A 10 -10.41 -21.67 44.77
CA VAL A 10 -10.62 -21.18 43.42
C VAL A 10 -10.12 -19.72 43.29
N VAL A 11 -10.47 -18.89 44.27
CA VAL A 11 -10.04 -17.49 44.29
C VAL A 11 -8.52 -17.27 44.43
N ASN A 12 -7.86 -18.13 45.22
CA ASN A 12 -6.40 -17.99 45.47
C ASN A 12 -5.44 -18.90 44.70
N LYS A 13 -5.97 -19.97 44.09
CA LYS A 13 -5.13 -20.92 43.34
C LYS A 13 -5.80 -21.28 42.00
N GLY A 14 -6.94 -20.64 41.70
CA GLY A 14 -7.65 -20.85 40.44
C GLY A 14 -8.29 -22.22 40.24
N SER A 15 -8.20 -23.05 41.30
CA SER A 15 -8.78 -24.40 41.32
C SER A 15 -8.67 -25.01 42.72
N PHE A 16 -9.37 -26.12 42.97
CA PHE A 16 -9.22 -26.81 44.24
C PHE A 16 -7.93 -27.63 44.31
N VAL A 17 -7.01 -27.20 45.18
CA VAL A 17 -5.73 -27.90 45.36
C VAL A 17 -5.57 -28.51 46.75
N GLY A 18 -6.52 -28.23 47.64
CA GLY A 18 -6.48 -28.76 48.99
C GLY A 18 -5.87 -27.74 49.94
N ALA A 19 -5.76 -26.48 49.50
CA ALA A 19 -5.31 -25.40 50.38
C ALA A 19 -6.28 -25.16 51.56
N ASP A 20 -5.78 -24.74 52.71
CA ASP A 20 -6.67 -24.43 53.85
C ASP A 20 -7.13 -22.99 53.75
N GLY A 21 -8.34 -22.72 54.29
CA GLY A 21 -8.88 -21.38 54.19
C GLY A 21 -10.34 -21.40 53.74
N GLU A 22 -11.05 -20.31 54.05
CA GLU A 22 -12.47 -20.20 53.75
C GLU A 22 -12.88 -18.79 53.37
N LEU A 23 -13.80 -18.77 52.41
CA LEU A 23 -14.39 -17.53 51.88
C LEU A 23 -15.90 -17.72 51.80
N PRO A 24 -16.65 -16.74 52.29
CA PRO A 24 -18.10 -16.84 52.17
C PRO A 24 -18.47 -16.89 50.67
N VAL A 25 -19.23 -17.92 50.29
CA VAL A 25 -19.72 -18.15 48.94
C VAL A 25 -21.22 -18.46 48.96
N ALA A 26 -21.92 -17.99 47.93
CA ALA A 26 -23.30 -18.43 47.69
C ALA A 26 -23.54 -18.54 46.18
N ALA A 27 -24.16 -19.63 45.73
CA ALA A 27 -24.60 -19.67 44.35
C ALA A 27 -25.94 -18.93 44.39
N SER A 28 -26.25 -18.24 43.30
CA SER A 28 -27.50 -17.46 43.18
C SER A 28 -27.91 -17.41 41.69
N GLY A 29 -28.93 -18.23 41.36
CA GLY A 29 -29.23 -18.52 39.96
C GLY A 29 -28.11 -19.36 39.35
N ASP A 30 -27.55 -18.84 38.27
CA ASP A 30 -26.50 -19.55 37.56
C ASP A 30 -25.15 -18.88 37.88
N LYS A 31 -25.09 -18.11 38.99
CA LYS A 31 -23.87 -17.39 39.39
C LYS A 31 -23.32 -17.80 40.76
N VAL A 32 -22.02 -17.68 40.95
CA VAL A 32 -21.47 -17.95 42.28
C VAL A 32 -20.78 -16.69 42.74
N PHE A 33 -21.11 -16.24 43.95
CA PHE A 33 -20.42 -15.06 44.49
C PHE A 33 -19.55 -15.31 45.72
N VAL A 34 -18.51 -14.51 45.86
CA VAL A 34 -17.73 -14.50 47.09
C VAL A 34 -17.85 -13.15 47.79
N ARG A 35 -18.31 -13.18 49.04
CA ARG A 35 -18.30 -11.96 49.89
C ARG A 35 -16.86 -11.52 50.25
N ASP A 36 -16.49 -10.36 49.71
CA ASP A 36 -15.20 -9.74 49.93
C ASP A 36 -15.40 -8.46 50.75
N GLY A 37 -15.75 -8.65 52.03
CA GLY A 37 -16.13 -7.54 52.88
C GLY A 37 -17.41 -6.87 52.40
N ASN A 38 -17.23 -5.79 51.62
CA ASN A 38 -18.36 -4.91 51.27
C ASN A 38 -18.83 -5.11 49.83
N THR A 39 -18.38 -6.22 49.25
CA THR A 39 -18.57 -6.44 47.84
C THR A 39 -18.73 -7.91 47.53
N ASP A 40 -19.66 -8.25 46.63
CA ASP A 40 -19.78 -9.63 46.18
C ASP A 40 -19.14 -9.75 44.83
N ASN A 41 -18.08 -10.56 44.75
CA ASN A 41 -17.37 -10.76 43.47
C ASN A 41 -17.90 -11.99 42.76
N LEU A 42 -18.13 -11.86 41.46
CA LEU A 42 -18.63 -12.98 40.69
C LEU A 42 -17.44 -13.86 40.37
N VAL A 43 -17.45 -15.10 40.82
CA VAL A 43 -16.30 -15.97 40.52
C VAL A 43 -16.63 -17.07 39.50
N PHE A 44 -17.91 -17.31 39.24
CA PHE A 44 -18.26 -18.41 38.33
C PHE A 44 -19.63 -18.21 37.77
N VAL A 45 -19.80 -18.60 36.51
CA VAL A 45 -21.08 -18.55 35.84
C VAL A 45 -21.31 -19.94 35.27
N ASN A 46 -22.43 -20.51 35.61
CA ASN A 46 -22.76 -21.88 35.28
C ASN A 46 -23.40 -21.97 33.88
N LYS A 47 -22.79 -22.73 32.98
CA LYS A 47 -23.38 -23.00 31.66
C LYS A 47 -23.83 -24.46 31.51
N THR A 48 -23.79 -25.20 32.63
CA THR A 48 -24.18 -26.61 32.65
C THR A 48 -25.63 -26.75 33.09
N SER A 49 -26.18 -27.95 32.93
CA SER A 49 -27.54 -28.26 33.42
C SER A 49 -27.52 -28.68 34.91
N LEU A 50 -26.33 -28.78 35.50
CA LEU A 50 -26.20 -29.07 36.94
C LEU A 50 -26.54 -27.85 37.82
N PRO A 51 -26.89 -28.12 39.07
CA PRO A 51 -27.08 -27.02 40.02
C PRO A 51 -25.76 -26.24 40.14
N THR A 52 -25.89 -24.92 40.20
CA THR A 52 -24.77 -24.01 40.14
C THR A 52 -23.62 -24.31 41.13
N ALA A 53 -23.91 -24.47 42.42
CA ALA A 53 -22.85 -24.87 43.38
C ALA A 53 -22.12 -26.16 42.97
N ILE A 54 -22.88 -27.09 42.40
CA ILE A 54 -22.34 -28.35 41.98
C ILE A 54 -21.41 -28.15 40.77
N ALA A 55 -21.93 -27.49 39.71
CA ALA A 55 -21.06 -27.17 38.51
C ALA A 55 -19.76 -26.45 38.93
N PHE A 56 -19.88 -25.49 39.85
CA PHE A 56 -18.73 -24.81 40.48
C PHE A 56 -17.71 -25.79 41.14
N GLU A 57 -18.21 -26.70 41.99
CA GLU A 57 -17.33 -27.68 42.60
C GLU A 57 -16.56 -28.52 41.53
N LEU A 58 -17.29 -29.03 40.52
CA LEU A 58 -16.66 -29.91 39.50
C LEU A 58 -15.66 -29.12 38.68
N PHE A 59 -15.94 -27.84 38.46
CA PHE A 59 -15.00 -27.01 37.72
C PHE A 59 -13.73 -26.85 38.56
N ALA A 60 -13.91 -26.58 39.87
CA ALA A 60 -12.81 -26.41 40.81
C ALA A 60 -11.94 -27.72 40.91
N LYS A 61 -12.57 -28.84 40.59
CA LYS A 61 -11.90 -30.14 40.71
C LYS A 61 -11.48 -30.67 39.35
N ARG A 62 -11.50 -29.80 38.36
CA ARG A 62 -11.01 -30.23 37.04
C ARG A 62 -9.50 -30.49 37.07
N LYS A 63 -9.02 -31.35 36.17
CA LYS A 63 -7.59 -31.47 35.90
C LYS A 63 -7.06 -30.17 35.30
N VAL A 64 -6.14 -29.54 36.04
CA VAL A 64 -5.55 -28.25 35.64
C VAL A 64 -4.17 -28.41 34.92
N GLY A 65 -3.88 -27.50 33.99
CA GLY A 65 -2.64 -27.52 33.21
C GLY A 65 -2.74 -28.48 32.04
N LEU A 66 -1.83 -29.45 32.02
CA LEU A 66 -1.72 -30.40 30.89
C LEU A 66 -2.79 -31.49 30.90
N THR A 67 -3.56 -31.60 29.82
CA THR A 67 -4.63 -32.61 29.81
C THR A 67 -4.70 -33.29 28.44
N PRO A 68 -5.23 -34.52 28.42
CA PRO A 68 -5.45 -35.26 27.17
C PRO A 68 -6.59 -34.64 26.37
N PRO A 69 -6.57 -34.81 25.04
CA PRO A 69 -7.65 -34.35 24.14
C PRO A 69 -8.93 -35.01 24.63
N LEU A 70 -10.11 -34.40 24.39
CA LEU A 70 -11.38 -34.90 24.90
C LEU A 70 -12.14 -35.85 23.99
N SER A 71 -12.21 -35.57 22.69
CA SER A 71 -13.09 -36.36 21.79
C SER A 71 -12.81 -37.87 21.74
N ILE A 72 -11.53 -38.24 21.91
CA ILE A 72 -11.18 -39.67 22.01
C ILE A 72 -11.76 -40.37 23.24
N LEU A 73 -11.57 -39.74 24.40
CA LEU A 73 -12.26 -40.17 25.63
C LEU A 73 -13.78 -40.33 25.41
N LYS A 74 -14.46 -39.27 24.95
CA LYS A 74 -15.89 -39.38 24.64
C LYS A 74 -16.16 -40.57 23.68
N ASN A 75 -15.37 -40.66 22.61
CA ASN A 75 -15.54 -41.75 21.64
C ASN A 75 -15.34 -43.18 22.22
N LEU A 76 -14.50 -43.31 23.24
CA LEU A 76 -14.31 -44.60 23.91
C LEU A 76 -15.41 -44.90 24.91
N GLY A 77 -16.54 -44.16 24.84
CA GLY A 77 -17.70 -44.36 25.69
C GLY A 77 -17.47 -44.04 27.16
N VAL A 78 -16.44 -43.22 27.47
CA VAL A 78 -16.23 -42.83 28.87
C VAL A 78 -17.47 -42.19 29.52
N VAL A 79 -17.89 -42.71 30.67
CA VAL A 79 -19.16 -42.27 31.28
C VAL A 79 -18.88 -41.41 32.50
N ALA A 80 -17.76 -41.70 33.18
CA ALA A 80 -17.42 -40.98 34.42
C ALA A 80 -15.92 -41.04 34.65
N THR A 81 -15.41 -40.02 35.32
CA THR A 81 -13.99 -39.90 35.64
C THR A 81 -13.74 -40.17 37.12
N TYR A 82 -12.69 -40.92 37.39
CA TYR A 82 -12.38 -41.32 38.75
C TYR A 82 -11.46 -40.31 39.51
N LYS A 83 -12.00 -39.56 40.46
CA LYS A 83 -11.23 -38.68 41.34
C LYS A 83 -10.67 -37.45 40.65
N PHE A 84 -11.18 -37.16 39.46
CA PHE A 84 -10.93 -35.84 38.87
C PHE A 84 -12.08 -35.56 37.91
N VAL A 85 -12.14 -34.33 37.43
CA VAL A 85 -13.02 -34.07 36.31
C VAL A 85 -12.24 -33.46 35.17
N LEU A 86 -12.65 -33.84 33.97
CA LEU A 86 -12.11 -33.25 32.76
C LEU A 86 -13.07 -32.11 32.33
N TRP A 87 -12.56 -30.88 32.32
CA TRP A 87 -13.37 -29.70 31.89
C TRP A 87 -13.29 -29.44 30.38
N ASP A 88 -14.46 -29.40 29.73
CA ASP A 88 -14.56 -28.90 28.35
C ASP A 88 -14.63 -27.35 28.43
N TYR A 89 -13.53 -26.68 28.11
CA TYR A 89 -13.42 -25.25 28.30
C TYR A 89 -14.21 -24.45 27.27
N GLU A 90 -14.55 -25.14 26.18
CA GLU A 90 -15.26 -24.55 25.05
C GLU A 90 -16.74 -24.55 25.25
N ALA A 91 -17.27 -25.72 25.64
CA ALA A 91 -18.68 -25.83 26.10
C ALA A 91 -18.96 -25.35 27.54
N GLU A 92 -17.92 -25.23 28.39
CA GLU A 92 -18.02 -24.82 29.83
C GLU A 92 -18.83 -25.80 30.71
N ARG A 93 -18.25 -26.97 30.92
CA ARG A 93 -19.05 -28.17 31.15
C ARG A 93 -18.04 -29.31 31.43
N PRO A 94 -18.32 -30.15 32.43
CA PRO A 94 -17.53 -31.37 32.54
C PRO A 94 -17.75 -32.23 31.29
N LEU A 95 -16.82 -33.19 31.09
CA LEU A 95 -16.86 -34.08 29.92
C LEU A 95 -18.20 -34.86 29.80
N THR A 96 -18.73 -35.30 30.96
CA THR A 96 -20.03 -35.94 31.10
C THR A 96 -20.72 -35.34 32.35
N SER A 97 -21.95 -35.80 32.62
CA SER A 97 -22.68 -35.47 33.84
C SER A 97 -22.27 -36.27 35.11
N PHE A 98 -21.36 -37.23 34.96
CA PHE A 98 -21.06 -38.20 36.02
C PHE A 98 -19.60 -38.29 36.42
N THR A 99 -19.39 -38.41 37.73
CA THR A 99 -18.06 -38.64 38.29
C THR A 99 -18.05 -39.95 39.11
N LYS A 100 -16.89 -40.28 39.64
CA LYS A 100 -16.73 -41.30 40.67
C LYS A 100 -15.75 -40.79 41.73
N SER A 101 -16.15 -40.84 43.00
CA SER A 101 -15.36 -40.32 44.11
C SER A 101 -14.94 -38.88 43.92
N VAL A 102 -15.79 -38.07 43.29
CA VAL A 102 -15.50 -36.63 43.20
C VAL A 102 -16.45 -35.79 43.99
N CYS A 103 -17.72 -36.02 43.73
CA CYS A 103 -18.79 -35.21 44.28
C CYS A 103 -20.06 -36.08 44.44
N GLY A 104 -20.62 -36.09 45.65
CA GLY A 104 -21.78 -36.93 45.96
C GLY A 104 -22.91 -36.80 44.95
N TYR A 105 -23.26 -35.56 44.66
CA TYR A 105 -24.40 -35.23 43.83
C TYR A 105 -24.24 -35.84 42.41
N THR A 106 -23.01 -35.94 41.95
CA THR A 106 -22.78 -36.40 40.57
C THR A 106 -22.21 -37.81 40.49
N ASP A 107 -21.73 -38.31 41.64
CA ASP A 107 -21.17 -39.66 41.67
C ASP A 107 -22.14 -40.71 41.09
N PHE A 108 -21.58 -41.69 40.40
CA PHE A 108 -22.38 -42.69 39.71
C PHE A 108 -21.89 -44.08 40.17
N ALA A 109 -22.63 -44.64 41.13
CA ALA A 109 -22.19 -45.84 41.87
C ALA A 109 -21.98 -47.10 41.00
N GLU A 110 -22.85 -47.29 40.00
CA GLU A 110 -22.86 -48.47 39.14
C GLU A 110 -21.56 -48.67 38.31
N ASP A 111 -21.17 -49.94 38.14
CA ASP A 111 -20.03 -50.27 37.29
C ASP A 111 -20.35 -49.81 35.87
N VAL A 112 -19.40 -49.06 35.30
CA VAL A 112 -19.60 -48.46 34.00
C VAL A 112 -18.22 -48.03 33.43
N CYS A 113 -18.18 -47.68 32.15
CA CYS A 113 -16.90 -47.32 31.55
C CYS A 113 -16.29 -46.07 32.22
N THR A 114 -15.32 -46.30 33.10
CA THR A 114 -14.69 -45.21 33.85
C THR A 114 -13.33 -44.80 33.29
N CYS A 115 -13.01 -43.52 33.38
CA CYS A 115 -11.73 -43.03 32.90
C CYS A 115 -10.82 -42.76 34.12
N TYR A 116 -9.60 -43.30 34.08
CA TYR A 116 -8.64 -43.07 35.16
C TYR A 116 -7.43 -42.22 34.73
N ASP A 117 -7.00 -41.37 35.64
CA ASP A 117 -5.81 -40.59 35.37
C ASP A 117 -4.63 -41.23 36.13
N ASN A 118 -3.68 -41.75 35.35
CA ASN A 118 -2.52 -42.45 35.90
C ASN A 118 -1.70 -41.66 36.92
N SER A 119 -1.85 -40.34 36.91
CA SER A 119 -1.03 -39.50 37.79
C SER A 119 -1.61 -39.56 39.17
N ILE A 120 -2.79 -40.16 39.29
CA ILE A 120 -3.51 -40.20 40.58
C ILE A 120 -3.35 -41.58 41.26
N GLN A 121 -2.91 -41.53 42.51
CA GLN A 121 -2.68 -42.76 43.27
C GLN A 121 -3.82 -43.78 43.12
N GLY A 122 -3.47 -44.97 42.62
CA GLY A 122 -4.37 -46.12 42.68
C GLY A 122 -5.25 -46.33 41.48
N SER A 123 -5.15 -45.41 40.52
CA SER A 123 -6.10 -45.38 39.40
C SER A 123 -5.78 -46.52 38.41
N TYR A 124 -4.48 -46.76 38.25
CA TYR A 124 -4.07 -47.82 37.34
C TYR A 124 -4.59 -49.23 37.78
N GLU A 125 -4.52 -49.48 39.08
CA GLU A 125 -5.00 -50.73 39.68
C GLU A 125 -6.49 -50.90 39.42
N ARG A 126 -7.24 -49.84 39.68
CA ARG A 126 -8.69 -49.91 39.53
C ARG A 126 -9.04 -50.08 38.05
N PHE A 127 -8.19 -49.45 37.23
CA PHE A 127 -8.39 -49.53 35.79
C PHE A 127 -8.20 -50.96 35.30
N THR A 128 -7.13 -51.61 35.75
CA THR A 128 -6.77 -52.94 35.27
C THR A 128 -7.81 -54.00 35.65
N LEU A 129 -8.42 -53.84 36.82
CA LEU A 129 -9.53 -54.72 37.27
C LEU A 129 -10.84 -54.62 36.49
N SER A 130 -11.03 -53.47 35.80
CA SER A 130 -12.31 -53.17 35.17
C SER A 130 -12.62 -53.95 33.86
N THR A 131 -13.91 -54.18 33.64
CA THR A 131 -14.40 -54.87 32.46
C THR A 131 -14.35 -53.88 31.31
N ASN A 132 -14.82 -52.66 31.57
CA ASN A 132 -14.68 -51.53 30.62
C ASN A 132 -14.12 -50.27 31.29
N ALA A 133 -13.03 -49.76 30.75
CA ALA A 133 -12.40 -48.57 31.31
C ALA A 133 -11.34 -47.99 30.37
N VAL A 134 -10.94 -46.75 30.62
CA VAL A 134 -9.91 -46.12 29.84
C VAL A 134 -8.91 -45.56 30.85
N LEU A 135 -7.64 -45.54 30.45
CA LEU A 135 -6.56 -45.01 31.26
C LEU A 135 -5.75 -44.04 30.41
N PHE A 136 -5.35 -42.90 30.97
CA PHE A 136 -4.42 -42.01 30.25
C PHE A 136 -3.29 -41.63 31.19
N SER A 137 -2.11 -41.41 30.63
CA SER A 137 -0.94 -41.05 31.42
C SER A 137 0.12 -40.37 30.55
N ALA A 138 0.96 -39.55 31.18
CA ALA A 138 2.02 -38.86 30.48
C ALA A 138 3.03 -39.85 29.91
N THR A 139 3.20 -40.97 30.61
CA THR A 139 4.13 -42.01 30.19
C THR A 139 3.37 -43.24 29.71
N ALA A 140 4.07 -44.09 28.95
CA ALA A 140 3.45 -45.31 28.42
C ALA A 140 3.72 -46.51 29.31
N VAL A 141 2.78 -47.45 29.32
CA VAL A 141 2.91 -48.66 30.12
C VAL A 141 3.95 -49.61 29.51
N LYS A 142 4.80 -50.18 30.35
CA LYS A 142 5.87 -51.09 29.89
C LYS A 142 5.95 -52.51 30.54
N THR A 143 6.43 -53.48 29.75
CA THR A 143 6.57 -54.85 30.23
C THR A 143 7.24 -55.74 29.20
N GLY A 144 8.57 -55.70 29.17
CA GLY A 144 9.34 -56.50 28.22
C GLY A 144 8.87 -56.30 26.79
N GLY A 145 7.70 -56.84 26.48
CA GLY A 145 7.14 -56.73 25.14
C GLY A 145 7.75 -55.57 24.36
N LYS A 146 7.51 -54.36 24.82
CA LYS A 146 6.72 -54.13 26.02
C LYS A 146 6.25 -52.69 26.11
N SER A 147 4.94 -52.49 26.18
CA SER A 147 4.37 -51.15 26.26
C SER A 147 2.87 -51.21 26.57
N LEU A 148 2.12 -51.89 25.72
CA LEU A 148 0.68 -52.02 25.89
C LEU A 148 -0.07 -51.19 24.87
N PRO A 149 -0.18 -51.72 23.64
CA PRO A 149 -0.87 -51.02 22.56
C PRO A 149 -1.55 -49.74 23.04
N ALA A 150 -0.93 -48.60 22.78
CA ALA A 150 -1.48 -47.33 23.21
C ALA A 150 -1.54 -46.32 22.08
N ILE A 151 -2.63 -45.56 22.02
CA ILE A 151 -2.80 -44.52 21.00
C ILE A 151 -1.87 -43.34 21.29
N LYS A 152 -0.58 -43.55 21.10
CA LYS A 152 0.42 -42.53 21.39
C LYS A 152 0.06 -41.19 20.76
N LEU A 153 -0.25 -40.21 21.60
CA LEU A 153 -0.55 -38.87 21.16
C LEU A 153 0.68 -38.00 21.35
N ASN A 154 0.96 -37.17 20.34
CA ASN A 154 2.12 -36.27 20.36
C ASN A 154 1.68 -34.81 20.46
N PHE A 155 0.46 -34.62 20.95
CA PHE A 155 -0.13 -33.30 21.12
C PHE A 155 -1.07 -33.43 22.30
N GLY A 156 -1.64 -32.32 22.73
CA GLY A 156 -2.51 -32.33 23.91
C GLY A 156 -3.22 -30.97 24.14
N MET A 157 -3.80 -30.82 25.30
CA MET A 157 -4.34 -29.56 25.66
C MET A 157 -3.56 -29.00 26.85
N LEU A 158 -3.76 -27.71 27.09
CA LEU A 158 -3.09 -27.06 28.22
C LEU A 158 -4.03 -25.93 28.66
N ASN A 159 -4.75 -26.20 29.75
CA ASN A 159 -5.80 -25.29 30.26
C ASN A 159 -6.79 -24.95 29.16
N GLY A 160 -7.16 -25.99 28.41
CA GLY A 160 -8.12 -25.87 27.33
C GLY A 160 -7.56 -25.31 26.03
N ASN A 161 -6.25 -25.04 25.98
CA ASN A 161 -5.62 -24.56 24.75
C ASN A 161 -4.85 -25.68 24.07
N ALA A 162 -5.01 -25.74 22.76
CA ALA A 162 -4.40 -26.81 21.99
C ALA A 162 -2.86 -26.63 22.00
N ILE A 163 -2.12 -27.72 22.20
CA ILE A 163 -0.65 -27.63 22.11
C ILE A 163 -0.08 -28.89 21.48
N ALA A 164 1.09 -28.75 20.87
CA ALA A 164 1.70 -29.89 20.19
C ALA A 164 3.15 -29.99 20.54
N THR A 165 3.72 -31.20 20.34
CA THR A 165 5.17 -31.40 20.34
C THR A 165 5.82 -30.47 19.29
N VAL A 166 6.81 -29.69 19.75
CA VAL A 166 7.26 -28.47 19.01
C VAL A 166 8.80 -28.17 18.85
N ASN A 172 14.33 -25.30 21.69
CA ASN A 172 12.97 -25.33 21.12
C ASN A 172 12.22 -26.64 21.42
N ILE A 173 12.98 -27.71 21.76
CA ILE A 173 12.58 -29.14 21.57
C ILE A 173 11.71 -29.81 22.67
N LYS A 174 10.38 -29.71 22.50
CA LYS A 174 9.43 -29.84 23.59
C LYS A 174 8.42 -30.97 23.35
N ASN A 175 8.47 -31.99 24.21
CA ASN A 175 7.63 -33.17 23.97
C ASN A 175 6.25 -33.13 24.64
N ILE A 176 5.22 -33.33 23.83
CA ILE A 176 3.89 -33.40 24.38
C ILE A 176 3.30 -34.77 24.07
N ASN A 177 3.16 -35.56 25.15
CA ASN A 177 2.74 -36.95 25.01
C ASN A 177 1.54 -37.34 25.90
N TRP A 178 0.63 -38.11 25.30
CA TRP A 178 -0.39 -38.81 26.08
C TRP A 178 -0.44 -40.27 25.65
N PHE A 179 -0.58 -41.12 26.66
CA PHE A 179 -0.77 -42.52 26.42
C PHE A 179 -2.16 -42.90 26.94
N VAL A 180 -2.96 -43.46 26.02
CA VAL A 180 -4.35 -43.76 26.31
C VAL A 180 -4.64 -45.24 26.05
N TYR A 181 -5.07 -45.91 27.11
CA TYR A 181 -5.31 -47.36 27.08
C TYR A 181 -6.80 -47.70 27.30
N VAL A 182 -7.24 -48.70 26.53
CA VAL A 182 -8.61 -49.20 26.64
C VAL A 182 -8.65 -50.67 27.11
N ARG A 183 -9.55 -50.94 28.08
CA ARG A 183 -9.96 -52.32 28.39
C ARG A 183 -11.42 -52.41 28.00
N LYS A 184 -11.77 -53.48 27.30
CA LYS A 184 -13.14 -53.66 26.84
C LYS A 184 -13.60 -55.14 26.82
N ASP A 185 -14.75 -55.41 27.47
CA ASP A 185 -15.32 -56.75 27.61
C ASP A 185 -14.33 -57.63 28.40
N GLY A 186 -13.65 -57.01 29.35
CA GLY A 186 -12.84 -57.74 30.31
C GLY A 186 -11.36 -57.93 29.96
N LYS A 187 -10.90 -57.31 28.88
CA LYS A 187 -9.50 -57.51 28.42
C LYS A 187 -8.88 -56.32 27.66
N PRO A 188 -7.55 -56.17 27.74
CA PRO A 188 -6.89 -55.12 26.95
C PRO A 188 -7.33 -55.13 25.47
N VAL A 189 -7.49 -53.93 24.91
CA VAL A 189 -7.61 -53.79 23.44
C VAL A 189 -6.23 -53.99 22.76
N ASP A 190 -6.22 -54.94 21.81
CA ASP A 190 -5.05 -55.39 21.07
C ASP A 190 -4.08 -54.34 20.49
N HIS A 191 -4.67 -53.29 19.93
CA HIS A 191 -4.08 -52.46 18.91
C HIS A 191 -5.04 -51.27 18.66
N TYR A 192 -4.45 -50.19 18.17
CA TYR A 192 -5.23 -48.98 17.88
C TYR A 192 -4.89 -48.40 16.50
N ASP A 193 -5.91 -48.41 15.63
CA ASP A 193 -5.73 -47.85 14.30
C ASP A 193 -6.20 -46.41 14.23
N GLY A 194 -5.75 -45.73 13.18
CA GLY A 194 -6.42 -44.52 12.70
C GLY A 194 -5.67 -43.22 13.00
N PHE A 195 -6.37 -42.12 12.72
CA PHE A 195 -5.79 -40.78 12.93
C PHE A 195 -6.53 -40.07 14.07
N TYR A 196 -5.90 -39.01 14.58
CA TYR A 196 -6.47 -38.24 15.69
C TYR A 196 -6.70 -36.77 15.36
N THR A 197 -7.92 -36.28 15.60
CA THR A 197 -8.19 -34.84 15.47
C THR A 197 -7.26 -34.03 16.42
N GLN A 198 -6.92 -32.80 16.00
CA GLN A 198 -5.87 -32.05 16.71
C GLN A 198 -6.40 -31.11 17.82
N GLY A 199 -7.71 -30.84 17.79
CA GLY A 199 -8.37 -30.03 18.81
C GLY A 199 -8.01 -28.55 18.78
N ARG A 200 -7.60 -28.04 17.64
CA ARG A 200 -7.32 -26.60 17.56
C ARG A 200 -8.62 -25.86 17.26
N ASN A 201 -8.61 -24.53 17.35
CA ASN A 201 -9.76 -23.75 16.88
C ASN A 201 -9.30 -22.75 15.82
N LEU A 202 -10.29 -22.18 15.10
CA LEU A 202 -10.07 -21.14 14.08
C LEU A 202 -9.16 -19.97 14.56
N GLN A 203 -9.50 -19.34 15.70
CA GLN A 203 -8.73 -18.19 16.18
C GLN A 203 -7.28 -18.52 16.58
N ASP A 204 -7.03 -19.71 17.16
CA ASP A 204 -5.72 -19.95 17.79
C ASP A 204 -4.84 -20.93 17.00
N PHE A 205 -5.36 -21.37 15.85
CA PHE A 205 -4.72 -22.34 15.00
C PHE A 205 -3.21 -22.08 14.76
N LEU A 206 -2.39 -23.09 15.00
CA LEU A 206 -0.97 -23.02 14.69
C LEU A 206 -0.67 -24.32 13.93
N PRO A 207 0.14 -24.22 12.87
CA PRO A 207 0.48 -25.38 12.04
C PRO A 207 1.37 -26.33 12.84
N ARG A 208 1.31 -27.62 12.49
CA ARG A 208 2.06 -28.65 13.25
C ARG A 208 3.02 -29.47 12.39
N SER A 209 3.04 -29.14 11.09
CA SER A 209 3.82 -29.89 10.11
C SER A 209 4.28 -28.96 9.01
N THR A 210 5.37 -29.33 8.35
CA THR A 210 5.84 -28.50 7.25
C THR A 210 4.71 -28.37 6.22
N MET A 211 3.92 -29.43 6.03
CA MET A 211 2.91 -29.36 4.98
C MET A 211 1.87 -28.30 5.36
N GLU A 212 1.55 -28.29 6.65
CA GLU A 212 0.57 -27.31 7.18
C GLU A 212 1.11 -25.88 7.07
N GLU A 213 2.36 -25.68 7.48
CA GLU A 213 3.02 -24.39 7.24
C GLU A 213 2.88 -23.97 5.79
N ASP A 214 3.05 -24.95 4.87
CA ASP A 214 3.05 -24.64 3.43
C ASP A 214 1.65 -24.38 2.90
N PHE A 215 0.66 -25.00 3.51
CA PHE A 215 -0.70 -24.79 3.06
C PHE A 215 -1.16 -23.33 3.32
N LEU A 216 -0.79 -22.85 4.50
CA LEU A 216 -1.05 -21.49 4.94
C LEU A 216 -0.24 -20.40 4.22
N ASN A 217 0.97 -20.73 3.80
CA ASN A 217 1.89 -19.69 3.32
C ASN A 217 2.01 -19.58 1.83
N MET A 218 1.92 -20.72 1.15
CA MET A 218 2.15 -20.82 -0.29
C MET A 218 0.97 -20.43 -1.16
N ASP A 219 1.25 -20.19 -2.44
CA ASP A 219 0.22 -20.11 -3.45
C ASP A 219 -0.41 -21.49 -3.61
N ILE A 220 -1.57 -21.49 -4.25
CA ILE A 220 -2.37 -22.70 -4.42
C ILE A 220 -1.68 -23.69 -5.36
N GLY A 221 -1.36 -23.22 -6.57
CA GLY A 221 -0.70 -24.07 -7.56
C GLY A 221 0.62 -24.64 -7.05
N VAL A 222 1.38 -23.78 -6.37
CA VAL A 222 2.68 -24.15 -5.83
C VAL A 222 2.54 -25.23 -4.75
N PHE A 223 1.58 -25.04 -3.84
CA PHE A 223 1.37 -26.02 -2.80
C PHE A 223 0.92 -27.36 -3.42
N ILE A 224 -0.04 -27.29 -4.35
CA ILE A 224 -0.61 -28.52 -4.93
C ILE A 224 0.48 -29.34 -5.65
N GLN A 225 1.32 -28.63 -6.42
CA GLN A 225 2.41 -29.24 -7.18
C GLN A 225 3.42 -29.89 -6.25
N LYS A 226 3.87 -29.14 -5.23
CA LYS A 226 4.88 -29.62 -4.28
C LYS A 226 4.46 -30.93 -3.61
N TYR A 227 3.16 -31.11 -3.40
CA TYR A 227 2.67 -32.29 -2.70
C TYR A 227 1.90 -33.26 -3.62
N GLY A 228 1.86 -32.95 -4.91
CA GLY A 228 1.34 -33.88 -5.89
C GLY A 228 -0.12 -34.21 -5.67
N LEU A 229 -0.93 -33.17 -5.60
CA LEU A 229 -2.34 -33.29 -5.21
C LEU A 229 -3.28 -33.03 -6.37
N GLU A 230 -2.79 -33.20 -7.59
CA GLU A 230 -3.50 -32.72 -8.78
C GLU A 230 -4.80 -33.47 -9.04
N ASP A 231 -4.86 -34.71 -8.58
CA ASP A 231 -6.04 -35.55 -8.85
C ASP A 231 -7.07 -35.46 -7.72
N PHE A 232 -6.67 -34.83 -6.61
CA PHE A 232 -7.57 -34.54 -5.46
C PHE A 232 -8.05 -33.14 -5.58
N ASN A 233 -9.36 -32.92 -5.64
CA ASN A 233 -9.85 -31.59 -5.98
C ASN A 233 -9.57 -30.61 -4.81
N PHE A 234 -8.29 -30.45 -4.41
CA PHE A 234 -7.92 -29.69 -3.22
C PHE A 234 -8.50 -28.27 -3.23
N GLU A 235 -8.56 -27.62 -4.41
CA GLU A 235 -9.12 -26.27 -4.54
C GLU A 235 -10.58 -26.24 -4.04
N HIS A 236 -11.29 -27.33 -4.24
CA HIS A 236 -12.67 -27.42 -3.75
C HIS A 236 -12.70 -28.03 -2.30
N VAL A 237 -12.15 -29.22 -2.15
CA VAL A 237 -12.24 -29.98 -0.91
C VAL A 237 -11.59 -29.35 0.29
N VAL A 238 -10.43 -28.72 0.12
CA VAL A 238 -9.73 -28.14 1.27
C VAL A 238 -9.60 -26.60 1.25
N TYR A 239 -9.20 -26.07 0.10
CA TYR A 239 -9.11 -24.61 -0.08
C TYR A 239 -10.46 -23.95 0.05
N GLY A 240 -11.48 -24.55 -0.57
CA GLY A 240 -12.83 -24.03 -0.51
C GLY A 240 -13.09 -23.16 -1.71
N ASP A 241 -14.31 -23.18 -2.23
CA ASP A 241 -14.65 -22.39 -3.39
C ASP A 241 -15.68 -21.32 -3.02
N VAL A 242 -15.19 -20.09 -2.98
CA VAL A 242 -15.94 -18.95 -2.49
C VAL A 242 -16.56 -18.18 -3.67
N SER A 243 -16.54 -18.81 -4.85
CA SER A 243 -16.91 -18.12 -6.11
C SER A 243 -18.41 -18.05 -6.38
N LYS A 244 -19.17 -18.98 -5.82
CA LYS A 244 -20.66 -18.84 -5.81
C LYS A 244 -21.22 -18.42 -4.43
N THR A 245 -22.48 -18.03 -4.38
CA THR A 245 -23.11 -17.64 -3.12
C THR A 245 -23.08 -18.83 -2.12
N THR A 246 -23.12 -20.05 -2.68
CA THR A 246 -22.98 -21.25 -1.87
C THR A 246 -21.54 -21.72 -1.84
N LEU A 247 -20.93 -21.63 -0.67
CA LEU A 247 -19.51 -21.84 -0.58
C LEU A 247 -19.20 -23.33 -0.63
N GLY A 248 -18.31 -23.72 -1.57
CA GLY A 248 -18.05 -25.13 -1.87
C GLY A 248 -16.95 -25.80 -1.05
N GLY A 249 -17.18 -27.08 -0.67
CA GLY A 249 -16.15 -27.84 0.00
C GLY A 249 -15.81 -27.27 1.35
N LEU A 250 -14.54 -26.93 1.58
CA LEU A 250 -14.07 -26.36 2.86
C LEU A 250 -14.25 -27.32 4.07
N HIS A 251 -13.61 -28.49 4.06
CA HIS A 251 -13.91 -29.56 5.01
C HIS A 251 -12.85 -29.82 6.10
N LEU A 252 -11.94 -28.90 6.29
CA LEU A 252 -11.01 -28.97 7.42
C LEU A 252 -10.99 -27.65 8.22
N LEU A 253 -10.67 -27.73 9.50
CA LEU A 253 -10.36 -26.52 10.27
C LEU A 253 -9.41 -25.64 9.47
N ILE A 254 -8.29 -26.23 9.03
CA ILE A 254 -7.27 -25.46 8.39
C ILE A 254 -7.83 -24.71 7.17
N SER A 255 -8.86 -25.29 6.54
CA SER A 255 -9.47 -24.59 5.42
C SER A 255 -9.97 -23.18 5.86
N GLN A 256 -10.68 -23.15 6.99
CA GLN A 256 -11.19 -21.87 7.51
C GLN A 256 -10.02 -20.98 7.86
N VAL A 257 -9.00 -21.54 8.51
CA VAL A 257 -7.85 -20.74 8.93
C VAL A 257 -7.25 -19.93 7.79
N ARG A 258 -7.11 -20.58 6.65
CA ARG A 258 -6.43 -19.97 5.52
C ARG A 258 -7.33 -18.90 4.93
N LEU A 259 -8.57 -19.27 4.69
CA LEU A 259 -9.56 -18.37 4.10
C LEU A 259 -9.79 -17.06 4.94
N SER A 260 -9.65 -17.17 6.26
CA SER A 260 -9.83 -16.03 7.14
C SER A 260 -8.61 -15.13 7.13
N LYS A 261 -7.47 -15.67 6.67
CA LYS A 261 -6.31 -14.80 6.32
C LYS A 261 -6.53 -13.92 5.04
N MET A 262 -7.42 -14.38 4.15
CA MET A 262 -7.71 -13.67 2.89
C MET A 262 -8.81 -12.59 3.06
N GLY A 263 -9.65 -12.77 4.07
CA GLY A 263 -10.78 -11.89 4.27
C GLY A 263 -11.51 -12.25 5.56
N ILE A 264 -12.69 -11.66 5.72
CA ILE A 264 -13.51 -11.85 6.94
C ILE A 264 -14.41 -13.09 6.89
N LEU A 265 -14.02 -14.09 7.69
CA LEU A 265 -14.69 -15.40 7.71
C LEU A 265 -15.35 -15.67 9.08
N LYS A 266 -16.68 -15.85 9.06
CA LYS A 266 -17.42 -16.29 10.23
C LYS A 266 -17.67 -17.83 10.21
N ALA A 267 -17.47 -18.46 11.36
CA ALA A 267 -17.78 -19.89 11.50
C ALA A 267 -18.61 -20.16 12.76
N GLU A 268 -19.90 -20.42 12.57
CA GLU A 268 -20.84 -20.53 13.71
C GLU A 268 -21.14 -21.99 14.03
N GLU A 269 -20.51 -22.49 15.09
CA GLU A 269 -20.65 -23.91 15.44
C GLU A 269 -22.08 -24.30 15.85
N PHE A 270 -22.58 -25.41 15.31
CA PHE A 270 -23.92 -25.86 15.66
C PHE A 270 -24.07 -26.09 17.17
N VAL A 271 -23.12 -26.82 17.76
CA VAL A 271 -23.10 -27.00 19.20
C VAL A 271 -21.67 -26.83 19.69
N ALA A 272 -21.42 -25.75 20.45
CA ALA A 272 -20.10 -25.51 21.09
C ALA A 272 -19.63 -26.71 21.97
N ALA A 273 -18.40 -27.19 21.74
CA ALA A 273 -17.89 -28.41 22.39
C ALA A 273 -16.43 -28.58 22.04
N SER A 274 -15.64 -29.21 22.91
CA SER A 274 -14.23 -29.45 22.53
C SER A 274 -13.96 -30.93 22.68
N ASP A 275 -15.06 -31.69 22.77
CA ASP A 275 -15.00 -33.14 23.06
C ASP A 275 -15.68 -33.99 21.96
N ILE A 276 -15.78 -33.40 20.77
CA ILE A 276 -16.44 -34.02 19.64
C ILE A 276 -15.49 -34.09 18.43
N THR A 277 -15.67 -35.12 17.61
CA THR A 277 -14.71 -35.39 16.52
C THR A 277 -15.15 -34.73 15.21
N LEU A 278 -16.35 -35.08 14.78
CA LEU A 278 -16.95 -34.46 13.59
C LEU A 278 -17.59 -33.12 13.99
N LYS A 279 -17.14 -32.05 13.33
CA LYS A 279 -17.57 -30.72 13.73
C LYS A 279 -18.46 -30.21 12.64
N CYS A 280 -19.16 -29.11 12.94
CA CYS A 280 -20.10 -28.56 11.98
C CYS A 280 -20.47 -27.13 12.28
N CYS A 281 -20.53 -26.30 11.25
CA CYS A 281 -20.90 -24.90 11.46
C CYS A 281 -21.62 -24.35 10.26
N THR A 282 -22.21 -23.18 10.46
CA THR A 282 -22.58 -22.32 9.36
C THR A 282 -21.39 -21.37 9.13
N VAL A 283 -20.96 -21.31 7.88
CA VAL A 283 -19.77 -20.53 7.53
C VAL A 283 -20.13 -19.42 6.55
N THR A 284 -19.70 -18.22 6.90
CA THR A 284 -19.92 -17.11 6.01
C THR A 284 -18.58 -16.35 5.66
N TYR A 285 -18.41 -16.04 4.38
CA TYR A 285 -17.26 -15.25 3.86
C TYR A 285 -17.81 -13.92 3.36
N LEU A 286 -17.43 -12.81 4.03
CA LEU A 286 -17.99 -11.51 3.63
C LEU A 286 -17.46 -10.89 2.31
N ASN A 287 -16.15 -10.98 2.07
CA ASN A 287 -15.50 -10.16 1.00
C ASN A 287 -16.00 -10.52 -0.41
N ASP A 288 -16.08 -11.81 -0.67
CA ASP A 288 -16.72 -12.33 -1.89
C ASP A 288 -17.93 -13.16 -1.40
N PRO A 289 -19.03 -12.50 -1.08
CA PRO A 289 -20.14 -13.09 -0.31
C PRO A 289 -20.45 -14.56 -0.65
N SER A 290 -20.16 -15.43 0.30
CA SER A 290 -20.33 -16.87 0.11
C SER A 290 -20.59 -17.50 1.48
N SER A 291 -21.45 -18.52 1.51
CA SER A 291 -21.74 -19.18 2.78
C SER A 291 -22.20 -20.61 2.55
N LYS A 292 -22.03 -21.46 3.58
CA LYS A 292 -22.51 -22.82 3.54
C LYS A 292 -23.20 -23.12 4.83
N THR A 293 -24.48 -23.45 4.75
CA THR A 293 -25.30 -23.55 5.97
C THR A 293 -24.76 -24.69 6.86
N VAL A 294 -24.66 -25.85 6.25
CA VAL A 294 -24.17 -27.02 6.96
C VAL A 294 -22.81 -27.36 6.43
N CYS A 295 -21.82 -26.96 7.18
CA CYS A 295 -20.48 -27.13 6.77
C CYS A 295 -19.78 -28.12 7.70
N THR A 296 -19.75 -29.38 7.30
CA THR A 296 -18.99 -30.37 8.08
C THR A 296 -17.48 -30.19 7.96
N TYR A 297 -16.80 -30.40 9.06
CA TYR A 297 -15.35 -30.37 9.04
C TYR A 297 -14.73 -31.12 10.24
N MET A 298 -13.44 -31.45 10.13
CA MET A 298 -12.71 -31.97 11.25
C MET A 298 -11.34 -31.28 11.24
N ASP A 299 -10.74 -31.14 12.43
CA ASP A 299 -9.34 -30.67 12.47
C ASP A 299 -8.41 -31.88 12.41
N LEU A 300 -8.28 -32.45 11.21
CA LEU A 300 -7.23 -33.46 10.94
C LEU A 300 -5.87 -32.81 10.66
N LEU A 301 -4.78 -33.44 11.13
CA LEU A 301 -3.44 -33.09 10.65
C LEU A 301 -3.49 -33.11 9.11
N LEU A 302 -3.03 -32.04 8.43
CA LEU A 302 -3.17 -31.99 6.97
C LEU A 302 -2.46 -33.19 6.30
N ASP A 303 -1.32 -33.58 6.89
CA ASP A 303 -0.61 -34.77 6.39
C ASP A 303 -1.53 -36.00 6.40
N ASP A 304 -2.16 -36.28 7.54
CA ASP A 304 -3.09 -37.43 7.62
C ASP A 304 -4.23 -37.37 6.60
N PHE A 305 -4.86 -36.20 6.48
CA PHE A 305 -5.96 -36.10 5.54
C PHE A 305 -5.51 -36.47 4.15
N VAL A 306 -4.33 -35.91 3.77
CA VAL A 306 -3.69 -36.14 2.47
C VAL A 306 -3.46 -37.62 2.29
N SER A 307 -2.78 -38.18 3.29
CA SER A 307 -2.55 -39.63 3.37
C SER A 307 -3.85 -40.43 3.07
N VAL A 308 -4.99 -39.95 3.59
CA VAL A 308 -6.27 -40.59 3.30
C VAL A 308 -6.66 -40.45 1.81
N LEU A 309 -6.50 -39.24 1.29
CA LEU A 309 -6.74 -39.00 -0.13
C LEU A 309 -5.94 -39.94 -1.03
N LYS A 310 -4.65 -40.08 -0.71
CA LYS A 310 -3.71 -40.90 -1.48
C LYS A 310 -3.86 -42.39 -1.19
N SER A 311 -5.09 -42.82 -0.86
CA SER A 311 -5.38 -44.23 -0.60
C SER A 311 -6.81 -44.52 -1.08
N LEU A 312 -7.36 -43.54 -1.80
CA LEU A 312 -8.69 -43.67 -2.34
C LEU A 312 -8.61 -44.20 -3.75
N ASP A 313 -9.69 -44.83 -4.19
CA ASP A 313 -9.77 -45.29 -5.56
C ASP A 313 -10.47 -44.22 -6.36
N LEU A 314 -9.78 -43.63 -7.35
CA LEU A 314 -10.34 -42.53 -8.13
C LEU A 314 -11.11 -43.01 -9.36
N THR A 315 -11.26 -44.34 -9.44
CA THR A 315 -11.87 -44.98 -10.59
C THR A 315 -13.39 -45.19 -10.45
N VAL A 316 -13.86 -45.31 -9.20
CA VAL A 316 -15.31 -45.42 -8.92
C VAL A 316 -16.02 -44.09 -9.14
N VAL A 317 -17.33 -44.12 -9.35
CA VAL A 317 -18.08 -42.88 -9.48
C VAL A 317 -18.45 -42.40 -8.08
N SER A 318 -18.97 -43.32 -7.26
CA SER A 318 -19.25 -43.01 -5.86
C SER A 318 -19.00 -44.23 -5.00
N LYS A 319 -18.15 -44.05 -4.00
CA LYS A 319 -18.07 -45.02 -2.92
C LYS A 319 -18.26 -44.26 -1.59
N VAL A 320 -18.63 -44.99 -0.54
CA VAL A 320 -18.52 -44.45 0.81
C VAL A 320 -17.31 -45.12 1.44
N HIS A 321 -16.35 -44.31 1.89
CA HIS A 321 -15.15 -44.80 2.58
C HIS A 321 -15.26 -44.63 4.08
N GLU A 322 -14.73 -45.63 4.78
CA GLU A 322 -14.72 -45.58 6.23
C GLU A 322 -13.35 -45.13 6.67
N VAL A 323 -13.30 -44.00 7.37
CA VAL A 323 -12.00 -43.62 7.92
C VAL A 323 -11.98 -43.63 9.44
N ILE A 324 -10.88 -44.13 9.98
CA ILE A 324 -10.71 -44.22 11.42
C ILE A 324 -10.07 -42.94 11.97
N ILE A 325 -10.87 -42.20 12.73
CA ILE A 325 -10.41 -40.98 13.34
C ILE A 325 -10.93 -40.97 14.78
N ASP A 326 -10.01 -40.67 15.71
CA ASP A 326 -10.29 -40.70 17.16
C ASP A 326 -10.91 -42.05 17.60
N ASN A 327 -10.41 -43.13 17.00
CA ASN A 327 -10.83 -44.49 17.35
C ASN A 327 -12.22 -44.91 16.85
N LYS A 328 -12.75 -44.21 15.86
CA LYS A 328 -14.10 -44.49 15.43
C LYS A 328 -14.16 -44.43 13.91
N PRO A 329 -14.91 -45.35 13.29
CA PRO A 329 -15.17 -45.32 11.85
C PRO A 329 -16.09 -44.13 11.51
N TRP A 330 -15.68 -43.34 10.51
CA TRP A 330 -16.51 -42.24 10.02
C TRP A 330 -16.77 -42.48 8.55
N ARG A 331 -18.02 -42.22 8.16
CA ARG A 331 -18.39 -42.39 6.76
C ARG A 331 -18.00 -41.15 5.96
N TRP A 332 -17.06 -41.30 5.02
CA TRP A 332 -16.76 -40.23 4.08
C TRP A 332 -17.20 -40.53 2.65
N MET A 333 -18.08 -39.69 2.11
CA MET A 333 -18.55 -39.78 0.73
C MET A 333 -17.50 -39.35 -0.29
N LEU A 334 -17.24 -40.17 -1.31
CA LEU A 334 -16.32 -39.83 -2.39
C LEU A 334 -16.97 -39.88 -3.81
N TRP A 335 -17.17 -38.70 -4.42
CA TRP A 335 -17.55 -38.63 -5.83
C TRP A 335 -16.31 -38.44 -6.69
N CYS A 336 -16.10 -39.35 -7.64
CA CYS A 336 -14.99 -39.22 -8.58
C CYS A 336 -15.46 -39.01 -10.02
N LYS A 337 -14.56 -38.45 -10.82
CA LYS A 337 -14.84 -38.15 -12.21
C LYS A 337 -13.56 -38.06 -13.01
N ASP A 338 -13.45 -38.95 -13.99
CA ASP A 338 -12.26 -39.01 -14.86
C ASP A 338 -11.01 -39.13 -14.03
N ASN A 339 -11.05 -40.02 -13.03
CA ASN A 339 -9.86 -40.39 -12.25
C ASN A 339 -9.30 -39.26 -11.40
N ALA A 340 -10.13 -38.24 -11.21
CA ALA A 340 -9.84 -37.19 -10.26
C ALA A 340 -11.03 -37.11 -9.29
N VAL A 341 -10.75 -36.69 -8.06
CA VAL A 341 -11.76 -36.42 -7.06
C VAL A 341 -12.68 -35.27 -7.51
N ALA A 342 -13.99 -35.47 -7.42
CA ALA A 342 -14.95 -34.39 -7.62
C ALA A 342 -15.30 -33.81 -6.24
N THR A 343 -15.77 -34.64 -5.33
CA THR A 343 -16.09 -34.22 -3.94
C THR A 343 -15.67 -35.27 -2.92
N PHE A 344 -15.18 -34.80 -1.77
CA PHE A 344 -14.86 -35.72 -0.70
C PHE A 344 -15.24 -35.04 0.61
N TYR A 345 -16.28 -35.59 1.29
CA TYR A 345 -16.89 -35.03 2.51
C TYR A 345 -17.41 -36.13 3.44
N PRO A 346 -17.46 -35.83 4.76
CA PRO A 346 -18.00 -36.74 5.80
C PRO A 346 -19.55 -36.74 5.82
N GLN A 347 -20.15 -37.89 6.16
CA GLN A 347 -21.59 -38.22 5.97
C GLN A 347 -21.95 -38.52 4.48
N SER B 1 -37.25 9.35 39.19
CA SER B 1 -38.71 9.30 39.10
C SER B 1 -39.16 7.96 38.52
N GLY B 2 -38.73 6.86 39.12
CA GLY B 2 -39.24 5.58 38.67
C GLY B 2 -38.40 4.92 37.58
N LEU B 3 -38.48 3.60 37.55
CA LEU B 3 -37.67 2.84 36.62
C LEU B 3 -37.94 3.22 35.17
N GLU B 4 -39.18 3.64 34.85
CA GLU B 4 -39.54 4.01 33.46
C GLU B 4 -38.71 5.24 33.00
N ASN B 5 -38.55 6.20 33.91
CA ASN B 5 -37.76 7.38 33.64
C ASN B 5 -36.28 7.06 33.51
N ILE B 6 -35.78 6.20 34.40
CA ILE B 6 -34.38 5.70 34.28
C ILE B 6 -34.13 4.90 32.98
N ALA B 7 -35.08 4.05 32.58
CA ALA B 7 -34.96 3.38 31.28
C ALA B 7 -34.89 4.39 30.14
N PHE B 8 -35.71 5.45 30.23
CA PHE B 8 -35.71 6.48 29.18
C PHE B 8 -34.31 7.10 29.05
N ASN B 9 -33.70 7.44 30.19
CA ASN B 9 -32.38 8.03 30.21
C ASN B 9 -31.31 7.09 29.68
N VAL B 10 -31.37 5.83 30.07
CA VAL B 10 -30.34 4.88 29.67
C VAL B 10 -30.39 4.66 28.15
N VAL B 11 -31.60 4.50 27.61
CA VAL B 11 -31.77 4.21 26.20
C VAL B 11 -31.40 5.44 25.33
N ASN B 12 -31.69 6.64 25.84
CA ASN B 12 -31.47 7.85 25.04
C ASN B 12 -30.21 8.64 25.35
N LYS B 13 -29.65 8.46 26.54
CA LYS B 13 -28.47 9.22 26.95
C LYS B 13 -27.37 8.29 27.48
N GLY B 14 -27.61 6.98 27.43
CA GLY B 14 -26.64 5.95 27.90
C GLY B 14 -26.41 5.87 29.40
N SER B 15 -27.14 6.71 30.16
CA SER B 15 -27.06 6.77 31.63
C SER B 15 -28.15 7.74 32.16
N PHE B 16 -28.29 7.79 33.48
CA PHE B 16 -29.30 8.66 34.06
C PHE B 16 -28.74 10.04 34.19
N VAL B 17 -29.37 11.00 33.51
CA VAL B 17 -28.89 12.39 33.47
C VAL B 17 -29.95 13.34 33.99
N GLY B 18 -31.13 12.80 34.25
CA GLY B 18 -32.24 13.62 34.72
C GLY B 18 -33.10 14.13 33.59
N ALA B 19 -33.02 13.46 32.45
CA ALA B 19 -33.85 13.80 31.31
C ALA B 19 -35.29 13.43 31.62
N ASP B 20 -36.25 14.17 31.07
CA ASP B 20 -37.66 13.79 31.19
C ASP B 20 -38.07 12.79 30.09
N GLY B 21 -39.01 11.91 30.42
CA GLY B 21 -39.43 10.88 29.51
C GLY B 21 -39.58 9.53 30.20
N GLU B 22 -40.36 8.66 29.56
CA GLU B 22 -40.62 7.34 30.13
C GLU B 22 -40.70 6.29 29.06
N LEU B 23 -40.14 5.14 29.43
CA LEU B 23 -40.22 3.95 28.61
C LEU B 23 -40.69 2.82 29.55
N PRO B 24 -41.63 1.99 29.06
CA PRO B 24 -41.99 0.80 29.82
C PRO B 24 -40.77 -0.11 29.95
N VAL B 25 -40.46 -0.52 31.18
CA VAL B 25 -39.33 -1.41 31.51
C VAL B 25 -39.72 -2.49 32.46
N ALA B 26 -39.09 -3.64 32.38
CA ALA B 26 -39.35 -4.70 33.34
C ALA B 26 -38.11 -5.54 33.48
N ALA B 27 -37.69 -5.81 34.71
CA ALA B 27 -36.57 -6.71 34.90
C ALA B 27 -37.20 -8.08 34.88
N SER B 28 -36.48 -9.05 34.35
CA SER B 28 -36.99 -10.41 34.26
C SER B 28 -35.79 -11.36 34.36
N GLY B 29 -35.66 -12.03 35.52
CA GLY B 29 -34.45 -12.80 35.81
C GLY B 29 -33.31 -11.83 36.01
N ASP B 30 -32.27 -11.99 35.21
CA ASP B 30 -31.08 -11.13 35.31
C ASP B 30 -31.04 -10.16 34.15
N LYS B 31 -32.21 -9.87 33.57
CA LYS B 31 -32.28 -9.04 32.35
C LYS B 31 -33.27 -7.86 32.51
N VAL B 32 -33.01 -6.78 31.80
CA VAL B 32 -33.94 -5.69 31.85
C VAL B 32 -34.39 -5.44 30.43
N PHE B 33 -35.70 -5.40 30.23
CA PHE B 33 -36.22 -5.11 28.91
C PHE B 33 -37.00 -3.79 28.82
N VAL B 34 -36.95 -3.15 27.65
CA VAL B 34 -37.80 -2.02 27.34
C VAL B 34 -38.74 -2.37 26.18
N ARG B 35 -40.05 -2.14 26.41
CA ARG B 35 -41.09 -2.36 25.40
C ARG B 35 -41.00 -1.28 24.38
N ASP B 36 -40.66 -1.68 23.16
CA ASP B 36 -40.54 -0.77 22.01
C ASP B 36 -41.67 -1.05 21.01
N GLY B 37 -42.90 -0.74 21.42
CA GLY B 37 -44.09 -1.09 20.68
C GLY B 37 -44.24 -2.60 20.63
N ASN B 38 -43.75 -3.22 19.54
CA ASN B 38 -44.00 -4.63 19.29
C ASN B 38 -42.81 -5.55 19.64
N THR B 39 -41.88 -5.00 20.41
CA THR B 39 -40.61 -5.68 20.59
C THR B 39 -40.07 -5.36 21.97
N ASP B 40 -39.46 -6.37 22.59
CA ASP B 40 -38.80 -6.15 23.87
C ASP B 40 -37.32 -6.13 23.65
N ASN B 41 -36.71 -4.95 23.87
CA ASN B 41 -35.27 -4.78 23.70
C ASN B 41 -34.51 -5.01 25.00
N LEU B 42 -33.46 -5.83 24.91
CA LEU B 42 -32.59 -6.11 26.05
C LEU B 42 -31.70 -4.92 26.22
N VAL B 43 -31.76 -4.27 27.37
CA VAL B 43 -30.90 -3.10 27.59
C VAL B 43 -29.85 -3.31 28.69
N PHE B 44 -30.00 -4.36 29.49
CA PHE B 44 -29.05 -4.56 30.58
C PHE B 44 -29.09 -6.01 31.03
N VAL B 45 -27.92 -6.55 31.35
CA VAL B 45 -27.79 -7.92 31.85
C VAL B 45 -27.05 -7.79 33.18
N ASN B 46 -27.67 -8.30 34.25
CA ASN B 46 -27.16 -8.18 35.64
C ASN B 46 -26.09 -9.26 35.98
N LYS B 47 -24.88 -8.82 36.33
CA LYS B 47 -23.81 -9.75 36.72
C LYS B 47 -23.48 -9.55 38.19
N THR B 48 -24.34 -8.80 38.90
CA THR B 48 -24.14 -8.47 40.31
C THR B 48 -25.04 -9.37 41.11
N SER B 49 -24.76 -9.45 42.42
CA SER B 49 -25.60 -10.21 43.36
C SER B 49 -26.80 -9.37 43.82
N LEU B 50 -26.94 -8.14 43.30
CA LEU B 50 -28.15 -7.34 43.61
C LEU B 50 -29.38 -7.75 42.79
N PRO B 51 -30.58 -7.38 43.27
CA PRO B 51 -31.74 -7.62 42.39
C PRO B 51 -31.56 -6.76 41.09
N THR B 52 -31.99 -7.31 39.95
CA THR B 52 -31.74 -6.79 38.61
C THR B 52 -32.17 -5.32 38.36
N ALA B 53 -33.41 -4.97 38.71
CA ALA B 53 -33.83 -3.61 38.59
C ALA B 53 -32.91 -2.68 39.42
N ILE B 54 -32.50 -3.13 40.61
CA ILE B 54 -31.56 -2.35 41.43
C ILE B 54 -30.18 -2.18 40.77
N ALA B 55 -29.54 -3.29 40.40
CA ALA B 55 -28.25 -3.22 39.67
C ALA B 55 -28.35 -2.29 38.44
N PHE B 56 -29.51 -2.35 37.76
CA PHE B 56 -29.77 -1.54 36.57
C PHE B 56 -29.79 -0.05 36.98
N GLU B 57 -30.53 0.28 38.02
CA GLU B 57 -30.51 1.65 38.52
C GLU B 57 -29.08 2.17 38.87
N LEU B 58 -28.28 1.36 39.57
CA LEU B 58 -26.95 1.80 40.00
C LEU B 58 -26.03 1.99 38.81
N PHE B 59 -26.24 1.17 37.79
CA PHE B 59 -25.44 1.29 36.61
C PHE B 59 -25.79 2.62 35.93
N ALA B 60 -27.08 2.90 35.78
CA ALA B 60 -27.51 4.14 35.18
C ALA B 60 -26.94 5.35 35.93
N LYS B 61 -26.63 5.17 37.23
CA LYS B 61 -26.24 6.29 38.09
C LYS B 61 -24.75 6.30 38.32
N ARG B 62 -24.05 5.54 37.51
CA ARG B 62 -22.60 5.51 37.59
C ARG B 62 -22.04 6.84 37.12
N LYS B 63 -20.77 7.10 37.52
CA LYS B 63 -20.04 8.24 37.02
C LYS B 63 -19.63 7.95 35.60
N VAL B 64 -20.05 8.79 34.65
CA VAL B 64 -19.81 8.52 33.24
C VAL B 64 -18.70 9.43 32.72
N GLY B 65 -17.89 8.87 31.82
CA GLY B 65 -16.78 9.57 31.23
C GLY B 65 -15.51 9.38 32.02
N LEU B 66 -14.97 10.50 32.50
CA LEU B 66 -13.66 10.55 33.17
C LEU B 66 -13.76 10.15 34.64
N THR B 67 -13.07 9.10 35.01
CA THR B 67 -13.22 8.58 36.37
C THR B 67 -11.83 8.27 36.92
N PRO B 68 -11.71 8.37 38.27
CA PRO B 68 -10.51 7.94 39.02
C PRO B 68 -10.37 6.41 38.94
N PRO B 69 -9.11 5.91 38.95
CA PRO B 69 -8.79 4.46 39.02
C PRO B 69 -9.50 3.86 40.22
N LEU B 70 -9.78 2.55 40.20
CA LEU B 70 -10.63 1.96 41.28
C LEU B 70 -9.85 1.36 42.47
N SER B 71 -8.79 0.62 42.15
CA SER B 71 -8.10 -0.16 43.22
C SER B 71 -7.69 0.70 44.45
N ILE B 72 -7.27 1.95 44.19
CA ILE B 72 -6.87 2.84 45.29
C ILE B 72 -8.05 3.15 46.21
N LEU B 73 -9.20 3.43 45.61
CA LEU B 73 -10.38 3.70 46.39
C LEU B 73 -10.73 2.49 47.26
N LYS B 74 -10.77 1.31 46.62
CA LYS B 74 -10.94 0.03 47.35
C LYS B 74 -9.88 -0.10 48.50
N ASN B 75 -8.61 0.08 48.17
CA ASN B 75 -7.53 0.05 49.17
C ASN B 75 -7.71 1.03 50.38
N LEU B 76 -8.29 2.18 50.15
CA LEU B 76 -8.50 3.13 51.22
C LEU B 76 -9.69 2.75 52.06
N GLY B 77 -10.16 1.50 51.93
CA GLY B 77 -11.35 1.04 52.66
C GLY B 77 -12.70 1.73 52.33
N VAL B 78 -12.84 2.30 51.13
CA VAL B 78 -14.13 2.93 50.76
C VAL B 78 -15.26 1.91 50.82
N VAL B 79 -16.36 2.27 51.49
CA VAL B 79 -17.47 1.34 51.69
C VAL B 79 -18.73 1.73 50.85
N ALA B 80 -18.92 3.04 50.67
CA ALA B 80 -20.07 3.61 49.99
C ALA B 80 -19.67 4.90 49.32
N THR B 81 -20.36 5.19 48.21
CA THR B 81 -20.19 6.42 47.44
C THR B 81 -21.37 7.37 47.65
N TYR B 82 -21.05 8.64 47.74
CA TYR B 82 -22.08 9.61 48.07
C TYR B 82 -22.69 10.30 46.79
N LYS B 83 -23.95 10.00 46.51
CA LYS B 83 -24.66 10.60 45.38
C LYS B 83 -24.13 10.24 43.98
N PHE B 84 -23.31 9.19 43.90
CA PHE B 84 -22.97 8.60 42.61
C PHE B 84 -22.60 7.17 42.88
N VAL B 85 -22.40 6.43 41.80
CA VAL B 85 -21.79 5.12 41.91
C VAL B 85 -20.60 5.04 40.98
N LEU B 86 -19.63 4.26 41.41
CA LEU B 86 -18.49 3.99 40.59
C LEU B 86 -18.70 2.59 40.02
N TRP B 87 -18.74 2.49 38.68
CA TRP B 87 -18.91 1.18 38.00
C TRP B 87 -17.59 0.48 37.64
N ASP B 88 -17.43 -0.75 38.10
CA ASP B 88 -16.31 -1.57 37.66
C ASP B 88 -16.76 -2.24 36.34
N TYR B 89 -16.23 -1.75 35.20
CA TYR B 89 -16.70 -2.16 33.87
C TYR B 89 -16.23 -3.56 33.52
N GLU B 90 -15.21 -4.00 34.24
CA GLU B 90 -14.58 -5.28 33.98
C GLU B 90 -15.37 -6.37 34.72
N ALA B 91 -15.71 -6.12 35.98
CA ALA B 91 -16.41 -7.16 36.73
C ALA B 91 -17.90 -7.03 36.55
N GLU B 92 -18.33 -5.85 36.04
CA GLU B 92 -19.76 -5.47 35.80
C GLU B 92 -20.63 -5.31 37.06
N ARG B 93 -20.30 -4.29 37.83
CA ARG B 93 -20.57 -4.33 39.25
C ARG B 93 -20.16 -3.01 39.86
N PRO B 94 -20.98 -2.48 40.77
CA PRO B 94 -20.54 -1.28 41.46
C PRO B 94 -19.30 -1.64 42.24
N LEU B 95 -18.55 -0.60 42.65
CA LEU B 95 -17.27 -0.75 43.41
C LEU B 95 -17.51 -1.52 44.73
N THR B 96 -18.64 -1.21 45.37
CA THR B 96 -19.12 -1.94 46.55
C THR B 96 -20.62 -2.23 46.41
N SER B 97 -21.17 -2.94 47.40
CA SER B 97 -22.62 -3.21 47.51
C SER B 97 -23.40 -2.02 48.08
N PHE B 98 -22.67 -0.97 48.47
CA PHE B 98 -23.29 0.12 49.20
C PHE B 98 -23.17 1.55 48.62
N THR B 99 -24.23 2.32 48.80
CA THR B 99 -24.23 3.74 48.37
C THR B 99 -24.71 4.62 49.52
N LYS B 100 -24.64 5.93 49.30
CA LYS B 100 -25.36 6.86 50.20
C LYS B 100 -26.06 7.90 49.35
N SER B 101 -27.36 8.11 49.67
CA SER B 101 -28.24 9.01 48.89
C SER B 101 -28.29 8.72 47.38
N VAL B 102 -28.17 7.44 47.01
CA VAL B 102 -28.29 7.03 45.59
C VAL B 102 -29.56 6.24 45.39
N CYS B 103 -29.66 5.14 46.14
CA CYS B 103 -30.74 4.20 45.97
C CYS B 103 -31.13 3.63 47.32
N GLY B 104 -32.42 3.74 47.64
CA GLY B 104 -32.95 3.28 48.93
C GLY B 104 -32.53 1.87 49.28
N TYR B 105 -32.67 0.97 48.30
CA TYR B 105 -32.36 -0.45 48.49
C TYR B 105 -30.89 -0.68 48.90
N THR B 106 -29.98 0.14 48.41
CA THR B 106 -28.56 -0.08 48.69
C THR B 106 -27.92 0.95 49.62
N ASP B 107 -28.67 2.03 49.89
CA ASP B 107 -28.22 3.04 50.88
C ASP B 107 -27.79 2.44 52.24
N PHE B 108 -26.75 3.04 52.80
CA PHE B 108 -26.14 2.49 54.01
C PHE B 108 -26.08 3.60 55.04
N ALA B 109 -27.08 3.62 55.91
CA ALA B 109 -27.31 4.76 56.83
C ALA B 109 -26.12 5.09 57.75
N GLU B 110 -25.48 4.04 58.30
CA GLU B 110 -24.44 4.17 59.31
C GLU B 110 -23.21 4.98 58.86
N ASP B 111 -22.62 5.74 59.80
CA ASP B 111 -21.38 6.46 59.51
C ASP B 111 -20.32 5.42 59.16
N VAL B 112 -19.61 5.65 58.07
CA VAL B 112 -18.64 4.67 57.56
C VAL B 112 -17.69 5.38 56.56
N CYS B 113 -16.61 4.74 56.16
CA CYS B 113 -15.70 5.37 55.21
C CYS B 113 -16.38 5.61 53.83
N THR B 114 -16.80 6.86 53.60
CA THR B 114 -17.52 7.23 52.39
C THR B 114 -16.62 7.93 51.37
N CYS B 115 -16.87 7.70 50.07
CA CYS B 115 -16.11 8.37 49.00
C CYS B 115 -16.95 9.48 48.40
N TYR B 116 -16.34 10.65 48.22
CA TYR B 116 -17.07 11.84 47.73
C TYR B 116 -16.44 12.27 46.41
N ASP B 117 -17.33 12.76 45.53
CA ASP B 117 -16.91 13.28 44.21
C ASP B 117 -16.98 14.78 44.26
N ASN B 118 -15.81 15.42 44.22
CA ASN B 118 -15.74 16.87 44.36
C ASN B 118 -16.58 17.63 43.34
N SER B 119 -16.90 16.98 42.22
CA SER B 119 -17.66 17.62 41.16
C SER B 119 -19.11 17.80 41.59
N ILE B 120 -19.45 17.16 42.69
CA ILE B 120 -20.85 17.12 43.13
C ILE B 120 -21.10 18.08 44.32
N GLN B 121 -22.04 19.00 44.11
CA GLN B 121 -22.38 20.00 45.11
C GLN B 121 -22.46 19.41 46.50
N GLY B 122 -21.61 19.91 47.40
CA GLY B 122 -21.72 19.65 48.83
C GLY B 122 -20.91 18.46 49.35
N SER B 123 -20.28 17.74 48.44
CA SER B 123 -19.53 16.57 48.79
C SER B 123 -18.24 16.91 49.57
N TYR B 124 -17.59 18.02 49.18
CA TYR B 124 -16.38 18.45 49.88
C TYR B 124 -16.63 18.78 51.38
N GLU B 125 -17.72 19.49 51.65
CA GLU B 125 -18.15 19.82 53.01
C GLU B 125 -18.43 18.60 53.90
N ARG B 126 -19.17 17.63 53.36
CA ARG B 126 -19.50 16.40 54.08
C ARG B 126 -18.25 15.57 54.31
N PHE B 127 -17.36 15.61 53.31
CA PHE B 127 -16.08 14.89 53.40
C PHE B 127 -15.21 15.42 54.55
N THR B 128 -15.12 16.76 54.66
CA THR B 128 -14.24 17.41 55.65
C THR B 128 -14.67 17.15 57.09
N LEU B 129 -15.97 17.12 57.30
CA LEU B 129 -16.55 16.78 58.61
C LEU B 129 -16.33 15.32 59.05
N SER B 130 -16.05 14.43 58.11
CA SER B 130 -16.03 13.00 58.40
C SER B 130 -14.83 12.45 59.20
N THR B 131 -15.06 11.37 59.94
CA THR B 131 -14.01 10.76 60.72
C THR B 131 -13.13 9.93 59.82
N ASN B 132 -13.81 9.17 58.96
CA ASN B 132 -13.14 8.46 57.82
C ASN B 132 -13.88 8.67 56.47
N ALA B 133 -13.12 9.01 55.46
CA ALA B 133 -13.67 9.38 54.17
C ALA B 133 -12.57 9.54 53.12
N VAL B 134 -12.96 9.46 51.86
CA VAL B 134 -12.05 9.74 50.74
C VAL B 134 -12.74 10.76 49.82
N LEU B 135 -11.93 11.60 49.17
CA LEU B 135 -12.43 12.64 48.29
C LEU B 135 -11.59 12.53 47.03
N PHE B 136 -12.25 12.53 45.86
CA PHE B 136 -11.47 12.73 44.63
C PHE B 136 -11.97 13.99 43.86
N SER B 137 -11.12 14.51 42.98
CA SER B 137 -11.31 15.83 42.38
C SER B 137 -10.36 15.94 41.16
N ALA B 138 -10.81 16.58 40.07
CA ALA B 138 -9.91 16.82 38.91
C ALA B 138 -9.06 18.04 39.15
N THR B 139 -9.45 18.84 40.14
CA THR B 139 -8.62 19.99 40.61
C THR B 139 -8.10 19.80 42.04
N ALA B 140 -6.80 20.03 42.24
CA ALA B 140 -6.28 20.08 43.60
C ALA B 140 -7.23 20.89 44.54
N VAL B 141 -7.41 20.38 45.77
CA VAL B 141 -8.17 21.04 46.84
C VAL B 141 -7.24 21.90 47.71
N LYS B 142 -7.73 23.10 48.02
CA LYS B 142 -6.89 24.14 48.57
C LYS B 142 -7.34 24.68 49.94
N THR B 143 -6.64 25.73 50.37
CA THR B 143 -6.31 25.94 51.79
C THR B 143 -5.81 27.36 52.05
N GLY B 144 -5.27 27.98 51.00
CA GLY B 144 -4.66 29.31 51.07
C GLY B 144 -3.45 29.32 50.16
N GLY B 145 -3.71 29.28 48.85
CA GLY B 145 -2.67 29.01 47.88
C GLY B 145 -2.31 27.53 47.98
N LYS B 146 -1.78 27.13 49.13
CA LYS B 146 -1.30 25.76 49.39
C LYS B 146 -2.42 24.74 49.58
N SER B 147 -2.08 23.60 50.16
CA SER B 147 -3.00 22.48 50.07
C SER B 147 -2.85 21.36 51.11
N LEU B 148 -4.00 20.96 51.65
CA LEU B 148 -4.25 19.57 52.01
C LEU B 148 -3.53 18.75 50.91
N PRO B 149 -2.50 17.94 51.30
CA PRO B 149 -1.71 17.23 50.28
C PRO B 149 -2.47 16.00 49.74
N ALA B 150 -2.16 15.61 48.51
CA ALA B 150 -3.02 14.65 47.86
C ALA B 150 -2.28 13.49 47.22
N ILE B 151 -3.04 12.41 46.96
CA ILE B 151 -2.59 11.35 46.03
C ILE B 151 -2.73 11.94 44.63
N LYS B 152 -1.61 12.15 43.99
CA LYS B 152 -1.67 12.84 42.72
C LYS B 152 -1.49 11.84 41.60
N LEU B 153 -2.54 11.71 40.77
CA LEU B 153 -2.53 10.77 39.63
C LEU B 153 -2.42 11.50 38.29
N ASN B 154 -1.52 11.04 37.43
CA ASN B 154 -1.41 11.58 36.07
C ASN B 154 -1.99 10.62 35.00
N PHE B 155 -3.03 9.89 35.40
CA PHE B 155 -3.69 8.92 34.54
C PHE B 155 -5.03 8.66 35.17
N GLY B 156 -5.91 7.96 34.46
CA GLY B 156 -7.26 7.74 34.96
C GLY B 156 -7.99 6.78 34.05
N MET B 157 -9.32 6.77 34.18
CA MET B 157 -10.10 5.88 33.34
C MET B 157 -11.08 6.73 32.57
N LEU B 158 -11.55 6.19 31.46
CA LEU B 158 -12.52 6.90 30.62
C LEU B 158 -13.55 5.89 30.10
N ASN B 159 -14.76 5.97 30.66
CA ASN B 159 -15.81 4.95 30.42
C ASN B 159 -15.27 3.52 30.60
N GLY B 160 -14.45 3.32 31.64
CA GLY B 160 -13.83 2.03 31.94
C GLY B 160 -12.58 1.77 31.12
N ASN B 161 -12.17 2.74 30.30
CA ASN B 161 -10.94 2.50 29.51
C ASN B 161 -9.76 3.24 30.13
N ALA B 162 -8.63 2.56 30.22
CA ALA B 162 -7.46 3.15 30.82
C ALA B 162 -6.93 4.31 29.92
N ILE B 163 -6.67 5.45 30.54
CA ILE B 163 -6.08 6.59 29.79
C ILE B 163 -5.01 7.32 30.61
N ALA B 164 -4.05 7.93 29.90
CA ALA B 164 -2.94 8.60 30.56
C ALA B 164 -2.69 9.99 29.99
N THR B 165 -2.07 10.83 30.81
CA THR B 165 -1.50 12.10 30.33
C THR B 165 -0.54 11.77 29.16
N VAL B 166 -0.69 12.48 28.03
CA VAL B 166 -0.11 12.01 26.75
C VAL B 166 0.57 13.06 25.83
N ASN B 172 -0.87 17.61 20.76
CA ASN B 172 -0.84 16.30 21.39
C ASN B 172 -1.09 16.40 22.87
N ILE B 173 -0.84 17.55 23.50
CA ILE B 173 -0.47 17.67 24.93
C ILE B 173 -1.61 17.70 25.97
N LYS B 174 -1.99 16.51 26.47
CA LYS B 174 -3.29 16.29 27.12
C LYS B 174 -3.15 15.85 28.56
N ASN B 175 -3.67 16.67 29.48
CA ASN B 175 -3.49 16.38 30.91
C ASN B 175 -4.57 15.56 31.59
N ILE B 176 -4.18 14.41 32.12
CA ILE B 176 -5.15 13.60 32.85
C ILE B 176 -4.75 13.57 34.31
N ASN B 177 -5.53 14.24 35.14
CA ASN B 177 -5.21 14.32 36.55
C ASN B 177 -6.35 13.91 37.49
N TRP B 178 -6.00 13.17 38.56
CA TRP B 178 -6.92 12.99 39.71
C TRP B 178 -6.22 13.36 40.99
N PHE B 179 -6.98 14.00 41.87
CA PHE B 179 -6.48 14.33 43.19
C PHE B 179 -7.35 13.59 44.20
N VAL B 180 -6.71 12.72 44.98
CA VAL B 180 -7.41 11.87 45.93
C VAL B 180 -6.93 12.15 47.37
N TYR B 181 -7.89 12.45 48.23
CA TYR B 181 -7.59 12.87 49.58
C TYR B 181 -8.21 11.93 50.60
N VAL B 182 -7.45 11.64 51.66
CA VAL B 182 -7.95 10.81 52.76
C VAL B 182 -8.07 11.57 54.09
N ARG B 183 -9.17 11.34 54.78
CA ARG B 183 -9.28 11.66 56.19
C ARG B 183 -9.44 10.34 56.97
N LYS B 184 -8.68 10.22 58.06
CA LYS B 184 -8.66 8.99 58.83
C LYS B 184 -8.47 9.23 60.34
N ASP B 185 -9.38 8.65 61.13
CA ASP B 185 -9.39 8.79 62.58
C ASP B 185 -9.55 10.27 62.92
N GLY B 186 -10.30 10.99 62.09
CA GLY B 186 -10.75 12.33 62.42
C GLY B 186 -9.88 13.46 61.92
N LYS B 187 -8.87 13.14 61.10
CA LYS B 187 -7.91 14.15 60.62
C LYS B 187 -7.26 13.86 59.26
N PRO B 188 -6.93 14.92 58.49
CA PRO B 188 -6.22 14.69 57.22
C PRO B 188 -5.02 13.75 57.33
N VAL B 189 -4.80 12.92 56.32
CA VAL B 189 -3.58 12.12 56.22
C VAL B 189 -2.42 13.01 55.74
N ASP B 190 -1.34 13.03 56.51
CA ASP B 190 -0.17 13.90 56.29
C ASP B 190 0.41 13.93 54.88
N HIS B 191 0.44 12.75 54.28
CA HIS B 191 1.38 12.49 53.21
C HIS B 191 1.01 11.15 52.58
N TYR B 192 1.48 10.93 51.35
CA TYR B 192 1.12 9.70 50.64
C TYR B 192 2.31 9.16 49.90
N ASP B 193 2.76 8.00 50.34
CA ASP B 193 3.89 7.39 49.69
C ASP B 193 3.42 6.40 48.63
N GLY B 194 4.34 6.07 47.73
CA GLY B 194 4.23 4.85 46.97
C GLY B 194 4.05 5.01 45.48
N PHE B 195 3.88 3.87 44.82
CA PHE B 195 3.56 3.86 43.40
C PHE B 195 2.06 3.54 43.20
N TYR B 196 1.59 3.72 41.96
CA TYR B 196 0.20 3.46 41.58
C TYR B 196 0.07 2.55 40.37
N THR B 197 -0.75 1.51 40.50
CA THR B 197 -0.98 0.63 39.34
C THR B 197 -1.69 1.44 38.23
N GLN B 198 -1.52 1.01 36.99
CA GLN B 198 -1.94 1.85 35.85
C GLN B 198 -3.33 1.51 35.31
N GLY B 199 -3.85 0.34 35.68
CA GLY B 199 -5.23 0.00 35.34
C GLY B 199 -5.43 -0.40 33.88
N ARG B 200 -4.35 -0.71 33.18
CA ARG B 200 -4.48 -1.17 31.80
C ARG B 200 -4.86 -2.65 31.72
N ASN B 201 -5.09 -3.16 30.49
CA ASN B 201 -5.33 -4.61 30.30
C ASN B 201 -4.50 -5.11 29.17
N LEU B 202 -4.45 -6.43 29.04
CA LEU B 202 -3.63 -7.07 28.00
C LEU B 202 -3.99 -6.64 26.57
N GLN B 203 -5.28 -6.51 26.27
CA GLN B 203 -5.71 -6.21 24.90
C GLN B 203 -5.44 -4.76 24.50
N ASP B 204 -5.67 -3.84 25.44
CA ASP B 204 -5.70 -2.39 25.12
C ASP B 204 -4.48 -1.64 25.67
N PHE B 205 -3.51 -2.42 26.15
CA PHE B 205 -2.25 -1.85 26.65
C PHE B 205 -1.59 -0.83 25.66
N LEU B 206 -1.29 0.35 26.19
CA LEU B 206 -0.50 1.36 25.51
C LEU B 206 0.61 1.78 26.47
N PRO B 207 1.83 2.02 25.93
CA PRO B 207 2.99 2.41 26.74
C PRO B 207 2.79 3.82 27.28
N ARG B 208 3.33 4.15 28.45
CA ARG B 208 3.16 5.49 29.02
C ARG B 208 4.49 6.18 29.30
N SER B 209 5.58 5.58 28.80
CA SER B 209 6.92 6.08 29.05
C SER B 209 7.88 5.64 27.93
N THR B 210 8.98 6.37 27.75
CA THR B 210 9.97 5.92 26.78
C THR B 210 10.51 4.52 27.12
N MET B 211 10.74 4.28 28.41
CA MET B 211 11.23 2.96 28.82
C MET B 211 10.25 1.85 28.39
N GLU B 212 8.95 2.07 28.68
CA GLU B 212 7.87 1.16 28.23
C GLU B 212 7.83 0.95 26.68
N GLU B 213 7.87 2.08 25.94
CA GLU B 213 8.06 2.02 24.49
C GLU B 213 9.23 1.13 24.11
N ASP B 214 10.33 1.31 24.84
CA ASP B 214 11.54 0.54 24.52
C ASP B 214 11.43 -0.93 24.85
N PHE B 215 10.73 -1.22 25.95
CA PHE B 215 10.59 -2.62 26.38
C PHE B 215 9.85 -3.43 25.29
N LEU B 216 8.75 -2.86 24.77
CA LEU B 216 7.95 -3.51 23.71
C LEU B 216 8.65 -3.61 22.35
N ASN B 217 9.52 -2.64 22.08
CA ASN B 217 10.04 -2.50 20.72
C ASN B 217 11.44 -3.04 20.52
N MET B 218 12.28 -2.89 21.54
CA MET B 218 13.69 -3.32 21.43
C MET B 218 13.97 -4.81 21.62
N ASP B 219 15.18 -5.16 21.25
CA ASP B 219 15.73 -6.48 21.55
C ASP B 219 16.02 -6.54 23.06
N ILE B 220 16.08 -7.77 23.57
CA ILE B 220 16.25 -7.97 25.01
C ILE B 220 17.59 -7.40 25.55
N GLY B 221 18.69 -7.85 24.94
CA GLY B 221 20.01 -7.36 25.32
C GLY B 221 20.15 -5.84 25.22
N VAL B 222 19.68 -5.30 24.09
CA VAL B 222 19.69 -3.86 23.86
C VAL B 222 18.89 -3.09 24.93
N PHE B 223 17.70 -3.60 25.28
CA PHE B 223 16.90 -2.93 26.29
C PHE B 223 17.59 -2.98 27.67
N ILE B 224 18.14 -4.17 27.99
CA ILE B 224 18.73 -4.37 29.32
C ILE B 224 19.98 -3.45 29.49
N GLN B 225 20.80 -3.43 28.45
CA GLN B 225 21.98 -2.60 28.45
C GLN B 225 21.63 -1.13 28.60
N LYS B 226 20.69 -0.64 27.77
CA LYS B 226 20.30 0.77 27.78
C LYS B 226 19.92 1.24 29.19
N TYR B 227 19.23 0.38 29.93
CA TYR B 227 18.69 0.78 31.22
C TYR B 227 19.53 0.24 32.41
N GLY B 228 20.58 -0.53 32.10
CA GLY B 228 21.52 -1.00 33.12
C GLY B 228 20.84 -1.91 34.11
N LEU B 229 20.35 -3.03 33.59
CA LEU B 229 19.46 -3.93 34.32
C LEU B 229 20.10 -5.31 34.49
N GLU B 230 21.42 -5.37 34.29
CA GLU B 230 22.12 -6.65 34.14
C GLU B 230 22.03 -7.54 35.40
N ASP B 231 21.89 -6.90 36.58
CA ASP B 231 21.94 -7.60 37.85
C ASP B 231 20.53 -7.98 38.30
N PHE B 232 19.54 -7.46 37.59
CA PHE B 232 18.13 -7.82 37.82
C PHE B 232 17.77 -8.84 36.78
N ASN B 233 17.22 -9.98 37.20
CA ASN B 233 17.07 -11.07 36.26
C ASN B 233 15.87 -10.72 35.34
N PHE B 234 16.00 -9.65 34.57
CA PHE B 234 14.88 -9.16 33.80
C PHE B 234 14.35 -10.23 32.85
N GLU B 235 15.24 -11.02 32.26
CA GLU B 235 14.84 -12.06 31.29
C GLU B 235 13.86 -13.04 31.91
N HIS B 236 13.99 -13.25 33.22
CA HIS B 236 13.07 -14.12 33.96
C HIS B 236 11.92 -13.24 34.55
N VAL B 237 12.28 -12.28 35.40
CA VAL B 237 11.31 -11.52 36.17
C VAL B 237 10.27 -10.78 35.35
N VAL B 238 10.67 -10.20 34.21
CA VAL B 238 9.74 -9.34 33.45
C VAL B 238 9.47 -9.86 32.03
N TYR B 239 10.53 -10.24 31.35
CA TYR B 239 10.39 -10.84 30.04
C TYR B 239 9.62 -12.16 30.11
N GLY B 240 9.92 -12.97 31.14
CA GLY B 240 9.32 -14.28 31.30
C GLY B 240 10.14 -15.32 30.56
N ASP B 241 10.14 -16.54 31.10
CA ASP B 241 10.89 -17.64 30.49
C ASP B 241 9.97 -18.79 30.03
N VAL B 242 9.86 -18.91 28.72
CA VAL B 242 8.85 -19.73 28.08
C VAL B 242 9.51 -21.00 27.64
N SER B 243 10.73 -21.22 28.14
CA SER B 243 11.58 -22.31 27.60
C SER B 243 11.24 -23.69 28.20
N LYS B 244 10.65 -23.71 29.40
CA LYS B 244 10.11 -24.96 29.97
C LYS B 244 8.59 -24.98 29.91
N THR B 245 8.01 -26.15 30.21
CA THR B 245 6.55 -26.29 30.22
C THR B 245 5.92 -25.44 31.32
N THR B 246 6.71 -25.16 32.35
CA THR B 246 6.31 -24.22 33.39
C THR B 246 6.98 -22.89 33.11
N LEU B 247 6.13 -21.89 32.79
CA LEU B 247 6.57 -20.56 32.35
C LEU B 247 7.03 -19.69 33.54
N GLY B 248 8.26 -19.21 33.43
CA GLY B 248 8.92 -18.61 34.59
C GLY B 248 8.74 -17.12 34.71
N GLY B 249 8.68 -16.61 35.94
CA GLY B 249 8.62 -15.17 36.18
C GLY B 249 7.34 -14.52 35.62
N LEU B 250 7.51 -13.55 34.73
CA LEU B 250 6.38 -12.90 34.03
C LEU B 250 5.42 -12.13 34.96
N HIS B 251 5.95 -11.18 35.75
CA HIS B 251 5.17 -10.61 36.86
C HIS B 251 4.66 -9.20 36.63
N LEU B 252 4.69 -8.76 35.38
CA LEU B 252 4.01 -7.48 35.03
C LEU B 252 2.97 -7.63 33.88
N LEU B 253 1.88 -6.86 33.93
CA LEU B 253 0.98 -6.75 32.76
C LEU B 253 1.83 -6.64 31.49
N ILE B 254 2.75 -5.68 31.46
CA ILE B 254 3.54 -5.45 30.25
C ILE B 254 4.30 -6.70 29.81
N SER B 255 4.68 -7.56 30.77
CA SER B 255 5.30 -8.85 30.41
C SER B 255 4.37 -9.61 29.44
N GLN B 256 3.09 -9.76 29.82
CA GLN B 256 2.13 -10.43 28.94
C GLN B 256 2.03 -9.71 27.59
N VAL B 257 1.85 -8.39 27.64
CA VAL B 257 1.72 -7.61 26.41
C VAL B 257 2.84 -7.95 25.41
N ARG B 258 4.09 -7.89 25.88
CA ARG B 258 5.21 -8.13 24.99
C ARG B 258 5.18 -9.54 24.36
N LEU B 259 4.94 -10.52 25.26
CA LEU B 259 4.94 -11.96 24.90
C LEU B 259 3.83 -12.30 23.89
N SER B 260 2.69 -11.61 23.99
CA SER B 260 1.56 -11.86 23.09
C SER B 260 1.81 -11.22 21.71
N LYS B 261 2.77 -10.31 21.65
CA LYS B 261 3.27 -9.84 20.34
C LYS B 261 4.10 -10.91 19.63
N MET B 262 4.69 -11.82 20.43
CA MET B 262 5.58 -12.84 19.86
C MET B 262 4.80 -14.05 19.33
N GLY B 263 3.62 -14.28 19.90
CA GLY B 263 2.84 -15.48 19.63
C GLY B 263 1.57 -15.43 20.46
N ILE B 264 0.87 -16.56 20.52
CA ILE B 264 -0.49 -16.61 21.12
C ILE B 264 -0.43 -16.83 22.63
N LEU B 265 -0.80 -15.80 23.39
CA LEU B 265 -0.75 -15.87 24.84
C LEU B 265 -2.16 -15.71 25.42
N LYS B 266 -2.55 -16.65 26.28
CA LYS B 266 -3.85 -16.56 27.04
C LYS B 266 -3.59 -16.23 28.51
N ALA B 267 -4.32 -15.28 29.05
CA ALA B 267 -4.18 -14.99 30.48
C ALA B 267 -5.56 -14.97 31.12
N GLU B 268 -5.90 -16.02 31.87
CA GLU B 268 -7.22 -16.20 32.50
C GLU B 268 -7.22 -15.69 33.92
N GLU B 269 -7.86 -14.56 34.13
CA GLU B 269 -7.87 -13.93 35.44
C GLU B 269 -8.66 -14.77 36.49
N PHE B 270 -8.11 -14.89 37.71
CA PHE B 270 -8.80 -15.63 38.77
C PHE B 270 -10.17 -15.05 39.11
N VAL B 271 -10.20 -13.74 39.30
CA VAL B 271 -11.47 -13.08 39.59
C VAL B 271 -11.47 -11.79 38.78
N ALA B 272 -12.36 -11.68 37.77
CA ALA B 272 -12.47 -10.44 36.95
C ALA B 272 -12.79 -9.26 37.85
N ALA B 273 -11.98 -8.21 37.70
CA ALA B 273 -12.15 -7.00 38.48
C ALA B 273 -11.29 -5.88 37.92
N SER B 274 -11.67 -4.64 38.16
CA SER B 274 -10.79 -3.55 37.72
C SER B 274 -10.49 -2.63 38.92
N ASP B 275 -10.82 -3.16 40.10
CA ASP B 275 -10.68 -2.39 41.33
C ASP B 275 -9.70 -3.08 42.31
N ILE B 276 -8.78 -3.88 41.77
CA ILE B 276 -7.86 -4.66 42.61
C ILE B 276 -6.40 -4.42 42.16
N THR B 277 -5.51 -4.32 43.14
CA THR B 277 -4.12 -3.94 42.88
C THR B 277 -3.34 -5.16 42.48
N LEU B 278 -3.35 -6.18 43.35
CA LEU B 278 -2.59 -7.42 43.03
C LEU B 278 -3.43 -8.31 42.14
N LYS B 279 -2.90 -8.64 40.97
CA LYS B 279 -3.64 -9.41 40.00
C LYS B 279 -3.07 -10.83 39.90
N CYS B 280 -3.84 -11.72 39.29
CA CYS B 280 -3.45 -13.11 39.19
C CYS B 280 -4.24 -13.88 38.11
N CYS B 281 -3.55 -14.76 37.42
CA CYS B 281 -4.20 -15.47 36.35
C CYS B 281 -3.47 -16.76 36.08
N THR B 282 -4.10 -17.59 35.27
CA THR B 282 -3.43 -18.74 34.67
C THR B 282 -3.05 -18.32 33.23
N VAL B 283 -1.78 -18.48 32.93
CA VAL B 283 -1.24 -17.91 31.72
C VAL B 283 -0.69 -19.02 30.89
N THR B 284 -1.06 -19.03 29.61
CA THR B 284 -0.65 -20.11 28.69
C THR B 284 -0.10 -19.47 27.40
N TYR B 285 1.08 -19.94 26.96
CA TYR B 285 1.74 -19.56 25.70
C TYR B 285 1.69 -20.74 24.74
N LEU B 286 1.00 -20.60 23.61
CA LEU B 286 0.80 -21.78 22.75
C LEU B 286 2.05 -22.20 21.94
N ASN B 287 2.75 -21.21 21.33
CA ASN B 287 3.75 -21.47 20.28
C ASN B 287 4.94 -22.32 20.79
N ASP B 288 5.49 -21.90 21.92
CA ASP B 288 6.46 -22.71 22.65
C ASP B 288 5.79 -23.16 23.99
N PRO B 289 4.98 -24.23 23.92
CA PRO B 289 4.02 -24.59 24.98
C PRO B 289 4.58 -24.41 26.40
N SER B 290 4.04 -23.43 27.11
CA SER B 290 4.50 -23.13 28.45
C SER B 290 3.34 -22.49 29.20
N SER B 291 3.23 -22.79 30.48
CA SER B 291 2.12 -22.17 31.24
C SER B 291 2.47 -22.01 32.73
N LYS B 292 1.85 -21.06 33.39
CA LYS B 292 2.05 -20.94 34.80
C LYS B 292 0.64 -20.82 35.43
N THR B 293 0.25 -21.84 36.22
CA THR B 293 -1.08 -21.86 36.83
C THR B 293 -1.37 -20.62 37.66
N VAL B 294 -0.48 -20.29 38.59
CA VAL B 294 -0.73 -19.13 39.46
C VAL B 294 0.33 -18.12 39.13
N CYS B 295 -0.08 -17.18 38.28
CA CYS B 295 0.80 -16.12 37.79
C CYS B 295 0.41 -14.78 38.40
N THR B 296 1.07 -14.39 39.50
CA THR B 296 0.80 -13.07 40.08
C THR B 296 1.44 -12.00 39.20
N TYR B 297 0.75 -10.87 39.14
CA TYR B 297 1.26 -9.71 38.42
C TYR B 297 0.53 -8.42 38.83
N MET B 298 1.19 -7.32 38.53
CA MET B 298 0.63 -5.99 38.71
C MET B 298 0.94 -5.16 37.44
N ASP B 299 0.04 -4.23 37.14
CA ASP B 299 0.35 -3.29 36.07
C ASP B 299 1.02 -2.03 36.70
N LEU B 300 2.32 -2.15 36.93
CA LEU B 300 3.12 -1.06 37.44
C LEU B 300 3.73 -0.34 36.23
N LEU B 301 3.80 0.99 36.32
CA LEU B 301 4.65 1.75 35.40
C LEU B 301 6.05 1.11 35.34
N LEU B 302 6.54 0.71 34.16
CA LEU B 302 7.79 -0.05 34.13
C LEU B 302 8.90 0.72 34.85
N ASP B 303 8.82 2.05 34.79
CA ASP B 303 9.86 2.92 35.38
C ASP B 303 9.84 2.73 36.90
N ASP B 304 8.64 2.79 37.49
CA ASP B 304 8.49 2.50 38.93
C ASP B 304 8.97 1.10 39.36
N PHE B 305 8.62 0.08 38.61
CA PHE B 305 9.07 -1.26 38.95
C PHE B 305 10.59 -1.27 39.00
N VAL B 306 11.21 -0.74 37.95
CA VAL B 306 12.67 -0.69 37.82
C VAL B 306 13.25 0.09 39.00
N SER B 307 12.65 1.25 39.26
CA SER B 307 13.02 2.05 40.42
C SER B 307 13.05 1.20 41.72
N VAL B 308 12.07 0.29 41.88
CA VAL B 308 12.05 -0.63 43.05
C VAL B 308 13.23 -1.62 43.01
N LEU B 309 13.45 -2.23 41.85
CA LEU B 309 14.61 -3.09 41.67
C LEU B 309 15.93 -2.45 42.08
N LYS B 310 16.14 -1.22 41.60
CA LYS B 310 17.37 -0.47 41.87
C LYS B 310 17.41 0.14 43.29
N SER B 311 16.71 -0.50 44.23
CA SER B 311 16.72 -0.04 45.63
C SER B 311 16.72 -1.26 46.55
N LEU B 312 16.95 -2.42 45.91
CA LEU B 312 17.05 -3.72 46.56
C LEU B 312 18.49 -4.02 46.94
N ASP B 313 18.65 -4.80 48.01
CA ASP B 313 19.96 -5.31 48.39
C ASP B 313 20.18 -6.68 47.72
N LEU B 314 21.16 -6.76 46.84
CA LEU B 314 21.42 -7.97 46.05
C LEU B 314 22.39 -8.91 46.76
N THR B 315 22.69 -8.56 48.01
CA THR B 315 23.69 -9.27 48.82
C THR B 315 23.08 -10.36 49.73
N VAL B 316 21.82 -10.15 50.14
CA VAL B 316 21.06 -11.15 50.92
C VAL B 316 20.69 -12.35 50.04
N VAL B 317 20.41 -13.48 50.67
CA VAL B 317 19.96 -14.65 49.90
C VAL B 317 18.45 -14.63 49.74
N SER B 318 17.76 -14.30 50.82
CA SER B 318 16.33 -14.04 50.74
C SER B 318 15.91 -12.98 51.74
N LYS B 319 15.22 -11.97 51.24
CA LYS B 319 14.49 -11.04 52.09
C LYS B 319 13.08 -10.91 51.53
N VAL B 320 12.15 -10.52 52.40
CA VAL B 320 10.83 -10.08 51.96
C VAL B 320 10.85 -8.56 52.00
N HIS B 321 10.63 -7.91 50.85
CA HIS B 321 10.55 -6.45 50.79
C HIS B 321 9.12 -5.95 50.80
N GLU B 322 8.91 -4.85 51.50
CA GLU B 322 7.58 -4.23 51.49
C GLU B 322 7.55 -3.11 50.45
N VAL B 323 6.67 -3.20 49.45
CA VAL B 323 6.56 -2.10 48.48
C VAL B 323 5.21 -1.41 48.64
N ILE B 324 5.22 -0.09 48.59
CA ILE B 324 3.96 0.64 48.70
C ILE B 324 3.41 0.84 47.28
N ILE B 325 2.24 0.23 47.03
CA ILE B 325 1.57 0.37 45.76
C ILE B 325 0.08 0.57 46.04
N ASP B 326 -0.49 1.60 45.40
CA ASP B 326 -1.90 1.99 45.62
C ASP B 326 -2.22 2.22 47.11
N ASN B 327 -1.26 2.80 47.81
CA ASN B 327 -1.43 3.19 49.22
C ASN B 327 -1.40 2.02 50.22
N LYS B 328 -0.85 0.88 49.78
CA LYS B 328 -0.82 -0.31 50.62
C LYS B 328 0.53 -1.00 50.55
N PRO B 329 0.98 -1.53 51.71
CA PRO B 329 2.21 -2.33 51.72
C PRO B 329 1.95 -3.70 51.07
N TRP B 330 2.83 -4.10 50.16
CA TRP B 330 2.74 -5.42 49.50
C TRP B 330 4.02 -6.19 49.75
N ARG B 331 3.87 -7.45 50.12
CA ARG B 331 5.02 -8.28 50.39
C ARG B 331 5.59 -8.79 49.08
N TRP B 332 6.81 -8.37 48.74
CA TRP B 332 7.53 -8.95 47.60
C TRP B 332 8.74 -9.79 48.05
N MET B 333 8.72 -11.08 47.66
CA MET B 333 9.83 -11.99 47.89
C MET B 333 11.00 -11.77 46.92
N LEU B 334 12.21 -11.62 47.48
CA LEU B 334 13.45 -11.49 46.70
C LEU B 334 14.48 -12.61 47.00
N TRP B 335 14.72 -13.49 46.02
CA TRP B 335 15.86 -14.42 46.07
C TRP B 335 17.03 -13.87 45.26
N CYS B 336 18.20 -13.75 45.91
CA CYS B 336 19.41 -13.28 45.26
C CYS B 336 20.50 -14.36 45.22
N LYS B 337 21.43 -14.17 44.30
CA LYS B 337 22.50 -15.13 44.12
C LYS B 337 23.68 -14.46 43.39
N ASP B 338 24.82 -14.42 44.09
CA ASP B 338 26.02 -13.80 43.55
C ASP B 338 25.75 -12.37 43.14
N ASN B 339 25.05 -11.63 44.01
CA ASN B 339 24.83 -10.19 43.80
C ASN B 339 23.99 -9.84 42.56
N ALA B 340 23.28 -10.84 42.03
CA ALA B 340 22.27 -10.64 40.99
C ALA B 340 20.95 -11.19 41.54
N VAL B 341 19.84 -10.59 41.11
CA VAL B 341 18.51 -11.11 41.43
C VAL B 341 18.36 -12.51 40.80
N ALA B 342 17.86 -13.45 41.60
CA ALA B 342 17.43 -14.74 41.06
C ALA B 342 15.91 -14.68 40.73
N THR B 343 15.10 -14.29 41.73
CA THR B 343 13.65 -14.15 41.58
C THR B 343 13.12 -12.98 42.37
N PHE B 344 12.08 -12.38 41.83
CA PHE B 344 11.45 -11.27 42.51
C PHE B 344 9.98 -11.28 42.18
N TYR B 345 9.15 -11.58 43.18
CA TYR B 345 7.71 -11.80 43.00
C TYR B 345 6.92 -11.41 44.26
N PRO B 346 5.66 -11.00 44.07
CA PRO B 346 4.75 -10.63 45.17
C PRO B 346 4.17 -11.88 45.86
N GLN B 347 3.89 -11.76 47.17
CA GLN B 347 3.64 -12.87 48.11
C GLN B 347 4.94 -13.61 48.50
N SER C 1 31.58 40.11 -34.22
CA SER C 1 33.00 40.17 -34.53
C SER C 1 33.59 38.78 -34.73
N GLY C 2 32.96 38.00 -35.62
CA GLY C 2 33.55 36.71 -35.95
C GLY C 2 33.12 35.59 -35.02
N LEU C 3 33.19 34.39 -35.57
CA LEU C 3 32.69 33.21 -34.90
C LEU C 3 33.41 32.99 -33.59
N GLU C 4 34.71 33.33 -33.53
CA GLU C 4 35.50 33.18 -32.29
C GLU C 4 34.94 33.99 -31.12
N ASN C 5 34.48 35.21 -31.40
CA ASN C 5 33.80 36.06 -30.39
C ASN C 5 32.39 35.53 -29.99
N ILE C 6 31.65 35.07 -30.98
CA ILE C 6 30.37 34.42 -30.70
C ILE C 6 30.52 33.16 -29.80
N ALA C 7 31.57 32.35 -30.06
CA ALA C 7 31.83 31.17 -29.27
C ALA C 7 32.16 31.60 -27.84
N PHE C 8 32.95 32.66 -27.69
CA PHE C 8 33.30 33.14 -26.35
C PHE C 8 32.04 33.49 -25.57
N ASN C 9 31.15 34.26 -26.21
CA ASN C 9 29.86 34.60 -25.62
C ASN C 9 28.95 33.39 -25.26
N VAL C 10 28.77 32.47 -26.20
CA VAL C 10 27.97 31.29 -25.93
C VAL C 10 28.51 30.45 -24.77
N VAL C 11 29.82 30.24 -24.73
CA VAL C 11 30.46 29.45 -23.67
C VAL C 11 30.38 30.14 -22.29
N ASN C 12 30.52 31.46 -22.26
CA ASN C 12 30.63 32.17 -20.98
C ASN C 12 29.35 32.89 -20.54
N LYS C 13 28.40 33.09 -21.45
CA LYS C 13 27.17 33.85 -21.14
C LYS C 13 25.95 33.12 -21.69
N GLY C 14 26.17 31.95 -22.29
CA GLY C 14 25.07 31.13 -22.80
C GLY C 14 24.40 31.63 -24.06
N SER C 15 24.82 32.80 -24.52
CA SER C 15 24.31 33.41 -25.75
C SER C 15 25.17 34.63 -26.13
N PHE C 16 24.95 35.18 -27.32
CA PHE C 16 25.68 36.41 -27.69
C PHE C 16 25.14 37.65 -26.99
N VAL C 17 25.98 38.26 -26.14
CA VAL C 17 25.59 39.47 -25.42
C VAL C 17 26.48 40.67 -25.74
N GLY C 18 27.45 40.47 -26.65
CA GLY C 18 28.39 41.50 -27.03
C GLY C 18 29.55 41.63 -26.04
N ALA C 19 29.86 40.53 -25.33
CA ALA C 19 31.03 40.46 -24.46
C ALA C 19 32.28 40.40 -25.31
N ASP C 20 33.40 40.96 -24.82
CA ASP C 20 34.68 40.86 -25.55
C ASP C 20 35.39 39.55 -25.17
N GLY C 21 36.17 39.01 -26.11
CA GLY C 21 36.81 37.71 -25.93
C GLY C 21 36.68 36.73 -27.10
N GLU C 22 37.62 35.78 -27.15
CA GLU C 22 37.64 34.90 -28.29
C GLU C 22 38.01 33.51 -27.88
N LEU C 23 37.34 32.55 -28.49
CA LEU C 23 37.66 31.14 -28.37
C LEU C 23 37.74 30.50 -29.77
N PRO C 24 38.77 29.67 -29.98
CA PRO C 24 38.88 28.99 -31.29
C PRO C 24 37.69 28.03 -31.45
N VAL C 25 37.01 28.06 -32.58
CA VAL C 25 35.78 27.32 -32.83
C VAL C 25 35.83 26.83 -34.26
N ALA C 26 35.26 25.67 -34.53
CA ALA C 26 35.10 25.22 -35.90
C ALA C 26 33.84 24.40 -35.99
N ALA C 27 33.05 24.61 -37.02
CA ALA C 27 31.91 23.71 -37.21
C ALA C 27 32.52 22.55 -37.93
N SER C 28 31.98 21.38 -37.69
CA SER C 28 32.46 20.18 -38.35
C SER C 28 31.26 19.19 -38.50
N GLY C 29 30.75 19.05 -39.73
CA GLY C 29 29.48 18.37 -39.97
C GLY C 29 28.37 19.16 -39.26
N ASP C 30 27.60 18.50 -38.40
CA ASP C 30 26.48 19.21 -37.80
C ASP C 30 26.83 19.67 -36.38
N LYS C 31 28.13 19.80 -36.10
CA LYS C 31 28.62 20.06 -34.74
C LYS C 31 29.51 21.28 -34.70
N VAL C 32 29.50 21.97 -33.58
CA VAL C 32 30.42 23.07 -33.39
C VAL C 32 31.33 22.79 -32.20
N PHE C 33 32.64 22.84 -32.43
CA PHE C 33 33.58 22.68 -31.31
C PHE C 33 34.37 23.94 -30.89
N VAL C 34 34.66 23.99 -29.61
CA VAL C 34 35.61 24.96 -29.08
C VAL C 34 36.92 24.27 -28.57
N ARG C 35 38.07 24.68 -29.09
CA ARG C 35 39.39 24.25 -28.60
C ARG C 35 39.68 24.82 -27.22
N ASP C 36 39.77 23.91 -26.25
CA ASP C 36 40.02 24.24 -24.86
C ASP C 36 41.37 23.67 -24.46
N GLY C 37 42.42 24.33 -24.96
CA GLY C 37 43.78 23.80 -24.90
C GLY C 37 43.84 22.41 -25.53
N ASN C 38 43.71 21.36 -24.70
CA ASN C 38 44.02 20.00 -25.17
C ASN C 38 42.79 19.20 -25.49
N THR C 39 41.69 19.91 -25.64
CA THR C 39 40.40 19.27 -25.75
C THR C 39 39.42 20.05 -26.61
N ASP C 40 38.69 19.32 -27.44
CA ASP C 40 37.63 19.95 -28.20
C ASP C 40 36.27 19.69 -27.51
N ASN C 41 35.64 20.76 -27.02
CA ASN C 41 34.32 20.69 -26.40
C ASN C 41 33.17 20.88 -27.39
N LEU C 42 32.19 19.99 -27.31
CA LEU C 42 31.02 20.10 -28.14
C LEU C 42 30.12 21.20 -27.56
N VAL C 43 29.88 22.26 -28.29
CA VAL C 43 29.03 23.32 -27.73
C VAL C 43 27.67 23.48 -28.43
N PHE C 44 27.50 22.85 -29.59
CA PHE C 44 26.22 23.00 -30.29
C PHE C 44 26.11 21.91 -31.29
N VAL C 45 24.89 21.42 -31.45
CA VAL C 45 24.55 20.41 -32.46
C VAL C 45 23.43 20.99 -33.35
N ASN C 46 23.60 20.92 -34.67
CA ASN C 46 22.71 21.61 -35.63
C ASN C 46 21.58 20.69 -36.03
N LYS C 47 20.34 21.10 -35.76
CA LYS C 47 19.17 20.30 -36.18
C LYS C 47 18.41 21.00 -37.31
N THR C 48 18.95 22.12 -37.76
CA THR C 48 18.34 22.96 -38.79
C THR C 48 18.89 22.57 -40.17
N SER C 49 18.29 23.10 -41.23
CA SER C 49 18.76 22.84 -42.57
C SER C 49 19.83 23.91 -42.98
N LEU C 50 20.12 24.83 -42.06
CA LEU C 50 21.16 25.83 -42.31
C LEU C 50 22.58 25.26 -42.11
N PRO C 51 23.56 25.92 -42.72
CA PRO C 51 24.95 25.48 -42.48
C PRO C 51 25.27 25.66 -40.98
N THR C 52 26.04 24.73 -40.44
CA THR C 52 26.21 24.62 -38.99
C THR C 52 26.70 25.85 -38.25
N ALA C 53 27.66 26.54 -38.81
CA ALA C 53 28.17 27.76 -38.19
C ALA C 53 27.08 28.82 -38.15
N ILE C 54 26.23 28.85 -39.19
CA ILE C 54 25.18 29.82 -39.30
C ILE C 54 24.10 29.49 -38.28
N ALA C 55 23.63 28.25 -38.28
CA ALA C 55 22.63 27.86 -37.27
C ALA C 55 23.15 28.23 -35.86
N PHE C 56 24.44 27.96 -35.63
CA PHE C 56 25.06 28.33 -34.35
C PHE C 56 24.99 29.82 -34.02
N GLU C 57 25.31 30.66 -35.00
CA GLU C 57 25.21 32.10 -34.83
C GLU C 57 23.76 32.55 -34.52
N LEU C 58 22.76 31.98 -35.22
CA LEU C 58 21.38 32.38 -35.01
C LEU C 58 20.94 31.99 -33.62
N PHE C 59 21.46 30.85 -33.16
CA PHE C 59 21.03 30.37 -31.87
C PHE C 59 21.61 31.33 -30.81
N ALA C 60 22.87 31.72 -31.00
CA ALA C 60 23.54 32.64 -30.07
C ALA C 60 22.86 34.02 -30.01
N LYS C 61 22.04 34.33 -31.02
CA LYS C 61 21.45 35.62 -31.14
C LYS C 61 19.95 35.54 -30.93
N ARG C 62 19.52 34.41 -30.38
CA ARG C 62 18.12 34.25 -30.02
C ARG C 62 17.79 35.20 -28.86
N LYS C 63 16.51 35.55 -28.74
CA LYS C 63 16.00 36.27 -27.56
C LYS C 63 16.06 35.30 -26.41
N VAL C 64 16.81 35.68 -25.39
CA VAL C 64 17.00 34.84 -24.21
C VAL C 64 16.13 35.33 -23.04
N GLY C 65 15.68 34.37 -22.22
CA GLY C 65 14.79 34.65 -21.12
C GLY C 65 13.33 34.71 -21.51
N LEU C 66 12.70 35.82 -21.14
CA LEU C 66 11.26 35.98 -21.37
C LEU C 66 10.94 36.23 -22.84
N THR C 67 10.12 35.35 -23.42
CA THR C 67 9.77 35.46 -24.83
C THR C 67 8.28 35.25 -25.03
N PRO C 68 7.75 35.76 -26.16
CA PRO C 68 6.34 35.59 -26.55
C PRO C 68 6.14 34.20 -27.13
N PRO C 69 4.95 33.63 -26.96
CA PRO C 69 4.59 32.31 -27.50
C PRO C 69 4.87 32.37 -28.99
N LEU C 70 5.09 31.24 -29.67
CA LEU C 70 5.54 31.23 -31.08
C LEU C 70 4.42 31.03 -32.10
N SER C 71 3.41 30.21 -31.78
CA SER C 71 2.46 29.83 -32.82
C SER C 71 1.70 31.05 -33.38
N ILE C 72 1.49 32.06 -32.53
CA ILE C 72 0.74 33.23 -32.95
C ILE C 72 1.53 34.01 -33.95
N LEU C 73 2.81 34.17 -33.66
CA LEU C 73 3.71 34.82 -34.61
C LEU C 73 3.72 34.10 -35.96
N LYS C 74 3.91 32.80 -35.97
CA LYS C 74 3.80 32.00 -37.21
C LYS C 74 2.44 32.24 -37.88
N ASN C 75 1.37 32.18 -37.11
CA ASN C 75 0.03 32.35 -37.65
C ASN C 75 -0.22 33.73 -38.31
N LEU C 76 0.45 34.73 -37.78
CA LEU C 76 0.40 36.09 -38.32
C LEU C 76 1.28 36.26 -39.56
N GLY C 77 1.83 35.16 -40.07
CA GLY C 77 2.61 35.17 -41.31
C GLY C 77 4.00 35.81 -41.22
N VAL C 78 4.52 35.85 -40.00
CA VAL C 78 5.85 36.38 -39.77
C VAL C 78 6.91 35.61 -40.61
N VAL C 79 7.74 36.36 -41.35
CA VAL C 79 8.65 35.76 -42.30
C VAL C 79 10.04 35.95 -41.80
N ALA C 80 10.24 37.02 -41.03
CA ALA C 80 11.59 37.34 -40.58
C ALA C 80 11.53 38.19 -39.33
N THR C 81 12.55 38.04 -38.49
CA THR C 81 12.71 38.83 -37.28
C THR C 81 13.78 39.93 -37.39
N TYR C 82 13.49 41.08 -36.80
CA TYR C 82 14.37 42.23 -36.98
C TYR C 82 15.35 42.38 -35.84
N LYS C 83 16.64 42.13 -36.13
CA LYS C 83 17.71 42.28 -35.14
C LYS C 83 17.66 41.32 -33.93
N PHE C 84 16.89 40.25 -34.04
CA PHE C 84 16.98 39.15 -33.06
C PHE C 84 16.51 37.89 -33.73
N VAL C 85 16.75 36.75 -33.08
CA VAL C 85 16.04 35.56 -33.53
C VAL C 85 15.16 35.00 -32.42
N LEU C 86 14.06 34.37 -32.83
CA LEU C 86 13.22 33.63 -31.93
C LEU C 86 13.55 32.17 -32.15
N TRP C 87 14.02 31.50 -31.09
CA TRP C 87 14.40 30.09 -31.16
C TRP C 87 13.21 29.20 -30.72
N ASP C 88 12.83 28.28 -31.59
CA ASP C 88 11.94 27.19 -31.18
C ASP C 88 12.77 26.04 -30.47
N TYR C 89 12.75 26.02 -29.14
CA TYR C 89 13.60 25.12 -28.36
C TYR C 89 13.23 23.66 -28.52
N GLU C 90 12.05 23.46 -29.07
CA GLU C 90 11.46 22.13 -29.16
C GLU C 90 11.91 21.55 -30.48
N ALA C 91 11.74 22.31 -31.57
CA ALA C 91 12.28 21.81 -32.87
C ALA C 91 13.78 22.00 -33.05
N GLU C 92 14.40 22.89 -32.25
CA GLU C 92 15.82 23.29 -32.32
C GLU C 92 16.21 24.07 -33.62
N ARG C 93 15.80 25.31 -33.73
CA ARG C 93 15.50 25.84 -35.03
C ARG C 93 14.95 27.26 -34.83
N PRO C 94 15.42 28.20 -35.60
CA PRO C 94 14.79 29.52 -35.62
C PRO C 94 13.33 29.43 -36.09
N LEU C 95 12.52 30.44 -35.71
CA LEU C 95 11.10 30.50 -36.07
C LEU C 95 10.90 30.36 -37.57
N THR C 96 11.74 31.05 -38.36
CA THR C 96 11.74 30.84 -39.80
C THR C 96 13.19 30.77 -40.24
N SER C 97 13.40 30.49 -41.53
CA SER C 97 14.73 30.47 -42.16
C SER C 97 15.32 31.85 -42.37
N PHE C 98 14.59 32.92 -42.03
CA PHE C 98 14.97 34.30 -42.45
C PHE C 98 15.03 35.33 -41.33
N THR C 99 15.97 36.25 -41.43
CA THR C 99 16.19 37.30 -40.45
C THR C 99 16.23 38.63 -41.18
N LYS C 100 16.43 39.71 -40.43
CA LYS C 100 16.74 41.02 -41.01
C LYS C 100 17.66 41.70 -40.01
N SER C 101 18.78 42.20 -40.54
CA SER C 101 19.90 42.76 -39.77
C SER C 101 20.43 41.87 -38.65
N VAL C 102 20.47 40.56 -38.90
CA VAL C 102 21.03 39.64 -37.88
C VAL C 102 22.28 38.97 -38.42
N CYS C 103 22.09 38.32 -39.56
CA CYS C 103 23.13 37.53 -40.16
C CYS C 103 23.05 37.61 -41.70
N GLY C 104 24.17 38.03 -42.30
CA GLY C 104 24.27 38.19 -43.75
C GLY C 104 23.71 37.00 -44.51
N TYR C 105 24.13 35.81 -44.09
CA TYR C 105 23.73 34.59 -44.78
C TYR C 105 22.17 34.40 -44.84
N THR C 106 21.46 34.81 -43.79
CA THR C 106 20.04 34.52 -43.68
C THR C 106 19.19 35.77 -43.88
N ASP C 107 19.86 36.94 -43.95
CA ASP C 107 19.11 38.21 -44.12
C ASP C 107 18.26 38.18 -45.39
N PHE C 108 17.12 38.83 -45.32
CA PHE C 108 16.14 38.71 -46.38
C PHE C 108 15.76 40.12 -46.77
N ALA C 109 16.43 40.64 -47.80
CA ALA C 109 16.33 42.05 -48.16
C ALA C 109 14.91 42.57 -48.41
N GLU C 110 14.10 41.74 -49.05
CA GLU C 110 12.78 42.16 -49.57
C GLU C 110 11.79 42.56 -48.49
N ASP C 111 10.93 43.54 -48.80
CA ASP C 111 9.89 43.98 -47.86
C ASP C 111 8.92 42.81 -47.68
N VAL C 112 8.67 42.45 -46.42
CA VAL C 112 7.87 41.28 -46.16
C VAL C 112 7.34 41.38 -44.74
N CYS C 113 6.43 40.53 -44.33
CA CYS C 113 5.90 40.58 -42.95
C CYS C 113 6.99 40.34 -41.90
N THR C 114 7.43 41.41 -41.26
CA THR C 114 8.55 41.32 -40.34
C THR C 114 8.05 41.47 -38.92
N CYS C 115 8.67 40.73 -37.99
CA CYS C 115 8.37 40.81 -36.56
C CYS C 115 9.39 41.68 -35.79
N TYR C 116 8.90 42.55 -34.93
CA TYR C 116 9.78 43.47 -34.25
C TYR C 116 9.67 43.28 -32.77
N ASP C 117 10.77 43.45 -32.06
CA ASP C 117 10.77 43.36 -30.59
C ASP C 117 10.88 44.78 -30.03
N ASN C 118 9.83 45.21 -29.38
CA ASN C 118 9.77 46.56 -28.83
C ASN C 118 10.89 46.90 -27.89
N SER C 119 11.57 45.88 -27.35
CA SER C 119 12.63 46.12 -26.37
C SER C 119 13.92 46.57 -27.07
N ILE C 120 13.92 46.47 -28.39
CA ILE C 120 15.09 46.80 -29.19
C ILE C 120 15.00 48.17 -29.91
N GLN C 121 15.97 49.03 -29.63
CA GLN C 121 15.91 50.39 -30.14
C GLN C 121 15.49 50.44 -31.60
N GLY C 122 14.45 51.22 -31.88
CA GLY C 122 14.09 51.54 -33.26
C GLY C 122 13.16 50.57 -33.97
N SER C 123 12.78 49.50 -33.29
CA SER C 123 11.89 48.49 -33.88
C SER C 123 10.44 48.99 -34.02
N TYR C 124 9.96 49.74 -33.02
CA TYR C 124 8.61 50.31 -33.06
C TYR C 124 8.38 51.24 -34.28
N GLU C 125 9.34 52.13 -34.53
CA GLU C 125 9.33 53.06 -35.67
C GLU C 125 9.26 52.34 -37.01
N ARG C 126 10.08 51.31 -37.15
CA ARG C 126 10.13 50.54 -38.39
C ARG C 126 8.83 49.77 -38.57
N PHE C 127 8.33 49.24 -37.46
CA PHE C 127 7.08 48.50 -37.44
C PHE C 127 5.95 49.39 -37.96
N THR C 128 5.85 50.61 -37.40
CA THR C 128 4.67 51.45 -37.70
C THR C 128 4.58 51.86 -39.17
N LEU C 129 5.76 52.06 -39.81
CA LEU C 129 5.85 52.38 -41.22
C LEU C 129 5.42 51.23 -42.13
N SER C 130 5.45 50.01 -41.64
CA SER C 130 5.33 48.85 -42.52
C SER C 130 3.94 48.59 -43.04
N THR C 131 3.87 47.97 -44.22
CA THR C 131 2.60 47.59 -44.82
C THR C 131 2.10 46.32 -44.14
N ASN C 132 2.99 45.35 -43.96
CA ASN C 132 2.71 44.18 -43.10
C ASN C 132 3.82 43.93 -42.07
N ALA C 133 3.43 43.80 -40.82
CA ALA C 133 4.39 43.64 -39.75
C ALA C 133 3.72 43.20 -38.45
N VAL C 134 4.50 42.61 -37.54
CA VAL C 134 4.02 42.32 -36.21
C VAL C 134 4.96 42.94 -35.16
N LEU C 135 4.41 43.38 -34.04
CA LEU C 135 5.21 43.96 -32.96
C LEU C 135 4.81 43.23 -31.68
N PHE C 136 5.78 42.86 -30.84
CA PHE C 136 5.48 42.39 -29.47
C PHE C 136 6.27 43.24 -28.46
N SER C 137 5.76 43.31 -27.25
CA SER C 137 6.25 44.27 -26.26
C SER C 137 5.76 43.81 -24.89
N ALA C 138 6.61 43.98 -23.87
CA ALA C 138 6.22 43.56 -22.52
C ALA C 138 5.24 44.54 -21.86
N THR C 139 5.05 45.69 -22.50
CA THR C 139 4.04 46.63 -22.03
C THR C 139 3.20 47.14 -23.19
N ALA C 140 2.04 47.69 -22.88
CA ALA C 140 1.18 48.32 -23.88
C ALA C 140 1.84 49.44 -24.67
N VAL C 141 1.64 49.40 -25.99
CA VAL C 141 2.16 50.45 -26.84
C VAL C 141 1.17 51.64 -27.00
N LYS C 142 1.69 52.83 -26.73
CA LYS C 142 0.91 54.06 -26.74
C LYS C 142 1.34 55.12 -27.78
N THR C 143 0.36 55.98 -28.10
CA THR C 143 0.61 57.32 -28.61
C THR C 143 -0.52 58.26 -28.08
N GLY C 144 -0.15 59.08 -27.11
CA GLY C 144 -1.09 59.90 -26.38
C GLY C 144 -2.35 59.17 -25.98
N GLY C 145 -2.35 58.62 -24.77
CA GLY C 145 -3.56 58.07 -24.15
C GLY C 145 -4.02 56.75 -24.74
N LYS C 146 -3.80 56.62 -26.04
CA LYS C 146 -4.31 55.49 -26.80
C LYS C 146 -3.38 54.29 -26.96
N SER C 147 -3.76 53.26 -26.22
CA SER C 147 -3.54 51.90 -26.64
C SER C 147 -3.85 51.79 -28.12
N LEU C 148 -2.89 51.21 -28.84
CA LEU C 148 -3.23 50.55 -30.07
C LEU C 148 -3.96 49.31 -29.57
N PRO C 149 -4.98 48.89 -30.30
CA PRO C 149 -5.60 47.61 -29.92
C PRO C 149 -4.50 46.51 -30.00
N ALA C 150 -4.55 45.50 -29.13
CA ALA C 150 -3.48 44.49 -29.07
C ALA C 150 -4.04 43.10 -28.90
N ILE C 151 -3.24 42.09 -29.28
CA ILE C 151 -3.38 40.74 -28.72
C ILE C 151 -2.79 40.83 -27.32
N LYS C 152 -3.59 40.49 -26.31
CA LYS C 152 -3.16 40.56 -24.91
C LYS C 152 -2.99 39.16 -24.29
N LEU C 153 -1.76 38.83 -23.92
CA LEU C 153 -1.40 37.51 -23.43
C LEU C 153 -1.04 37.59 -21.96
N ASN C 154 -1.54 36.65 -21.17
CA ASN C 154 -1.24 36.63 -19.72
C ASN C 154 -0.40 35.40 -19.41
N PHE C 155 0.34 34.97 -20.42
CA PHE C 155 1.27 33.88 -20.28
C PHE C 155 2.35 34.07 -21.32
N GLY C 156 3.38 33.22 -21.29
CA GLY C 156 4.52 33.36 -22.18
C GLY C 156 5.53 32.21 -22.03
N MET C 157 6.71 32.42 -22.62
CA MET C 157 7.72 31.42 -22.52
C MET C 157 8.89 32.01 -21.73
N LEU C 158 9.73 31.13 -21.19
CA LEU C 158 10.89 31.51 -20.42
C LEU C 158 11.95 30.46 -20.76
N ASN C 159 12.89 30.88 -21.63
CA ASN C 159 13.98 30.05 -22.14
C ASN C 159 13.41 28.76 -22.77
N GLY C 160 12.31 28.90 -23.51
CA GLY C 160 11.59 27.74 -24.05
C GLY C 160 10.66 27.04 -23.08
N ASN C 161 10.58 27.52 -21.84
CA ASN C 161 9.64 26.87 -20.91
C ASN C 161 8.33 27.64 -20.78
N ALA C 162 7.21 26.91 -20.76
CA ALA C 162 5.90 27.60 -20.63
C ALA C 162 5.78 28.19 -19.21
N ILE C 163 5.42 29.47 -19.14
CA ILE C 163 5.11 30.10 -17.88
C ILE C 163 3.81 30.92 -17.95
N ALA C 164 3.18 31.15 -16.80
CA ALA C 164 1.90 31.89 -16.74
C ALA C 164 1.87 32.86 -15.56
N THR C 165 1.03 33.88 -15.69
CA THR C 165 0.67 34.76 -14.57
C THR C 165 0.14 33.86 -13.43
N VAL C 166 0.65 34.05 -12.21
CA VAL C 166 0.54 33.06 -11.16
C VAL C 166 0.23 33.57 -9.73
N ASN C 172 3.25 35.72 -3.86
CA ASN C 172 3.01 34.78 -4.95
C ASN C 172 2.75 35.45 -6.31
N ILE C 173 2.36 36.74 -6.28
CA ILE C 173 1.59 37.46 -7.35
C ILE C 173 2.30 38.09 -8.61
N LYS C 174 2.50 37.26 -9.63
CA LYS C 174 3.51 37.44 -10.65
C LYS C 174 2.86 37.59 -12.02
N ASN C 175 3.00 38.76 -12.62
CA ASN C 175 2.38 39.06 -13.90
C ASN C 175 3.20 38.74 -15.13
N ILE C 176 2.63 37.91 -15.98
CA ILE C 176 3.30 37.57 -17.21
C ILE C 176 2.47 38.08 -18.34
N ASN C 177 2.97 39.12 -19.01
CA ASN C 177 2.26 39.77 -20.11
C ASN C 177 3.02 39.94 -21.45
N TRP C 178 2.33 39.62 -22.54
CA TRP C 178 2.79 40.04 -23.86
C TRP C 178 1.73 40.85 -24.56
N PHE C 179 2.15 41.89 -25.27
CA PHE C 179 1.26 42.68 -26.10
C PHE C 179 1.73 42.50 -27.52
N VAL C 180 0.85 42.00 -28.37
CA VAL C 180 1.22 41.69 -29.75
C VAL C 180 0.34 42.45 -30.74
N TYR C 181 0.98 43.27 -31.58
CA TYR C 181 0.27 44.17 -32.52
C TYR C 181 0.48 43.77 -33.98
N VAL C 182 -0.58 43.87 -34.76
CA VAL C 182 -0.49 43.59 -36.19
C VAL C 182 -0.78 44.84 -37.05
N ARG C 183 0.04 45.05 -38.07
CA ARG C 183 -0.29 45.95 -39.17
C ARG C 183 -0.47 45.11 -40.45
N LYS C 184 -1.56 45.33 -41.18
CA LYS C 184 -1.84 44.52 -42.36
C LYS C 184 -2.50 45.34 -43.49
N ASP C 185 -1.92 45.23 -44.69
CA ASP C 185 -2.35 45.99 -45.87
C ASP C 185 -2.27 47.49 -45.61
N GLY C 186 -1.25 47.89 -44.85
CA GLY C 186 -0.95 49.30 -44.64
C GLY C 186 -1.56 49.98 -43.42
N LYS C 187 -2.29 49.24 -42.58
CA LYS C 187 -3.01 49.85 -41.45
C LYS C 187 -3.21 48.94 -40.22
N PRO C 188 -3.26 49.54 -39.01
CA PRO C 188 -3.46 48.72 -37.80
C PRO C 188 -4.61 47.75 -37.96
N VAL C 189 -4.51 46.58 -37.32
CA VAL C 189 -5.65 45.67 -37.21
C VAL C 189 -6.57 46.16 -36.09
N ASP C 190 -7.87 46.30 -36.39
CA ASP C 190 -8.89 46.91 -35.54
C ASP C 190 -8.95 46.31 -34.15
N HIS C 191 -8.87 44.99 -34.13
CA HIS C 191 -9.43 44.20 -33.06
C HIS C 191 -8.94 42.75 -33.18
N TYR C 192 -8.95 42.03 -32.06
CA TYR C 192 -8.43 40.67 -32.07
C TYR C 192 -9.35 39.74 -31.30
N ASP C 193 -9.94 38.80 -32.03
CA ASP C 193 -10.81 37.80 -31.44
C ASP C 193 -10.10 36.49 -31.08
N GLY C 194 -10.78 35.69 -30.27
CA GLY C 194 -10.50 34.29 -30.14
C GLY C 194 -9.77 33.88 -28.88
N PHE C 195 -9.33 32.62 -28.87
CA PHE C 195 -8.54 32.09 -27.75
C PHE C 195 -7.09 31.83 -28.17
N TYR C 196 -6.21 31.65 -27.17
CA TYR C 196 -4.78 31.38 -27.38
C TYR C 196 -4.28 30.06 -26.75
N THR C 197 -3.58 29.25 -27.55
CA THR C 197 -3.00 28.01 -27.04
C THR C 197 -1.99 28.40 -26.00
N GLN C 198 -1.72 27.50 -25.07
CA GLN C 198 -0.92 27.84 -23.88
C GLN C 198 0.57 27.46 -24.02
N GLY C 199 0.89 26.65 -25.04
CA GLY C 199 2.26 26.20 -25.26
C GLY C 199 2.90 25.32 -24.19
N ARG C 200 2.12 24.58 -23.43
CA ARG C 200 2.72 23.69 -22.46
C ARG C 200 3.07 22.35 -23.15
N ASN C 201 3.82 21.51 -22.48
CA ASN C 201 4.00 20.14 -22.97
C ASN C 201 3.52 19.09 -21.90
N LEU C 202 3.42 17.82 -22.34
CA LEU C 202 3.00 16.70 -21.52
C LEU C 202 3.78 16.55 -20.21
N GLN C 203 5.10 16.62 -20.31
CA GLN C 203 5.96 16.48 -19.13
C GLN C 203 5.87 17.62 -18.11
N ASP C 204 5.81 18.85 -18.57
CA ASP C 204 5.99 20.00 -17.69
C ASP C 204 4.69 20.76 -17.39
N PHE C 205 3.58 20.19 -17.88
CA PHE C 205 2.23 20.79 -17.72
C PHE C 205 1.93 21.20 -16.25
N LEU C 206 1.56 22.45 -16.09
CA LEU C 206 1.05 22.96 -14.83
C LEU C 206 -0.31 23.59 -15.14
N PRO C 207 -1.28 23.40 -14.24
CA PRO C 207 -2.62 23.97 -14.43
C PRO C 207 -2.54 25.48 -14.28
N ARG C 208 -3.47 26.22 -14.91
CA ARG C 208 -3.49 27.68 -14.88
C ARG C 208 -4.81 28.27 -14.42
N SER C 209 -5.72 27.40 -14.02
CA SER C 209 -7.06 27.82 -13.55
C SER C 209 -7.59 26.83 -12.54
N THR C 210 -8.56 27.27 -11.75
CA THR C 210 -9.16 26.40 -10.78
C THR C 210 -9.80 25.24 -11.52
N MET C 211 -10.43 25.51 -12.66
CA MET C 211 -11.05 24.42 -13.38
C MET C 211 -10.02 23.36 -13.80
N GLU C 212 -8.84 23.80 -14.27
CA GLU C 212 -7.76 22.88 -14.67
C GLU C 212 -7.21 22.07 -13.47
N GLU C 213 -6.92 22.75 -12.36
CA GLU C 213 -6.64 22.12 -11.11
C GLU C 213 -7.66 21.01 -10.85
N ASP C 214 -8.94 21.33 -11.03
CA ASP C 214 -10.02 20.38 -10.65
C ASP C 214 -10.11 19.22 -11.60
N PHE C 215 -9.77 19.47 -12.87
CA PHE C 215 -9.82 18.40 -13.88
C PHE C 215 -8.81 17.30 -13.51
N LEU C 216 -7.60 17.73 -13.15
CA LEU C 216 -6.50 16.82 -12.82
C LEU C 216 -6.70 16.11 -11.49
N ASN C 217 -7.44 16.77 -10.58
CA ASN C 217 -7.49 16.31 -9.20
C ASN C 217 -8.75 15.52 -8.79
N MET C 218 -9.89 15.93 -9.35
CA MET C 218 -11.17 15.34 -8.97
C MET C 218 -11.53 14.05 -9.70
N ASP C 219 -12.57 13.42 -9.18
CA ASP C 219 -13.24 12.35 -9.88
C ASP C 219 -13.94 12.88 -11.09
N ILE C 220 -14.15 12.01 -12.08
CA ILE C 220 -14.84 12.39 -13.31
C ILE C 220 -16.24 12.94 -13.05
N GLY C 221 -17.09 12.16 -12.35
CA GLY C 221 -18.48 12.56 -12.11
C GLY C 221 -18.57 13.86 -11.34
N VAL C 222 -17.72 13.98 -10.33
CA VAL C 222 -17.63 15.19 -9.52
C VAL C 222 -17.19 16.42 -10.32
N PHE C 223 -16.20 16.25 -11.21
CA PHE C 223 -15.77 17.38 -11.99
C PHE C 223 -16.92 17.78 -12.94
N ILE C 224 -17.54 16.79 -13.59
CA ILE C 224 -18.49 17.08 -14.65
C ILE C 224 -19.70 17.81 -14.05
N GLN C 225 -20.09 17.36 -12.86
CA GLN C 225 -21.23 17.95 -12.15
C GLN C 225 -20.95 19.38 -11.70
N LYS C 226 -19.78 19.59 -11.10
CA LYS C 226 -19.37 20.93 -10.65
C LYS C 226 -19.41 21.96 -11.79
N TYR C 227 -19.12 21.54 -13.02
CA TYR C 227 -18.98 22.53 -14.11
C TYR C 227 -20.10 22.40 -15.12
N GLY C 228 -21.03 21.48 -14.84
CA GLY C 228 -22.27 21.38 -15.60
C GLY C 228 -22.03 20.95 -17.02
N LEU C 229 -21.31 19.83 -17.17
CA LEU C 229 -20.81 19.44 -18.50
C LEU C 229 -21.54 18.23 -19.06
N GLU C 230 -22.69 17.91 -18.47
CA GLU C 230 -23.35 16.62 -18.73
C GLU C 230 -23.72 16.36 -20.22
N ASP C 231 -23.99 17.43 -20.96
CA ASP C 231 -24.43 17.33 -22.36
C ASP C 231 -23.24 17.35 -23.34
N PHE C 232 -22.04 17.58 -22.79
CA PHE C 232 -20.79 17.55 -23.54
C PHE C 232 -20.13 16.24 -23.24
N ASN C 233 -19.88 15.42 -24.23
CA ASN C 233 -19.41 14.07 -23.94
C ASN C 233 -17.98 14.18 -23.40
N PHE C 234 -17.79 14.82 -22.25
CA PHE C 234 -16.45 15.07 -21.72
C PHE C 234 -15.63 13.78 -21.50
N GLU C 235 -16.28 12.71 -21.03
CA GLU C 235 -15.64 11.40 -20.83
C GLU C 235 -14.96 10.91 -22.12
N HIS C 236 -15.58 11.24 -23.26
CA HIS C 236 -15.00 10.91 -24.55
C HIS C 236 -14.06 12.03 -25.06
N VAL C 237 -14.62 13.21 -25.27
CA VAL C 237 -13.92 14.32 -25.84
C VAL C 237 -12.68 14.79 -25.09
N VAL C 238 -12.71 14.80 -23.77
CA VAL C 238 -11.57 15.35 -23.01
C VAL C 238 -10.83 14.34 -22.13
N TYR C 239 -11.59 13.52 -21.42
CA TYR C 239 -11.03 12.48 -20.59
C TYR C 239 -10.33 11.39 -21.43
N GLY C 240 -10.93 11.05 -22.57
CA GLY C 240 -10.42 10.00 -23.43
C GLY C 240 -11.00 8.67 -22.99
N ASP C 241 -11.25 7.82 -23.99
CA ASP C 241 -11.83 6.50 -23.77
C ASP C 241 -10.80 5.39 -24.08
N VAL C 242 -10.29 4.79 -23.02
CA VAL C 242 -9.16 3.91 -23.14
C VAL C 242 -9.65 2.48 -23.11
N SER C 243 -10.96 2.30 -23.30
CA SER C 243 -11.64 1.00 -23.07
C SER C 243 -11.56 0.06 -24.26
N LYS C 244 -11.44 0.62 -25.48
CA LYS C 244 -11.14 -0.23 -26.67
C LYS C 244 -9.67 -0.08 -27.09
N THR C 245 -9.21 -0.97 -27.97
CA THR C 245 -7.83 -0.91 -28.45
C THR C 245 -7.56 0.38 -29.23
N THR C 246 -8.61 0.95 -29.83
CA THR C 246 -8.57 2.29 -30.43
C THR C 246 -9.03 3.36 -29.41
N LEU C 247 -8.13 4.27 -29.05
CA LEU C 247 -8.39 5.15 -27.95
C LEU C 247 -9.21 6.31 -28.46
N GLY C 248 -10.36 6.54 -27.82
CA GLY C 248 -11.32 7.54 -28.31
C GLY C 248 -11.14 8.94 -27.75
N GLY C 249 -11.47 9.93 -28.57
CA GLY C 249 -11.41 11.33 -28.18
C GLY C 249 -10.03 11.85 -27.81
N LEU C 250 -9.88 12.34 -26.57
CA LEU C 250 -8.58 12.82 -26.06
C LEU C 250 -8.03 13.99 -26.87
N HIS C 251 -8.76 15.11 -26.96
CA HIS C 251 -8.35 16.19 -27.88
C HIS C 251 -7.78 17.45 -27.25
N LEU C 252 -7.37 17.37 -25.99
CA LEU C 252 -6.52 18.43 -25.42
C LEU C 252 -5.19 17.87 -24.86
N LEU C 253 -4.15 18.71 -24.79
CA LEU C 253 -2.95 18.43 -24.00
C LEU C 253 -3.34 17.91 -22.60
N ILE C 254 -4.14 18.68 -21.88
CA ILE C 254 -4.52 18.29 -20.52
C ILE C 254 -5.12 16.87 -20.47
N SER C 255 -5.87 16.45 -21.50
CA SER C 255 -6.30 15.03 -21.61
C SER C 255 -5.13 14.03 -21.40
N GLN C 256 -4.05 14.22 -22.13
CA GLN C 256 -2.89 13.38 -21.98
C GLN C 256 -2.32 13.48 -20.56
N VAL C 257 -2.27 14.70 -20.00
CA VAL C 257 -1.59 14.96 -18.74
C VAL C 257 -2.30 14.13 -17.67
N ARG C 258 -3.63 14.19 -17.68
CA ARG C 258 -4.42 13.48 -16.68
C ARG C 258 -4.23 11.95 -16.79
N LEU C 259 -4.37 11.46 -18.03
CA LEU C 259 -4.27 10.05 -18.34
C LEU C 259 -2.88 9.46 -17.96
N SER C 260 -1.83 10.26 -18.11
CA SER C 260 -0.48 9.81 -17.79
C SER C 260 -0.23 9.81 -16.27
N LYS C 261 -1.10 10.46 -15.51
CA LYS C 261 -1.12 10.29 -14.06
C LYS C 261 -1.73 8.96 -13.65
N MET C 262 -2.54 8.38 -14.53
CA MET C 262 -3.23 7.10 -14.25
C MET C 262 -2.39 5.88 -14.60
N GLY C 263 -1.42 6.07 -15.49
CA GLY C 263 -0.64 4.97 -15.99
C GLY C 263 0.36 5.50 -16.98
N ILE C 264 0.93 4.59 -17.78
CA ILE C 264 2.00 4.93 -18.75
C ILE C 264 1.45 5.35 -20.12
N LEU C 265 1.60 6.64 -20.42
CA LEU C 265 1.06 7.19 -21.65
C LEU C 265 2.19 7.76 -22.54
N LYS C 266 2.26 7.28 -23.79
CA LYS C 266 3.25 7.76 -24.75
C LYS C 266 2.53 8.65 -25.74
N ALA C 267 3.11 9.81 -26.07
CA ALA C 267 2.58 10.71 -27.13
C ALA C 267 3.71 11.13 -28.08
N GLU C 268 3.68 10.58 -29.31
CA GLU C 268 4.76 10.77 -30.30
C GLU C 268 4.31 11.80 -31.33
N GLU C 269 4.88 13.00 -31.22
CA GLU C 269 4.46 14.11 -32.09
C GLU C 269 4.85 13.85 -33.58
N PHE C 270 3.95 14.16 -34.49
CA PHE C 270 4.23 13.96 -35.91
C PHE C 270 5.42 14.82 -36.38
N VAL C 271 5.44 16.08 -35.97
CA VAL C 271 6.55 16.96 -36.31
C VAL C 271 6.84 17.79 -35.05
N ALA C 272 8.00 17.60 -34.45
CA ALA C 272 8.41 18.41 -33.27
C ALA C 272 8.43 19.92 -33.57
N ALA C 273 7.83 20.74 -32.71
CA ALA C 273 7.71 22.20 -33.00
C ALA C 273 7.08 22.86 -31.80
N SER C 274 7.39 24.14 -31.57
CA SER C 274 6.71 24.84 -30.46
C SER C 274 6.06 26.10 -31.03
N ASP C 275 5.89 26.09 -32.34
CA ASP C 275 5.41 27.28 -33.02
C ASP C 275 4.18 26.94 -33.86
N ILE C 276 3.47 25.90 -33.47
CA ILE C 276 2.31 25.44 -34.18
C ILE C 276 1.08 25.32 -33.25
N THR C 277 -0.11 25.55 -33.80
CA THR C 277 -1.30 25.66 -32.98
C THR C 277 -2.02 24.35 -32.89
N LEU C 278 -2.39 23.80 -34.04
CA LEU C 278 -3.00 22.47 -34.09
C LEU C 278 -1.88 21.38 -34.00
N LYS C 279 -1.99 20.51 -33.01
CA LYS C 279 -0.91 19.56 -32.78
C LYS C 279 -1.43 18.22 -33.10
N CYS C 280 -0.52 17.26 -33.15
CA CYS C 280 -0.92 15.93 -33.53
C CYS C 280 0.12 14.87 -33.18
N CYS C 281 -0.33 13.76 -32.64
CA CYS C 281 0.60 12.71 -32.30
C CYS C 281 -0.04 11.36 -32.48
N THR C 282 0.81 10.33 -32.32
CA THR C 282 0.37 8.96 -32.11
C THR C 282 0.46 8.79 -30.60
N VAL C 283 -0.67 8.42 -30.01
CA VAL C 283 -0.77 8.26 -28.57
C VAL C 283 -0.99 6.78 -28.19
N THR C 284 -0.19 6.30 -27.23
CA THR C 284 -0.34 4.93 -26.73
C THR C 284 -0.47 4.92 -25.19
N TYR C 285 -1.43 4.15 -24.66
CA TYR C 285 -1.61 3.91 -23.23
C TYR C 285 -1.32 2.42 -22.95
N LEU C 286 -0.28 2.10 -22.16
CA LEU C 286 0.11 0.68 -21.97
C LEU C 286 -0.78 -0.13 -20.99
N ASN C 287 -1.22 0.45 -19.87
CA ASN C 287 -1.85 -0.31 -18.80
C ASN C 287 -3.15 -1.03 -19.19
N ASP C 288 -4.02 -0.29 -19.88
CA ASP C 288 -5.21 -0.83 -20.55
C ASP C 288 -4.99 -0.59 -22.04
N PRO C 289 -4.23 -1.48 -22.69
CA PRO C 289 -3.68 -1.24 -24.06
C PRO C 289 -4.67 -0.54 -25.01
N SER C 290 -4.35 0.71 -25.32
CA SER C 290 -5.18 1.53 -26.19
C SER C 290 -4.30 2.59 -26.91
N SER C 291 -4.60 2.85 -28.18
CA SER C 291 -3.84 3.84 -28.95
C SER C 291 -4.69 4.49 -30.02
N LYS C 292 -4.28 5.69 -30.40
CA LYS C 292 -4.86 6.42 -31.50
C LYS C 292 -3.70 6.89 -32.37
N THR C 293 -3.68 6.40 -33.62
CA THR C 293 -2.61 6.74 -34.55
C THR C 293 -2.58 8.24 -34.87
N VAL C 294 -3.73 8.77 -35.30
CA VAL C 294 -3.82 10.20 -35.54
C VAL C 294 -4.71 10.91 -34.50
N CYS C 295 -4.01 11.47 -33.51
CA CYS C 295 -4.62 12.07 -32.38
C CYS C 295 -4.38 13.57 -32.45
N THR C 296 -5.36 14.31 -32.96
CA THR C 296 -5.29 15.78 -32.97
C THR C 296 -5.62 16.35 -31.60
N TYR C 297 -4.91 17.41 -31.24
CA TYR C 297 -5.16 18.09 -29.96
C TYR C 297 -4.55 19.52 -29.99
N MET C 298 -4.97 20.33 -29.03
CA MET C 298 -4.46 21.66 -28.84
C MET C 298 -4.33 21.84 -27.35
N ASP C 299 -3.37 22.67 -26.94
CA ASP C 299 -3.31 23.03 -25.54
C ASP C 299 -4.15 24.31 -25.31
N LEU C 300 -5.46 24.11 -25.28
CA LEU C 300 -6.37 25.20 -24.92
C LEU C 300 -6.48 25.30 -23.39
N LEU C 301 -6.54 26.52 -22.86
CA LEU C 301 -7.01 26.72 -21.49
C LEU C 301 -8.31 25.94 -21.34
N LEU C 302 -8.39 25.02 -20.38
CA LEU C 302 -9.63 24.24 -20.20
C LEU C 302 -10.94 25.13 -20.11
N ASP C 303 -10.88 26.24 -19.38
CA ASP C 303 -11.97 27.20 -19.36
C ASP C 303 -12.42 27.62 -20.77
N ASP C 304 -11.49 28.07 -21.59
CA ASP C 304 -11.83 28.45 -22.96
C ASP C 304 -12.46 27.30 -23.73
N PHE C 305 -11.93 26.09 -23.60
CA PHE C 305 -12.48 25.01 -24.39
C PHE C 305 -13.94 24.79 -24.00
N VAL C 306 -14.18 24.83 -22.69
CA VAL C 306 -15.50 24.61 -22.15
C VAL C 306 -16.43 25.71 -22.66
N SER C 307 -15.96 26.94 -22.54
CA SER C 307 -16.65 28.11 -23.08
C SER C 307 -17.06 27.92 -24.57
N VAL C 308 -16.20 27.30 -25.39
CA VAL C 308 -16.57 26.91 -26.77
C VAL C 308 -17.68 25.88 -26.82
N LEU C 309 -17.54 24.79 -26.05
CA LEU C 309 -18.61 23.80 -25.86
C LEU C 309 -19.97 24.43 -25.54
N LYS C 310 -19.98 25.31 -24.55
CA LYS C 310 -21.21 25.98 -24.07
C LYS C 310 -21.68 27.10 -25.01
N SER C 311 -21.40 26.96 -26.30
CA SER C 311 -21.84 27.95 -27.26
C SER C 311 -22.18 27.19 -28.55
N LEU C 312 -22.21 25.87 -28.41
CA LEU C 312 -22.50 24.98 -29.52
C LEU C 312 -23.99 24.67 -29.53
N ASP C 313 -24.52 24.46 -30.74
CA ASP C 313 -25.90 24.01 -30.89
C ASP C 313 -25.96 22.50 -30.84
N LEU C 314 -26.62 21.98 -29.81
CA LEU C 314 -26.63 20.54 -29.59
C LEU C 314 -27.77 19.83 -30.33
N THR C 315 -28.47 20.60 -31.17
CA THR C 315 -29.67 20.15 -31.86
C THR C 315 -29.42 19.64 -33.26
N VAL C 316 -28.32 20.10 -33.88
CA VAL C 316 -27.90 19.58 -35.18
C VAL C 316 -27.34 18.16 -35.09
N VAL C 317 -27.34 17.43 -36.19
CA VAL C 317 -26.65 16.13 -36.21
C VAL C 317 -25.13 16.28 -36.51
N SER C 318 -24.81 17.09 -37.51
CA SER C 318 -23.43 17.44 -37.75
C SER C 318 -23.34 18.88 -38.28
N LYS C 319 -22.55 19.70 -37.59
CA LYS C 319 -22.08 20.94 -38.15
C LYS C 319 -20.54 21.01 -38.10
N VAL C 320 -19.96 21.86 -38.92
CA VAL C 320 -18.56 22.22 -38.75
C VAL C 320 -18.54 23.60 -38.15
N HIS C 321 -17.95 23.73 -36.96
CA HIS C 321 -17.83 25.03 -36.31
C HIS C 321 -16.46 25.66 -36.50
N GLU C 322 -16.44 26.97 -36.65
CA GLU C 322 -15.20 27.65 -36.82
C GLU C 322 -14.82 28.22 -35.45
N VAL C 323 -13.65 27.85 -34.94
CA VAL C 323 -13.22 28.51 -33.73
C VAL C 323 -11.91 29.26 -33.92
N ILE C 324 -11.86 30.44 -33.33
CA ILE C 324 -10.70 31.31 -33.48
C ILE C 324 -9.72 31.04 -32.36
N ILE C 325 -8.58 30.49 -32.75
CA ILE C 325 -7.50 30.17 -31.84
C ILE C 325 -6.20 30.66 -32.47
N ASP C 326 -5.47 31.47 -31.70
CA ASP C 326 -4.16 31.97 -32.10
C ASP C 326 -4.33 32.83 -33.32
N ASN C 327 -5.47 33.51 -33.40
CA ASN C 327 -5.76 34.46 -34.47
C ASN C 327 -6.17 33.83 -35.82
N LYS C 328 -6.49 32.54 -35.79
CA LYS C 328 -6.82 31.80 -37.00
C LYS C 328 -8.11 31.02 -36.81
N PRO C 329 -8.94 30.93 -37.87
CA PRO C 329 -10.13 30.11 -37.85
C PRO C 329 -9.75 28.64 -37.97
N TRP C 330 -10.26 27.80 -37.09
CA TRP C 330 -10.00 26.37 -37.14
C TRP C 330 -11.31 25.63 -37.30
N ARG C 331 -11.31 24.62 -38.16
CA ARG C 331 -12.52 23.85 -38.39
C ARG C 331 -12.67 22.74 -37.33
N TRP C 332 -13.72 22.84 -36.52
CA TRP C 332 -14.04 21.79 -35.54
C TRP C 332 -15.34 21.08 -35.86
N MET C 333 -15.23 19.76 -36.05
CA MET C 333 -16.37 18.91 -36.41
C MET C 333 -17.19 18.53 -35.18
N LEU C 334 -18.49 18.80 -35.23
CA LEU C 334 -19.39 18.43 -34.13
C LEU C 334 -20.50 17.43 -34.54
N TRP C 335 -20.43 16.21 -34.02
CA TRP C 335 -21.54 15.26 -34.12
C TRP C 335 -22.36 15.28 -32.84
N CYS C 336 -23.67 15.51 -32.97
CA CYS C 336 -24.55 15.52 -31.80
C CYS C 336 -25.57 14.42 -31.90
N LYS C 337 -26.15 14.09 -30.77
CA LYS C 337 -27.14 13.04 -30.71
C LYS C 337 -28.03 13.17 -29.47
N ASP C 338 -29.32 13.38 -29.68
CA ASP C 338 -30.27 13.58 -28.58
C ASP C 338 -29.83 14.74 -27.69
N ASN C 339 -29.43 15.85 -28.31
CA ASN C 339 -29.14 17.08 -27.57
C ASN C 339 -27.95 16.98 -26.62
N ALA C 340 -27.13 15.96 -26.86
CA ALA C 340 -25.82 15.88 -26.21
C ALA C 340 -24.76 15.80 -27.32
N VAL C 341 -23.55 16.21 -27.00
CA VAL C 341 -22.40 15.99 -27.88
C VAL C 341 -22.09 14.50 -28.01
N ALA C 342 -21.90 14.04 -29.24
CA ALA C 342 -21.39 12.70 -29.50
C ALA C 342 -19.87 12.76 -29.68
N THR C 343 -19.42 13.61 -30.62
CA THR C 343 -17.99 13.88 -30.86
C THR C 343 -17.72 15.34 -31.18
N PHE C 344 -16.59 15.82 -30.70
CA PHE C 344 -16.13 17.17 -31.02
C PHE C 344 -14.61 17.16 -31.22
N TYR C 345 -14.16 17.36 -32.46
CA TYR C 345 -12.75 17.28 -32.83
C TYR C 345 -12.42 18.26 -33.96
N PRO C 346 -11.13 18.69 -34.04
CA PRO C 346 -10.62 19.58 -35.09
C PRO C 346 -10.34 18.83 -36.40
N GLN C 347 -10.56 19.51 -37.53
CA GLN C 347 -10.61 18.95 -38.92
C GLN C 347 -11.95 18.27 -39.16
N SER D 1 4.48 7.14 -54.69
CA SER D 1 4.54 8.15 -55.76
C SER D 1 5.51 9.26 -55.37
N GLY D 2 6.72 8.89 -54.99
CA GLY D 2 7.73 9.92 -54.81
C GLY D 2 7.85 10.46 -53.39
N LEU D 3 9.04 10.92 -53.06
CA LEU D 3 9.34 11.26 -51.70
C LEU D 3 8.43 12.36 -51.20
N GLU D 4 8.00 13.25 -52.10
CA GLU D 4 7.12 14.35 -51.73
C GLU D 4 5.77 13.84 -51.13
N ASN D 5 5.21 12.81 -51.77
CA ASN D 5 3.97 12.19 -51.31
C ASN D 5 4.18 11.46 -49.99
N ILE D 6 5.32 10.77 -49.86
CA ILE D 6 5.64 10.09 -48.62
C ILE D 6 5.79 11.09 -47.46
N ALA D 7 6.47 12.22 -47.73
CA ALA D 7 6.55 13.29 -46.73
C ALA D 7 5.17 13.80 -46.36
N PHE D 8 4.29 13.98 -47.36
CA PHE D 8 2.93 14.39 -47.07
C PHE D 8 2.21 13.44 -46.07
N ASN D 9 2.19 12.16 -46.40
CA ASN D 9 1.71 11.15 -45.47
C ASN D 9 2.37 11.19 -44.07
N VAL D 10 3.68 11.18 -44.01
CA VAL D 10 4.35 11.15 -42.71
C VAL D 10 3.96 12.37 -41.84
N VAL D 11 4.00 13.55 -42.43
CA VAL D 11 3.62 14.75 -41.71
C VAL D 11 2.12 14.83 -41.28
N ASN D 12 1.22 14.31 -42.11
CA ASN D 12 -0.21 14.39 -41.79
C ASN D 12 -0.88 13.12 -41.18
N LYS D 13 -0.23 11.97 -41.33
CA LYS D 13 -0.81 10.69 -40.92
C LYS D 13 0.21 9.90 -40.10
N GLY D 14 1.41 10.47 -39.97
CA GLY D 14 2.48 9.90 -39.17
C GLY D 14 3.12 8.66 -39.76
N SER D 15 2.65 8.31 -40.96
CA SER D 15 3.18 7.16 -41.71
C SER D 15 2.58 7.16 -43.14
N PHE D 16 3.07 6.28 -43.98
CA PHE D 16 2.54 6.20 -45.34
C PHE D 16 1.28 5.36 -45.38
N VAL D 17 0.19 6.02 -45.75
CA VAL D 17 -1.12 5.34 -45.81
C VAL D 17 -1.73 5.38 -47.23
N GLY D 18 -1.02 6.00 -48.15
CA GLY D 18 -1.51 6.14 -49.51
C GLY D 18 -2.39 7.37 -49.67
N ALA D 19 -2.25 8.34 -48.77
CA ALA D 19 -2.95 9.62 -48.89
C ALA D 19 -2.38 10.37 -50.06
N ASP D 20 -3.23 11.16 -50.73
CA ASP D 20 -2.80 12.04 -51.82
C ASP D 20 -2.32 13.35 -51.24
N GLY D 21 -1.33 13.94 -51.91
CA GLY D 21 -0.74 15.16 -51.41
C GLY D 21 0.79 15.17 -51.49
N GLU D 22 1.35 16.38 -51.50
CA GLU D 22 2.79 16.53 -51.70
C GLU D 22 3.36 17.63 -50.84
N LEU D 23 4.49 17.33 -50.23
CA LEU D 23 5.28 18.33 -49.51
C LEU D 23 6.73 18.31 -50.04
N PRO D 24 7.32 19.49 -50.24
CA PRO D 24 8.73 19.49 -50.63
C PRO D 24 9.61 18.93 -49.49
N VAL D 25 10.43 17.93 -49.79
CA VAL D 25 11.28 17.20 -48.86
C VAL D 25 12.67 17.06 -49.45
N ALA D 26 13.68 17.06 -48.59
CA ALA D 26 15.08 16.80 -49.03
C ALA D 26 15.80 16.17 -47.86
N ALA D 27 16.51 15.08 -48.12
CA ALA D 27 17.38 14.57 -47.09
C ALA D 27 18.61 15.37 -47.19
N SER D 28 19.32 15.50 -46.08
CA SER D 28 20.53 16.31 -46.05
C SER D 28 21.38 15.77 -44.90
N GLY D 29 22.42 15.01 -45.24
CA GLY D 29 23.13 14.21 -44.26
C GLY D 29 22.18 13.15 -43.69
N ASP D 30 21.96 13.16 -42.38
CA ASP D 30 21.21 12.07 -41.79
C ASP D 30 19.86 12.59 -41.42
N LYS D 31 19.48 13.71 -42.04
CA LYS D 31 18.23 14.45 -41.66
C LYS D 31 17.23 14.60 -42.83
N VAL D 32 15.95 14.61 -42.53
CA VAL D 32 15.02 14.86 -43.59
C VAL D 32 14.22 16.09 -43.22
N PHE D 33 14.11 17.02 -44.18
CA PHE D 33 13.38 18.29 -43.97
C PHE D 33 12.25 18.50 -44.90
N VAL D 34 11.18 19.07 -44.36
CA VAL D 34 10.05 19.47 -45.18
C VAL D 34 10.01 21.00 -45.21
N ARG D 35 9.98 21.57 -46.41
CA ARG D 35 9.80 23.01 -46.63
C ARG D 35 8.39 23.46 -46.34
N ASP D 36 8.25 24.25 -45.28
CA ASP D 36 6.97 24.73 -44.79
C ASP D 36 6.93 26.21 -45.03
N GLY D 37 6.82 26.57 -46.30
CA GLY D 37 6.92 27.96 -46.70
C GLY D 37 8.27 28.55 -46.40
N ASN D 38 8.40 29.19 -45.25
CA ASN D 38 9.59 29.96 -44.89
C ASN D 38 10.42 29.25 -43.83
N THR D 39 10.16 27.96 -43.66
CA THR D 39 10.81 27.19 -42.60
C THR D 39 11.07 25.75 -43.05
N ASP D 40 12.21 25.20 -42.63
CA ASP D 40 12.44 23.79 -42.89
C ASP D 40 12.27 23.03 -41.62
N ASN D 41 11.25 22.17 -41.58
CA ASN D 41 11.00 21.32 -40.40
C ASN D 41 11.73 19.98 -40.48
N LEU D 42 12.44 19.64 -39.42
CA LEU D 42 13.07 18.34 -39.34
C LEU D 42 11.95 17.32 -39.03
N VAL D 43 11.78 16.34 -39.90
CA VAL D 43 10.74 15.32 -39.69
C VAL D 43 11.32 13.89 -39.39
N PHE D 44 12.63 13.70 -39.64
CA PHE D 44 13.24 12.37 -39.46
C PHE D 44 14.73 12.48 -39.31
N VAL D 45 15.27 11.67 -38.40
CA VAL D 45 16.70 11.60 -38.20
C VAL D 45 17.10 10.14 -38.44
N ASN D 46 18.01 9.91 -39.35
CA ASN D 46 18.42 8.54 -39.73
C ASN D 46 19.50 7.98 -38.79
N LYS D 47 19.21 6.85 -38.13
CA LYS D 47 20.20 6.16 -37.28
C LYS D 47 20.60 4.82 -37.91
N THR D 48 20.17 4.62 -39.16
CA THR D 48 20.45 3.40 -39.91
C THR D 48 21.69 3.59 -40.83
N SER D 49 22.29 2.49 -41.27
CA SER D 49 23.38 2.56 -42.23
C SER D 49 22.81 2.74 -43.66
N LEU D 50 21.50 2.82 -43.82
CA LEU D 50 20.95 3.12 -45.16
C LEU D 50 21.01 4.63 -45.51
N PRO D 51 20.95 4.93 -46.81
CA PRO D 51 20.90 6.35 -47.22
C PRO D 51 19.61 6.99 -46.65
N THR D 52 19.74 8.24 -46.18
CA THR D 52 18.72 8.91 -45.41
C THR D 52 17.30 8.90 -45.99
N ALA D 53 17.18 9.15 -47.28
CA ALA D 53 15.87 9.19 -47.90
C ALA D 53 15.27 7.81 -47.91
N ILE D 54 16.13 6.81 -48.10
CA ILE D 54 15.68 5.39 -48.03
C ILE D 54 15.20 4.98 -46.62
N ALA D 55 15.99 5.26 -45.59
CA ALA D 55 15.61 4.90 -44.23
C ALA D 55 14.27 5.60 -43.93
N PHE D 56 14.15 6.86 -44.33
CA PHE D 56 12.90 7.58 -44.19
C PHE D 56 11.69 6.89 -44.86
N GLU D 57 11.83 6.53 -46.12
CA GLU D 57 10.79 5.71 -46.77
C GLU D 57 10.43 4.39 -46.06
N LEU D 58 11.42 3.55 -45.65
CA LEU D 58 11.14 2.34 -44.87
C LEU D 58 10.41 2.67 -43.52
N PHE D 59 10.83 3.75 -42.88
CA PHE D 59 10.19 4.11 -41.64
C PHE D 59 8.69 4.40 -41.93
N ALA D 60 8.44 5.20 -42.96
CA ALA D 60 7.07 5.55 -43.30
C ALA D 60 6.21 4.33 -43.62
N LYS D 61 6.85 3.25 -44.04
CA LYS D 61 6.14 2.08 -44.51
C LYS D 61 6.15 0.96 -43.47
N ARG D 62 6.45 1.35 -42.23
CA ARG D 62 6.51 0.38 -41.15
C ARG D 62 5.09 -0.04 -40.82
N LYS D 63 4.92 -1.21 -40.18
CA LYS D 63 3.61 -1.61 -39.65
C LYS D 63 3.34 -0.71 -38.46
N VAL D 64 2.22 -0.01 -38.47
CA VAL D 64 1.88 0.97 -37.41
C VAL D 64 0.74 0.41 -36.48
N GLY D 65 0.80 0.79 -35.20
CA GLY D 65 -0.13 0.28 -34.19
C GLY D 65 0.33 -1.08 -33.65
N LEU D 66 -0.56 -2.05 -33.74
CA LEU D 66 -0.34 -3.36 -33.12
C LEU D 66 0.61 -4.20 -33.95
N THR D 67 1.69 -4.68 -33.32
CA THR D 67 2.71 -5.44 -34.06
C THR D 67 3.20 -6.59 -33.21
N PRO D 68 3.60 -7.71 -33.86
CA PRO D 68 4.25 -8.87 -33.19
C PRO D 68 5.58 -8.46 -32.61
N PRO D 69 6.00 -9.11 -31.50
CA PRO D 69 7.32 -8.95 -30.84
C PRO D 69 8.37 -9.20 -31.91
N LEU D 70 9.57 -8.60 -31.82
CA LEU D 70 10.63 -8.75 -32.86
C LEU D 70 11.62 -9.91 -32.67
N SER D 71 12.11 -10.14 -31.46
CA SER D 71 13.19 -11.12 -31.31
C SER D 71 12.90 -12.53 -31.84
N ILE D 72 11.62 -12.93 -31.83
CA ILE D 72 11.25 -14.25 -32.35
C ILE D 72 11.38 -14.30 -33.85
N LEU D 73 10.94 -13.24 -34.53
CA LEU D 73 11.11 -13.15 -35.96
C LEU D 73 12.62 -13.21 -36.31
N LYS D 74 13.43 -12.38 -35.68
CA LYS D 74 14.87 -12.43 -35.88
C LYS D 74 15.39 -13.87 -35.67
N ASN D 75 14.96 -14.50 -34.57
CA ASN D 75 15.43 -15.83 -34.22
C ASN D 75 15.06 -16.92 -35.25
N LEU D 76 13.95 -16.71 -35.96
CA LEU D 76 13.47 -17.64 -37.00
C LEU D 76 14.17 -17.38 -38.33
N GLY D 77 15.20 -16.53 -38.32
CA GLY D 77 16.03 -16.32 -39.48
C GLY D 77 15.36 -15.45 -40.53
N VAL D 78 14.38 -14.65 -40.11
CA VAL D 78 13.77 -13.71 -41.04
C VAL D 78 14.80 -12.75 -41.71
N VAL D 79 14.80 -12.70 -43.04
CA VAL D 79 15.77 -11.91 -43.78
C VAL D 79 15.11 -10.71 -44.39
N ALA D 80 13.84 -10.86 -44.73
CA ALA D 80 13.16 -9.76 -45.37
C ALA D 80 11.68 -9.89 -45.09
N THR D 81 10.99 -8.76 -45.10
CA THR D 81 9.55 -8.64 -44.94
C THR D 81 8.86 -8.30 -46.27
N TYR D 82 7.71 -8.93 -46.50
CA TYR D 82 6.99 -8.78 -47.75
C TYR D 82 5.91 -7.69 -47.67
N LYS D 83 6.12 -6.59 -48.38
CA LYS D 83 5.13 -5.51 -48.48
C LYS D 83 4.87 -4.73 -47.21
N PHE D 84 5.77 -4.82 -46.25
CA PHE D 84 5.72 -3.90 -45.10
C PHE D 84 7.11 -3.88 -44.52
N VAL D 85 7.34 -2.96 -43.59
CA VAL D 85 8.52 -3.10 -42.77
C VAL D 85 8.20 -3.14 -41.29
N LEU D 86 8.98 -3.93 -40.55
CA LEU D 86 8.86 -3.93 -39.09
C LEU D 86 9.93 -2.98 -38.53
N TRP D 87 9.51 -2.01 -37.72
CA TRP D 87 10.43 -1.00 -37.23
C TRP D 87 10.87 -1.40 -35.83
N ASP D 88 12.17 -1.45 -35.62
CA ASP D 88 12.69 -1.57 -34.25
C ASP D 88 12.79 -0.15 -33.65
N TYR D 89 11.80 0.23 -32.83
CA TYR D 89 11.70 1.61 -32.33
C TYR D 89 12.82 1.98 -31.34
N GLU D 90 13.54 0.95 -30.87
CA GLU D 90 14.52 1.16 -29.84
C GLU D 90 15.85 1.42 -30.51
N ALA D 91 16.19 0.57 -31.49
CA ALA D 91 17.43 0.76 -32.25
C ALA D 91 17.28 1.79 -33.37
N GLU D 92 16.04 2.09 -33.76
CA GLU D 92 15.69 3.07 -34.82
C GLU D 92 16.06 2.64 -36.25
N ARG D 93 15.35 1.63 -36.73
CA ARG D 93 16.00 0.74 -37.66
C ARG D 93 15.00 -0.32 -38.08
N PRO D 94 14.90 -0.61 -39.37
CA PRO D 94 14.10 -1.79 -39.72
C PRO D 94 14.75 -3.08 -39.09
N LEU D 95 13.91 -4.11 -39.00
CA LEU D 95 14.29 -5.40 -38.44
C LEU D 95 15.51 -5.96 -39.14
N THR D 96 15.54 -5.83 -40.47
CA THR D 96 16.72 -6.16 -41.30
C THR D 96 17.00 -5.08 -42.34
N SER D 97 18.11 -5.23 -43.06
CA SER D 97 18.45 -4.32 -44.14
C SER D 97 17.67 -4.64 -45.40
N PHE D 98 16.84 -5.66 -45.38
CA PHE D 98 16.16 -6.15 -46.60
C PHE D 98 14.61 -6.21 -46.60
N THR D 99 14.05 -5.85 -47.75
CA THR D 99 12.60 -5.95 -47.95
C THR D 99 12.31 -6.83 -49.16
N LYS D 100 11.01 -7.06 -49.40
CA LYS D 100 10.52 -7.54 -50.69
C LYS D 100 9.26 -6.74 -51.07
N SER D 101 9.23 -6.23 -52.29
CA SER D 101 8.12 -5.36 -52.76
C SER D 101 7.79 -4.19 -51.83
N VAL D 102 8.79 -3.60 -51.22
CA VAL D 102 8.57 -2.38 -50.45
C VAL D 102 9.31 -1.22 -51.15
N CYS D 103 10.62 -1.42 -51.36
CA CYS D 103 11.49 -0.33 -51.80
C CYS D 103 12.63 -0.85 -52.70
N GLY D 104 12.69 -0.32 -53.92
CA GLY D 104 13.65 -0.77 -54.93
C GLY D 104 15.08 -0.89 -54.44
N TYR D 105 15.52 0.14 -53.73
CA TYR D 105 16.85 0.18 -53.16
C TYR D 105 17.18 -0.98 -52.19
N THR D 106 16.19 -1.42 -51.38
CA THR D 106 16.41 -2.44 -50.35
C THR D 106 15.79 -3.80 -50.69
N ASP D 107 14.99 -3.84 -51.75
CA ASP D 107 14.42 -5.12 -52.19
C ASP D 107 15.50 -6.19 -52.43
N PHE D 108 15.16 -7.43 -52.10
CA PHE D 108 16.09 -8.54 -52.15
C PHE D 108 15.47 -9.65 -53.00
N ALA D 109 15.83 -9.68 -54.27
CA ALA D 109 15.15 -10.52 -55.26
C ALA D 109 15.24 -12.05 -54.98
N GLU D 110 16.34 -12.50 -54.38
CA GLU D 110 16.60 -13.93 -54.20
C GLU D 110 15.64 -14.63 -53.22
N ASP D 111 15.32 -15.90 -53.48
CA ASP D 111 14.48 -16.67 -52.57
C ASP D 111 15.21 -16.80 -51.24
N VAL D 112 14.50 -16.48 -50.16
CA VAL D 112 15.14 -16.42 -48.86
C VAL D 112 14.03 -16.49 -47.79
N CYS D 113 14.40 -16.68 -46.54
CA CYS D 113 13.41 -16.71 -45.46
C CYS D 113 12.69 -15.35 -45.35
N THR D 114 11.45 -15.32 -45.84
CA THR D 114 10.65 -14.11 -45.84
C THR D 114 9.55 -14.13 -44.72
N CYS D 115 9.25 -12.96 -44.17
CA CYS D 115 8.21 -12.83 -43.20
C CYS D 115 6.99 -12.21 -43.85
N TYR D 116 5.82 -12.81 -43.63
CA TYR D 116 4.59 -12.33 -44.23
C TYR D 116 3.62 -11.90 -43.12
N ASP D 117 2.88 -10.81 -43.39
CA ASP D 117 1.82 -10.30 -42.52
C ASP D 117 0.45 -10.70 -43.11
N ASN D 118 -0.23 -11.56 -42.34
CA ASN D 118 -1.50 -12.14 -42.78
C ASN D 118 -2.59 -11.09 -43.05
N SER D 119 -2.44 -9.89 -42.49
CA SER D 119 -3.42 -8.80 -42.71
C SER D 119 -3.33 -8.22 -44.14
N ILE D 120 -2.26 -8.58 -44.87
CA ILE D 120 -1.97 -8.03 -46.20
C ILE D 120 -2.38 -9.03 -47.26
N GLN D 121 -3.24 -8.57 -48.18
CA GLN D 121 -3.74 -9.40 -49.26
C GLN D 121 -2.61 -10.21 -49.94
N GLY D 122 -2.76 -11.54 -49.93
CA GLY D 122 -1.93 -12.43 -50.73
C GLY D 122 -0.70 -12.98 -50.03
N SER D 123 -0.45 -12.52 -48.81
CA SER D 123 0.75 -12.89 -48.08
C SER D 123 0.72 -14.35 -47.63
N TYR D 124 -0.46 -14.82 -47.22
CA TYR D 124 -0.64 -16.19 -46.77
C TYR D 124 -0.28 -17.23 -47.85
N GLU D 125 -0.81 -17.01 -49.06
CA GLU D 125 -0.57 -17.84 -50.23
C GLU D 125 0.92 -17.91 -50.56
N ARG D 126 1.59 -16.76 -50.54
CA ARG D 126 3.01 -16.71 -50.91
C ARG D 126 3.80 -17.43 -49.84
N PHE D 127 3.34 -17.27 -48.62
CA PHE D 127 3.96 -17.94 -47.48
C PHE D 127 3.89 -19.45 -47.58
N THR D 128 2.71 -19.97 -47.93
CA THR D 128 2.48 -21.42 -47.97
C THR D 128 3.29 -22.14 -49.03
N LEU D 129 3.53 -21.45 -50.17
CA LEU D 129 4.40 -21.96 -51.27
C LEU D 129 5.88 -22.02 -50.92
N SER D 130 6.30 -21.22 -49.93
CA SER D 130 7.74 -21.04 -49.62
C SER D 130 8.48 -22.24 -48.98
N THR D 131 9.76 -22.34 -49.27
CA THR D 131 10.59 -23.39 -48.71
C THR D 131 10.99 -23.00 -47.31
N ASN D 132 11.34 -21.71 -47.14
CA ASN D 132 11.50 -21.11 -45.80
C ASN D 132 10.81 -19.75 -45.64
N ALA D 133 10.01 -19.64 -44.60
CA ALA D 133 9.21 -18.44 -44.40
C ALA D 133 8.57 -18.39 -43.01
N VAL D 134 8.19 -17.19 -42.60
CA VAL D 134 7.41 -17.02 -41.40
C VAL D 134 6.14 -16.20 -41.71
N LEU D 135 5.03 -16.56 -41.04
CA LEU D 135 3.76 -15.86 -41.16
C LEU D 135 3.32 -15.41 -39.75
N PHE D 136 2.87 -14.15 -39.64
CA PHE D 136 2.19 -13.76 -38.42
C PHE D 136 0.75 -13.28 -38.75
N SER D 137 -0.15 -13.38 -37.75
CA SER D 137 -1.58 -13.18 -37.93
C SER D 137 -2.20 -12.82 -36.61
N ALA D 138 -3.03 -11.76 -36.58
CA ALA D 138 -3.73 -11.32 -35.38
C ALA D 138 -4.63 -12.42 -34.79
N THR D 139 -5.10 -13.54 -35.44
CA THR D 139 -6.23 -14.46 -35.71
C THR D 139 -5.68 -15.89 -35.95
N ALA D 140 -6.58 -16.87 -35.89
CA ALA D 140 -6.20 -18.27 -36.09
C ALA D 140 -6.21 -18.63 -37.57
N VAL D 141 -5.06 -19.09 -38.07
CA VAL D 141 -4.94 -19.48 -39.47
C VAL D 141 -5.18 -20.97 -39.65
N LYS D 142 -5.89 -21.32 -40.72
CA LYS D 142 -6.19 -22.72 -41.00
C LYS D 142 -7.14 -22.84 -42.20
N THR D 143 -7.55 -24.07 -42.49
CA THR D 143 -8.46 -24.33 -43.59
C THR D 143 -9.64 -25.18 -43.15
N GLY D 144 -9.36 -26.20 -42.34
CA GLY D 144 -10.39 -27.10 -41.85
C GLY D 144 -10.59 -27.31 -40.36
N GLY D 145 -11.11 -26.28 -39.69
CA GLY D 145 -11.37 -26.38 -38.26
C GLY D 145 -10.37 -25.58 -37.44
N LYS D 146 -9.08 -25.89 -37.60
CA LYS D 146 -8.04 -25.19 -36.88
C LYS D 146 -6.89 -26.13 -36.50
N SER D 147 -6.27 -26.72 -37.53
CA SER D 147 -5.16 -27.64 -37.31
C SER D 147 -3.83 -26.89 -37.25
N LEU D 148 -3.46 -26.27 -38.36
CA LEU D 148 -2.21 -25.52 -38.45
C LEU D 148 -1.65 -25.23 -37.05
N PRO D 149 -0.78 -26.10 -36.56
CA PRO D 149 -0.16 -25.90 -35.24
C PRO D 149 0.16 -24.43 -35.00
N ALA D 150 1.44 -24.10 -34.98
CA ALA D 150 1.88 -22.71 -34.81
C ALA D 150 1.90 -22.29 -33.34
N ILE D 151 2.80 -21.37 -33.01
CA ILE D 151 2.92 -20.87 -31.65
C ILE D 151 1.82 -19.86 -31.35
N LYS D 152 1.75 -19.43 -30.09
CA LYS D 152 0.72 -18.48 -29.67
C LYS D 152 1.25 -17.47 -28.65
N LEU D 153 1.10 -16.19 -28.98
CA LEU D 153 1.51 -15.13 -28.09
C LEU D 153 0.32 -14.37 -27.50
N ASN D 154 0.38 -14.11 -26.20
CA ASN D 154 -0.71 -13.41 -25.50
C ASN D 154 -0.26 -12.01 -25.06
N PHE D 155 0.70 -11.48 -25.80
CA PHE D 155 1.24 -10.15 -25.58
C PHE D 155 1.75 -9.66 -26.94
N GLY D 156 2.24 -8.41 -27.00
CA GLY D 156 2.64 -7.83 -28.29
C GLY D 156 3.23 -6.45 -28.12
N MET D 157 3.34 -5.73 -29.23
CA MET D 157 3.87 -4.40 -29.17
C MET D 157 2.81 -3.49 -29.72
N LEU D 158 2.88 -2.22 -29.32
CA LEU D 158 1.95 -1.20 -29.83
C LEU D 158 2.70 0.12 -30.06
N ASN D 159 2.93 0.43 -31.33
CA ASN D 159 3.82 1.55 -31.72
C ASN D 159 5.14 1.47 -30.97
N GLY D 160 5.69 0.26 -30.87
CA GLY D 160 6.95 0.03 -30.18
C GLY D 160 6.79 -0.04 -28.66
N ASN D 161 5.57 -0.03 -28.12
CA ASN D 161 5.43 -0.12 -26.68
C ASN D 161 4.93 -1.51 -26.37
N ALA D 162 5.45 -2.08 -25.29
CA ALA D 162 5.10 -3.45 -24.92
C ALA D 162 3.68 -3.43 -24.33
N ILE D 163 2.84 -4.33 -24.81
CA ILE D 163 1.51 -4.50 -24.27
C ILE D 163 1.16 -5.99 -24.03
N ALA D 164 0.19 -6.22 -23.12
CA ALA D 164 -0.20 -7.59 -22.77
C ALA D 164 -1.68 -7.73 -22.65
N THR D 165 -2.15 -8.95 -22.90
CA THR D 165 -3.51 -9.35 -22.54
C THR D 165 -3.73 -8.98 -21.05
N VAL D 166 -4.83 -8.24 -20.78
CA VAL D 166 -4.98 -7.52 -19.50
C VAL D 166 -6.38 -7.55 -18.80
N ASN D 172 -12.45 -4.32 -18.36
CA ASN D 172 -11.01 -4.43 -18.30
C ASN D 172 -10.43 -5.43 -19.31
N ILE D 173 -11.29 -6.35 -19.81
CA ILE D 173 -10.88 -7.66 -20.40
C ILE D 173 -10.41 -7.75 -21.88
N LYS D 174 -9.10 -7.51 -22.08
CA LYS D 174 -8.54 -7.10 -23.38
C LYS D 174 -7.54 -8.13 -23.94
N ASN D 175 -7.87 -8.68 -25.11
CA ASN D 175 -7.09 -9.77 -25.64
C ASN D 175 -5.98 -9.38 -26.61
N ILE D 176 -4.73 -9.66 -26.24
CA ILE D 176 -3.63 -9.37 -27.14
C ILE D 176 -3.06 -10.65 -27.67
N ASN D 177 -3.34 -10.95 -28.94
CA ASN D 177 -2.89 -12.21 -29.55
C ASN D 177 -2.05 -12.07 -30.82
N TRP D 178 -0.96 -12.86 -30.89
CA TRP D 178 -0.23 -13.09 -32.15
C TRP D 178 -0.09 -14.56 -32.45
N PHE D 179 -0.37 -14.94 -33.69
CA PHE D 179 -0.15 -16.31 -34.17
C PHE D 179 1.02 -16.33 -35.16
N VAL D 180 2.07 -17.10 -34.84
CA VAL D 180 3.27 -17.08 -35.65
C VAL D 180 3.57 -18.44 -36.14
N TYR D 181 3.64 -18.56 -37.47
CA TYR D 181 3.84 -19.86 -38.15
C TYR D 181 5.16 -19.91 -38.91
N VAL D 182 5.81 -21.06 -38.86
CA VAL D 182 7.04 -21.28 -39.60
C VAL D 182 6.90 -22.41 -40.63
N ARG D 183 7.43 -22.17 -41.82
CA ARG D 183 7.70 -23.23 -42.80
C ARG D 183 9.21 -23.36 -42.96
N LYS D 184 9.73 -24.59 -42.93
CA LYS D 184 11.17 -24.78 -43.00
C LYS D 184 11.53 -26.05 -43.74
N ASP D 185 12.45 -25.91 -44.71
CA ASP D 185 12.89 -27.01 -45.55
C ASP D 185 11.72 -27.59 -46.35
N GLY D 186 10.77 -26.71 -46.70
CA GLY D 186 9.68 -27.07 -47.60
C GLY D 186 8.41 -27.59 -46.94
N LYS D 187 8.33 -27.53 -45.62
CA LYS D 187 7.16 -28.05 -44.88
C LYS D 187 6.84 -27.38 -43.53
N PRO D 188 5.54 -27.34 -43.14
CA PRO D 188 5.18 -26.78 -41.83
C PRO D 188 6.04 -27.31 -40.68
N VAL D 189 6.37 -26.46 -39.70
CA VAL D 189 6.97 -26.89 -38.45
C VAL D 189 5.89 -27.54 -37.55
N ASP D 190 6.15 -28.78 -37.12
CA ASP D 190 5.20 -29.60 -36.35
C ASP D 190 4.56 -28.92 -35.17
N HIS D 191 5.40 -28.20 -34.45
CA HIS D 191 5.20 -27.93 -33.04
C HIS D 191 6.19 -26.88 -32.55
N TYR D 192 5.87 -26.23 -31.45
CA TYR D 192 6.69 -25.12 -31.02
C TYR D 192 6.84 -25.15 -29.52
N ASP D 193 8.06 -25.33 -29.07
CA ASP D 193 8.29 -25.43 -27.63
C ASP D 193 8.80 -24.10 -27.11
N GLY D 194 8.71 -23.93 -25.79
CA GLY D 194 9.54 -22.97 -25.10
C GLY D 194 8.79 -21.86 -24.43
N PHE D 195 9.54 -20.88 -23.96
CA PHE D 195 9.01 -19.67 -23.38
C PHE D 195 9.34 -18.47 -24.31
N TYR D 196 8.66 -17.33 -24.09
CA TYR D 196 8.83 -16.11 -24.94
C TYR D 196 9.19 -14.90 -24.10
N THR D 197 10.26 -14.21 -24.45
CA THR D 197 10.60 -12.97 -23.76
C THR D 197 9.48 -11.99 -23.94
N GLN D 198 9.37 -11.00 -23.05
CA GLN D 198 8.14 -10.20 -22.98
C GLN D 198 8.27 -8.84 -23.65
N GLY D 199 9.52 -8.41 -23.88
CA GLY D 199 9.76 -7.22 -24.65
C GLY D 199 9.51 -5.91 -23.92
N ARG D 200 9.49 -5.96 -22.60
CA ARG D 200 9.32 -4.70 -21.87
C ARG D 200 10.66 -3.98 -21.71
N ASN D 201 10.64 -2.81 -21.10
CA ASN D 201 11.91 -2.14 -20.77
C ASN D 201 11.90 -1.62 -19.33
N LEU D 202 13.06 -1.28 -18.79
CA LEU D 202 13.16 -0.80 -17.41
C LEU D 202 12.17 0.29 -17.05
N GLN D 203 12.03 1.29 -17.92
CA GLN D 203 11.23 2.49 -17.61
C GLN D 203 9.72 2.22 -17.59
N ASP D 204 9.27 1.39 -18.54
CA ASP D 204 7.86 1.24 -18.78
C ASP D 204 7.29 -0.12 -18.27
N PHE D 205 8.13 -0.90 -17.63
CA PHE D 205 7.76 -2.22 -17.16
C PHE D 205 6.43 -2.20 -16.33
N LEU D 206 5.49 -3.07 -16.73
CA LEU D 206 4.26 -3.37 -15.98
C LEU D 206 4.20 -4.89 -15.77
N PRO D 207 3.77 -5.31 -14.57
CA PRO D 207 3.70 -6.76 -14.24
C PRO D 207 2.62 -7.39 -15.05
N ARG D 208 2.75 -8.67 -15.40
CA ARG D 208 1.78 -9.39 -16.24
C ARG D 208 1.15 -10.59 -15.56
N SER D 209 1.47 -10.78 -14.30
CA SER D 209 1.00 -11.94 -13.55
C SER D 209 0.95 -11.58 -12.06
N THR D 210 0.14 -12.32 -11.29
CA THR D 210 0.10 -12.08 -9.86
C THR D 210 1.50 -12.29 -9.24
N MET D 211 2.20 -13.33 -9.68
CA MET D 211 3.55 -13.52 -9.17
C MET D 211 4.45 -12.27 -9.39
N GLU D 212 4.40 -11.71 -10.60
CA GLU D 212 5.17 -10.49 -10.89
C GLU D 212 4.72 -9.29 -10.04
N GLU D 213 3.39 -9.11 -9.93
CA GLU D 213 2.87 -8.11 -9.00
C GLU D 213 3.48 -8.31 -7.62
N ASP D 214 3.58 -9.59 -7.18
CA ASP D 214 4.03 -9.88 -5.84
C ASP D 214 5.50 -9.62 -5.66
N PHE D 215 6.28 -9.92 -6.70
CA PHE D 215 7.73 -9.75 -6.65
C PHE D 215 8.09 -8.26 -6.40
N LEU D 216 7.40 -7.37 -7.12
CA LEU D 216 7.62 -5.92 -7.02
C LEU D 216 7.04 -5.34 -5.71
N ASN D 217 6.00 -5.96 -5.17
CA ASN D 217 5.31 -5.38 -4.04
C ASN D 217 5.66 -5.97 -2.69
N MET D 218 5.97 -7.26 -2.66
CA MET D 218 6.22 -7.93 -1.37
C MET D 218 7.63 -7.84 -0.82
N ASP D 219 7.73 -8.15 0.46
CA ASP D 219 9.02 -8.31 1.10
C ASP D 219 9.68 -9.55 0.51
N ILE D 220 11.01 -9.61 0.62
CA ILE D 220 11.75 -10.73 0.07
C ILE D 220 11.36 -12.08 0.67
N GLY D 221 11.47 -12.21 1.99
CA GLY D 221 11.17 -13.48 2.66
C GLY D 221 9.74 -13.94 2.39
N VAL D 222 8.82 -12.99 2.45
CA VAL D 222 7.40 -13.23 2.16
C VAL D 222 7.14 -13.74 0.74
N PHE D 223 7.78 -13.12 -0.24
CA PHE D 223 7.62 -13.54 -1.63
C PHE D 223 8.19 -14.96 -1.82
N ILE D 224 9.37 -15.18 -1.22
CA ILE D 224 10.07 -16.43 -1.42
C ILE D 224 9.25 -17.55 -0.82
N GLN D 225 8.75 -17.30 0.39
CA GLN D 225 7.93 -18.31 1.08
C GLN D 225 6.66 -18.61 0.29
N LYS D 226 5.94 -17.56 -0.14
CA LYS D 226 4.71 -17.72 -0.88
C LYS D 226 4.82 -18.60 -2.12
N TYR D 227 5.98 -18.59 -2.76
CA TYR D 227 6.14 -19.30 -4.02
C TYR D 227 7.12 -20.48 -3.93
N GLY D 228 7.59 -20.76 -2.70
CA GLY D 228 8.38 -21.97 -2.38
C GLY D 228 9.68 -22.01 -3.15
N LEU D 229 10.49 -20.96 -2.99
CA LEU D 229 11.69 -20.70 -3.80
C LEU D 229 12.93 -20.79 -2.96
N GLU D 230 12.87 -21.49 -1.82
CA GLU D 230 13.93 -21.45 -0.80
C GLU D 230 15.24 -22.07 -1.30
N ASP D 231 15.14 -23.03 -2.22
CA ASP D 231 16.31 -23.76 -2.69
C ASP D 231 16.91 -23.12 -3.95
N PHE D 232 16.23 -22.10 -4.45
CA PHE D 232 16.72 -21.29 -5.59
C PHE D 232 17.25 -20.01 -5.01
N ASN D 233 18.49 -19.67 -5.31
CA ASN D 233 19.10 -18.58 -4.60
C ASN D 233 18.48 -17.30 -5.15
N PHE D 234 17.18 -17.09 -4.92
CA PHE D 234 16.48 -15.94 -5.52
C PHE D 234 17.09 -14.60 -5.14
N GLU D 235 17.56 -14.50 -3.90
CA GLU D 235 18.16 -13.25 -3.38
C GLU D 235 19.38 -12.85 -4.23
N HIS D 236 20.07 -13.86 -4.75
CA HIS D 236 21.18 -13.62 -5.64
C HIS D 236 20.75 -13.59 -7.12
N VAL D 237 20.11 -14.66 -7.57
CA VAL D 237 19.77 -14.83 -8.99
C VAL D 237 18.82 -13.82 -9.54
N VAL D 238 17.77 -13.47 -8.79
CA VAL D 238 16.77 -12.52 -9.29
C VAL D 238 16.76 -11.14 -8.59
N TYR D 239 16.82 -11.16 -7.26
CA TYR D 239 16.74 -9.94 -6.48
C TYR D 239 17.99 -9.14 -6.69
N GLY D 240 19.11 -9.85 -6.78
CA GLY D 240 20.39 -9.21 -6.99
C GLY D 240 21.01 -8.83 -5.67
N ASP D 241 22.34 -8.87 -5.65
CA ASP D 241 23.12 -8.63 -4.43
C ASP D 241 23.96 -7.36 -4.57
N VAL D 242 23.56 -6.34 -3.81
CA VAL D 242 24.10 -5.01 -4.02
C VAL D 242 25.07 -4.69 -2.91
N SER D 243 25.49 -5.73 -2.19
CA SER D 243 26.23 -5.59 -0.93
C SER D 243 27.73 -5.41 -1.13
N LYS D 244 28.25 -5.95 -2.22
CA LYS D 244 29.64 -5.66 -2.60
C LYS D 244 29.71 -4.68 -3.76
N THR D 245 30.89 -4.15 -4.00
CA THR D 245 31.06 -3.20 -5.10
C THR D 245 30.74 -3.88 -6.44
N THR D 246 30.97 -5.18 -6.53
CA THR D 246 30.49 -5.96 -7.66
C THR D 246 29.10 -6.55 -7.39
N LEU D 247 28.16 -6.21 -8.23
CA LEU D 247 26.76 -6.50 -7.97
C LEU D 247 26.52 -7.90 -8.47
N GLY D 248 25.94 -8.73 -7.60
CA GLY D 248 25.77 -10.14 -7.92
C GLY D 248 24.44 -10.47 -8.58
N GLY D 249 24.44 -11.51 -9.41
CA GLY D 249 23.25 -12.05 -10.04
C GLY D 249 22.52 -11.03 -10.89
N LEU D 250 21.27 -10.72 -10.55
CA LEU D 250 20.47 -9.73 -11.29
C LEU D 250 20.25 -10.11 -12.78
N HIS D 251 19.68 -11.28 -13.05
CA HIS D 251 19.53 -11.82 -14.39
C HIS D 251 18.18 -11.69 -15.10
N LEU D 252 17.24 -10.94 -14.53
CA LEU D 252 16.01 -10.63 -15.25
C LEU D 252 15.77 -9.11 -15.40
N LEU D 253 15.05 -8.68 -16.45
CA LEU D 253 14.56 -7.28 -16.52
C LEU D 253 13.93 -6.87 -15.17
N ILE D 254 13.03 -7.74 -14.66
CA ILE D 254 12.25 -7.43 -13.48
C ILE D 254 13.16 -7.21 -12.28
N SER D 255 14.28 -7.92 -12.26
CA SER D 255 15.32 -7.63 -11.25
C SER D 255 15.68 -6.15 -11.19
N GLN D 256 16.01 -5.56 -12.35
CA GLN D 256 16.32 -4.14 -12.43
C GLN D 256 15.13 -3.26 -11.99
N VAL D 257 13.95 -3.62 -12.50
CA VAL D 257 12.73 -2.84 -12.20
C VAL D 257 12.53 -2.66 -10.69
N ARG D 258 12.68 -3.77 -9.96
CA ARG D 258 12.47 -3.78 -8.51
C ARG D 258 13.56 -2.94 -7.81
N LEU D 259 14.79 -3.16 -8.24
CA LEU D 259 15.94 -2.51 -7.62
C LEU D 259 15.86 -0.97 -7.80
N SER D 260 15.34 -0.53 -8.97
CA SER D 260 15.27 0.91 -9.28
C SER D 260 14.16 1.61 -8.50
N LYS D 261 13.21 0.81 -7.97
CA LYS D 261 12.23 1.34 -7.02
C LYS D 261 12.87 1.59 -5.64
N MET D 262 13.99 0.92 -5.35
CA MET D 262 14.64 1.05 -4.05
C MET D 262 15.59 2.24 -4.02
N GLY D 263 16.03 2.61 -5.22
CA GLY D 263 17.10 3.60 -5.37
C GLY D 263 17.39 3.91 -6.82
N ILE D 264 18.51 4.59 -7.06
CA ILE D 264 18.89 5.02 -8.42
C ILE D 264 19.68 3.94 -9.16
N LEU D 265 19.02 3.31 -10.15
CA LEU D 265 19.66 2.22 -10.92
C LEU D 265 19.83 2.60 -12.39
N LYS D 266 21.06 2.49 -12.91
CA LYS D 266 21.37 2.72 -14.32
C LYS D 266 21.67 1.40 -15.04
N ALA D 267 21.11 1.29 -16.22
CA ALA D 267 21.36 0.06 -16.99
C ALA D 267 21.67 0.48 -18.41
N GLU D 268 22.93 0.29 -18.82
CA GLU D 268 23.40 0.79 -20.13
C GLU D 268 23.57 -0.38 -21.06
N GLU D 269 22.67 -0.48 -22.01
CA GLU D 269 22.65 -1.60 -22.92
C GLU D 269 23.87 -1.61 -23.87
N PHE D 270 24.50 -2.77 -24.04
CA PHE D 270 25.65 -2.92 -24.94
C PHE D 270 25.34 -2.51 -26.40
N VAL D 271 24.24 -3.05 -26.92
CA VAL D 271 23.77 -2.65 -28.23
C VAL D 271 22.26 -2.46 -28.11
N ALA D 272 21.78 -1.20 -28.33
CA ALA D 272 20.34 -0.84 -28.33
C ALA D 272 19.57 -1.61 -29.42
N ALA D 273 18.47 -2.26 -29.02
CA ALA D 273 17.73 -3.18 -29.90
C ALA D 273 16.45 -3.63 -29.23
N SER D 274 15.43 -3.99 -30.01
CA SER D 274 14.20 -4.52 -29.39
C SER D 274 13.84 -5.78 -30.09
N ASP D 275 14.83 -6.27 -30.85
CA ASP D 275 14.68 -7.52 -31.64
C ASP D 275 15.64 -8.66 -31.22
N ILE D 276 16.11 -8.61 -29.98
CA ILE D 276 17.08 -9.57 -29.49
C ILE D 276 16.60 -10.23 -28.18
N THR D 277 16.93 -11.51 -28.04
CA THR D 277 16.37 -12.32 -26.94
C THR D 277 17.24 -12.17 -25.72
N LEU D 278 18.52 -12.49 -25.88
CA LEU D 278 19.46 -12.36 -24.75
C LEU D 278 19.97 -10.91 -24.74
N LYS D 279 19.85 -10.26 -23.59
CA LYS D 279 20.18 -8.88 -23.48
C LYS D 279 21.35 -8.74 -22.55
N CYS D 280 21.96 -7.53 -22.56
CA CYS D 280 23.19 -7.34 -21.81
C CYS D 280 23.49 -5.88 -21.55
N CYS D 281 23.86 -5.55 -20.32
CA CYS D 281 24.21 -4.15 -20.04
C CYS D 281 25.23 -4.06 -18.96
N THR D 282 25.62 -2.81 -18.72
CA THR D 282 26.45 -2.47 -17.59
C THR D 282 25.48 -1.81 -16.65
N VAL D 283 25.32 -2.38 -15.46
CA VAL D 283 24.32 -1.92 -14.50
C VAL D 283 25.00 -1.29 -13.30
N THR D 284 24.50 -0.12 -12.92
CA THR D 284 25.04 0.60 -11.78
C THR D 284 23.94 0.95 -10.75
N TYR D 285 24.22 0.75 -9.46
CA TYR D 285 23.32 1.18 -8.39
C TYR D 285 24.02 2.21 -7.53
N LEU D 286 23.46 3.41 -7.50
CA LEU D 286 24.11 4.50 -6.79
C LEU D 286 24.07 4.51 -5.27
N ASN D 287 22.94 4.12 -4.69
CA ASN D 287 22.72 4.34 -3.24
C ASN D 287 23.64 3.53 -2.32
N ASP D 288 23.74 2.23 -2.65
CA ASP D 288 24.71 1.30 -2.06
C ASP D 288 25.65 0.93 -3.20
N PRO D 289 26.65 1.79 -3.47
CA PRO D 289 27.46 1.69 -4.71
C PRO D 289 27.80 0.25 -5.12
N SER D 290 27.22 -0.19 -6.22
CA SER D 290 27.43 -1.53 -6.72
C SER D 290 27.17 -1.55 -8.23
N SER D 291 27.95 -2.33 -8.97
CA SER D 291 27.78 -2.40 -10.41
C SER D 291 28.24 -3.75 -10.93
N LYS D 292 27.66 -4.14 -12.06
CA LYS D 292 28.14 -5.30 -12.78
C LYS D 292 28.37 -4.97 -14.27
N THR D 293 29.62 -5.08 -14.74
CA THR D 293 30.03 -4.59 -16.06
C THR D 293 29.31 -5.37 -17.13
N VAL D 294 29.40 -6.68 -17.07
CA VAL D 294 28.66 -7.52 -17.99
C VAL D 294 27.52 -8.22 -17.27
N CYS D 295 26.35 -7.60 -17.38
CA CYS D 295 25.16 -8.11 -16.76
C CYS D 295 24.23 -8.68 -17.82
N THR D 296 24.26 -10.01 -17.98
CA THR D 296 23.30 -10.65 -18.89
C THR D 296 21.91 -10.73 -18.25
N TYR D 297 20.89 -10.52 -19.07
CA TYR D 297 19.51 -10.67 -18.59
C TYR D 297 18.54 -10.91 -19.75
N MET D 298 17.34 -11.39 -19.40
CA MET D 298 16.25 -11.57 -20.33
C MET D 298 14.98 -11.08 -19.66
N ASP D 299 14.05 -10.58 -20.44
CA ASP D 299 12.75 -10.28 -19.87
C ASP D 299 11.85 -11.48 -20.04
N LEU D 300 12.08 -12.47 -19.17
CA LEU D 300 11.19 -13.63 -19.04
C LEU D 300 9.99 -13.33 -18.12
N LEU D 301 8.80 -13.82 -18.50
CA LEU D 301 7.68 -13.87 -17.56
C LEU D 301 8.18 -14.50 -16.24
N LEU D 302 8.13 -13.77 -15.12
CA LEU D 302 8.66 -14.36 -13.90
C LEU D 302 8.15 -15.80 -13.64
N ASP D 303 6.90 -16.10 -13.96
CA ASP D 303 6.35 -17.43 -13.75
C ASP D 303 7.15 -18.45 -14.56
N ASP D 304 7.41 -18.13 -15.85
CA ASP D 304 8.19 -19.06 -16.70
C ASP D 304 9.60 -19.26 -16.16
N PHE D 305 10.22 -18.18 -15.70
CA PHE D 305 11.57 -18.36 -15.18
C PHE D 305 11.56 -19.34 -13.99
N VAL D 306 10.59 -19.14 -13.09
CA VAL D 306 10.45 -19.94 -11.90
C VAL D 306 10.21 -21.35 -12.35
N SER D 307 9.28 -21.51 -13.28
CA SER D 307 9.01 -22.80 -13.87
C SER D 307 10.31 -23.55 -14.35
N VAL D 308 11.23 -22.82 -14.96
CA VAL D 308 12.54 -23.37 -15.34
C VAL D 308 13.37 -23.79 -14.11
N LEU D 309 13.48 -22.93 -13.10
CA LEU D 309 14.14 -23.28 -11.85
C LEU D 309 13.62 -24.59 -11.22
N LYS D 310 12.30 -24.70 -11.12
CA LYS D 310 11.66 -25.87 -10.52
C LYS D 310 11.67 -27.08 -11.46
N SER D 311 12.65 -27.16 -12.36
CA SER D 311 12.79 -28.32 -13.22
C SER D 311 14.27 -28.68 -13.31
N LEU D 312 15.06 -27.98 -12.50
CA LEU D 312 16.51 -28.17 -12.44
C LEU D 312 16.86 -29.23 -11.43
N ASP D 313 17.96 -29.93 -11.68
CA ASP D 313 18.51 -30.88 -10.73
C ASP D 313 19.47 -30.13 -9.79
N LEU D 314 19.14 -30.11 -8.49
CA LEU D 314 19.93 -29.34 -7.52
C LEU D 314 21.03 -30.19 -6.89
N THR D 315 21.20 -31.40 -7.44
CA THR D 315 22.15 -32.37 -6.89
C THR D 315 23.51 -32.38 -7.57
N VAL D 316 23.57 -31.91 -8.82
CA VAL D 316 24.84 -31.70 -9.54
C VAL D 316 25.62 -30.49 -9.00
N VAL D 317 26.91 -30.44 -9.27
CA VAL D 317 27.70 -29.28 -8.86
C VAL D 317 27.65 -28.23 -9.95
N SER D 318 27.85 -28.67 -11.19
CA SER D 318 27.64 -27.79 -12.34
C SER D 318 27.09 -28.59 -13.53
N LYS D 319 25.98 -28.11 -14.07
CA LYS D 319 25.56 -28.53 -15.39
C LYS D 319 25.31 -27.28 -16.25
N VAL D 320 25.32 -27.47 -17.57
CA VAL D 320 24.82 -26.46 -18.46
C VAL D 320 23.43 -26.95 -18.91
N HIS D 321 22.40 -26.15 -18.65
CA HIS D 321 21.06 -26.50 -19.11
C HIS D 321 20.67 -25.75 -20.35
N GLU D 322 19.93 -26.42 -21.22
CA GLU D 322 19.43 -25.79 -22.42
C GLU D 322 17.99 -25.35 -22.22
N VAL D 323 17.72 -24.04 -22.29
CA VAL D 323 16.33 -23.60 -22.21
C VAL D 323 15.86 -22.99 -23.51
N ILE D 324 14.63 -23.34 -23.86
CA ILE D 324 14.03 -22.85 -25.10
C ILE D 324 13.30 -21.55 -24.83
N ILE D 325 13.87 -20.47 -25.36
CA ILE D 325 13.28 -19.15 -25.28
C ILE D 325 13.24 -18.51 -26.68
N ASP D 326 12.08 -18.01 -27.07
CA ASP D 326 11.92 -17.38 -28.39
C ASP D 326 12.33 -18.33 -29.50
N ASN D 327 12.02 -19.60 -29.29
CA ASN D 327 12.23 -20.63 -30.30
C ASN D 327 13.67 -21.10 -30.51
N LYS D 328 14.55 -20.73 -29.57
CA LYS D 328 15.99 -21.04 -29.65
C LYS D 328 16.47 -21.68 -28.34
N PRO D 329 17.37 -22.66 -28.45
CA PRO D 329 18.06 -23.17 -27.27
C PRO D 329 19.06 -22.14 -26.74
N TRP D 330 18.98 -21.86 -25.44
CA TRP D 330 19.98 -21.00 -24.79
C TRP D 330 20.74 -21.77 -23.72
N ARG D 331 22.04 -21.53 -23.64
CA ARG D 331 22.83 -22.24 -22.64
C ARG D 331 22.78 -21.50 -21.30
N TRP D 332 22.19 -22.16 -20.29
CA TRP D 332 22.20 -21.60 -18.93
C TRP D 332 23.08 -22.46 -17.98
N MET D 333 24.09 -21.79 -17.42
CA MET D 333 24.98 -22.36 -16.41
C MET D 333 24.35 -22.44 -15.02
N LEU D 334 24.35 -23.64 -14.44
CA LEU D 334 23.85 -23.84 -13.09
C LEU D 334 24.91 -24.36 -12.13
N TRP D 335 25.32 -23.54 -11.16
CA TRP D 335 26.15 -24.03 -10.03
C TRP D 335 25.27 -24.34 -8.81
N CYS D 336 25.37 -25.56 -8.31
CA CYS D 336 24.60 -26.00 -7.14
C CYS D 336 25.49 -26.36 -5.97
N LYS D 337 24.92 -26.25 -4.77
CA LYS D 337 25.66 -26.52 -3.56
C LYS D 337 24.71 -26.92 -2.43
N ASP D 338 24.88 -28.15 -1.95
CA ASP D 338 24.05 -28.67 -0.88
C ASP D 338 22.58 -28.66 -1.27
N ASN D 339 22.29 -29.05 -2.51
CA ASN D 339 20.90 -29.15 -2.98
C ASN D 339 20.14 -27.82 -3.09
N ALA D 340 20.89 -26.73 -3.09
CA ALA D 340 20.33 -25.42 -3.34
C ALA D 340 21.13 -24.83 -4.49
N VAL D 341 20.48 -23.98 -5.29
CA VAL D 341 21.16 -23.21 -6.32
C VAL D 341 22.20 -22.27 -5.67
N ALA D 342 23.39 -22.24 -6.26
CA ALA D 342 24.39 -21.23 -5.93
C ALA D 342 24.33 -20.08 -6.96
N THR D 343 24.39 -20.43 -8.25
CA THR D 343 24.28 -19.46 -9.35
C THR D 343 23.54 -20.05 -10.56
N PHE D 344 22.82 -19.19 -11.26
CA PHE D 344 22.09 -19.60 -12.44
C PHE D 344 22.04 -18.42 -13.36
N TYR D 345 22.81 -18.53 -14.45
CA TYR D 345 22.98 -17.46 -15.44
C TYR D 345 23.17 -18.00 -16.86
N PRO D 346 22.75 -17.22 -17.87
CA PRO D 346 22.93 -17.57 -19.28
C PRO D 346 24.40 -17.40 -19.74
N GLN D 347 24.84 -18.23 -20.71
CA GLN D 347 26.24 -18.41 -21.17
C GLN D 347 27.04 -19.28 -20.18
N SER E 1 43.89 -5.68 -31.92
CA SER E 1 44.01 -6.46 -33.15
C SER E 1 42.92 -6.04 -34.14
N GLY E 2 42.83 -4.74 -34.40
CA GLY E 2 41.95 -4.33 -35.47
C GLY E 2 40.53 -4.03 -35.03
N LEU E 3 39.85 -3.22 -35.84
CA LEU E 3 38.59 -2.68 -35.43
C LEU E 3 37.56 -3.77 -35.24
N GLU E 4 37.66 -4.82 -36.06
CA GLU E 4 36.76 -5.98 -35.93
C GLU E 4 36.86 -6.69 -34.56
N ASN E 5 38.06 -6.80 -34.01
CA ASN E 5 38.24 -7.33 -32.67
C ASN E 5 37.72 -6.36 -31.58
N ILE E 6 37.95 -5.06 -31.78
CA ILE E 6 37.39 -4.06 -30.86
C ILE E 6 35.84 -4.02 -30.87
N ALA E 7 35.25 -4.15 -32.05
CA ALA E 7 33.79 -4.29 -32.14
C ALA E 7 33.30 -5.53 -31.38
N PHE E 8 34.04 -6.65 -31.52
CA PHE E 8 33.65 -7.87 -30.86
C PHE E 8 33.58 -7.61 -29.37
N ASN E 9 34.67 -7.03 -28.85
CA ASN E 9 34.72 -6.66 -27.42
C ASN E 9 33.62 -5.75 -26.93
N VAL E 10 33.39 -4.67 -27.67
CA VAL E 10 32.37 -3.71 -27.26
C VAL E 10 30.94 -4.32 -27.24
N VAL E 11 30.60 -5.08 -28.27
CA VAL E 11 29.30 -5.74 -28.35
C VAL E 11 29.09 -6.85 -27.27
N ASN E 12 30.14 -7.58 -26.90
CA ASN E 12 29.97 -8.71 -25.98
C ASN E 12 30.40 -8.44 -24.56
N LYS E 13 31.20 -7.40 -24.35
CA LYS E 13 31.79 -7.11 -23.03
C LYS E 13 31.65 -5.64 -22.68
N GLY E 14 30.94 -4.91 -23.53
CA GLY E 14 30.72 -3.47 -23.35
C GLY E 14 31.97 -2.57 -23.44
N SER E 15 33.13 -3.15 -23.72
CA SER E 15 34.36 -2.40 -23.77
C SER E 15 35.46 -3.37 -24.21
N PHE E 16 36.64 -2.85 -24.54
CA PHE E 16 37.77 -3.70 -24.95
C PHE E 16 38.48 -4.31 -23.78
N VAL E 17 38.35 -5.63 -23.66
CA VAL E 17 38.97 -6.36 -22.54
C VAL E 17 40.08 -7.30 -23.00
N GLY E 18 40.25 -7.41 -24.30
CA GLY E 18 41.27 -8.28 -24.86
C GLY E 18 40.67 -9.64 -25.18
N ALA E 19 39.34 -9.69 -25.30
CA ALA E 19 38.68 -10.93 -25.71
C ALA E 19 39.02 -11.25 -27.17
N ASP E 20 39.05 -12.55 -27.50
CA ASP E 20 39.24 -12.98 -28.88
C ASP E 20 37.91 -13.08 -29.62
N GLY E 21 37.96 -12.79 -30.92
CA GLY E 21 36.77 -12.78 -31.77
C GLY E 21 36.65 -11.55 -32.67
N GLU E 22 35.85 -11.68 -33.72
CA GLU E 22 35.72 -10.59 -34.67
C GLU E 22 34.31 -10.37 -35.16
N LEU E 23 33.96 -9.10 -35.33
CA LEU E 23 32.68 -8.66 -35.91
C LEU E 23 32.97 -7.63 -37.00
N PRO E 24 32.36 -7.83 -38.17
CA PRO E 24 32.51 -6.82 -39.23
C PRO E 24 31.92 -5.44 -38.77
N VAL E 25 32.73 -4.38 -38.85
CA VAL E 25 32.40 -3.06 -38.34
C VAL E 25 32.80 -1.99 -39.36
N ALA E 26 32.02 -0.94 -39.47
CA ALA E 26 32.38 0.18 -40.37
C ALA E 26 31.91 1.47 -39.73
N ALA E 27 32.79 2.47 -39.70
CA ALA E 27 32.29 3.80 -39.28
C ALA E 27 31.71 4.39 -40.54
N SER E 28 30.67 5.21 -40.38
CA SER E 28 30.01 5.81 -41.53
C SER E 28 29.40 7.11 -41.06
N GLY E 29 30.06 8.21 -41.39
CA GLY E 29 29.74 9.50 -40.79
C GLY E 29 30.18 9.51 -39.33
N ASP E 30 29.21 9.77 -38.45
CA ASP E 30 29.50 9.84 -37.04
C ASP E 30 28.97 8.62 -36.34
N LYS E 31 28.67 7.59 -37.12
CA LYS E 31 28.14 6.30 -36.62
C LYS E 31 29.08 5.09 -36.82
N VAL E 32 29.00 4.10 -35.95
CA VAL E 32 29.73 2.88 -36.15
C VAL E 32 28.66 1.80 -36.23
N PHE E 33 28.72 0.98 -37.28
CA PHE E 33 27.85 -0.18 -37.41
C PHE E 33 28.56 -1.52 -37.35
N VAL E 34 27.87 -2.53 -36.81
CA VAL E 34 28.31 -3.91 -36.89
C VAL E 34 27.30 -4.72 -37.75
N ARG E 35 27.81 -5.40 -38.79
CA ARG E 35 27.03 -6.37 -39.57
C ARG E 35 26.70 -7.63 -38.78
N ASP E 36 25.39 -7.83 -38.56
CA ASP E 36 24.83 -8.93 -37.81
C ASP E 36 24.03 -9.78 -38.79
N GLY E 37 24.75 -10.44 -39.69
CA GLY E 37 24.13 -11.17 -40.78
C GLY E 37 23.39 -10.21 -41.69
N ASN E 38 22.09 -10.04 -41.44
CA ASN E 38 21.22 -9.35 -42.40
C ASN E 38 20.87 -7.91 -41.97
N THR E 39 21.59 -7.46 -40.96
CA THR E 39 21.20 -6.21 -40.30
C THR E 39 22.42 -5.46 -39.84
N ASP E 40 22.37 -4.14 -39.96
CA ASP E 40 23.45 -3.33 -39.41
C ASP E 40 23.07 -2.68 -38.12
N ASN E 41 23.70 -3.10 -37.03
CA ASN E 41 23.44 -2.54 -35.70
C ASN E 41 24.28 -1.30 -35.37
N LEU E 42 23.61 -0.22 -34.99
CA LEU E 42 24.32 0.93 -34.51
C LEU E 42 24.91 0.65 -33.13
N VAL E 43 26.20 0.72 -33.00
CA VAL E 43 26.81 0.47 -31.69
C VAL E 43 27.45 1.69 -31.02
N PHE E 44 27.68 2.73 -31.79
CA PHE E 44 28.33 3.93 -31.24
C PHE E 44 28.00 5.12 -32.09
N VAL E 45 27.82 6.27 -31.43
CA VAL E 45 27.59 7.54 -32.10
C VAL E 45 28.65 8.52 -31.60
N ASN E 46 29.37 9.14 -32.54
CA ASN E 46 30.52 9.95 -32.22
C ASN E 46 30.16 11.39 -31.92
N LYS E 47 30.43 11.86 -30.70
CA LYS E 47 30.17 13.27 -30.35
C LYS E 47 31.47 14.06 -30.14
N THR E 48 32.59 13.44 -30.55
CA THR E 48 33.92 14.03 -30.42
C THR E 48 34.34 14.66 -31.75
N SER E 49 35.36 15.52 -31.71
CA SER E 49 35.95 16.03 -32.96
C SER E 49 36.96 15.06 -33.63
N LEU E 50 37.20 13.89 -33.02
CA LEU E 50 38.04 12.84 -33.64
C LEU E 50 37.27 12.06 -34.72
N PRO E 51 38.01 11.45 -35.65
CA PRO E 51 37.38 10.58 -36.66
C PRO E 51 36.64 9.44 -35.95
N THR E 52 35.48 9.05 -36.49
CA THR E 52 34.56 8.16 -35.81
C THR E 52 35.17 6.82 -35.32
N ALA E 53 35.88 6.12 -36.19
CA ALA E 53 36.54 4.87 -35.84
C ALA E 53 37.46 5.04 -34.66
N ILE E 54 38.23 6.15 -34.68
CA ILE E 54 39.13 6.55 -33.58
C ILE E 54 38.41 6.83 -32.24
N ALA E 55 37.38 7.70 -32.24
CA ALA E 55 36.60 7.98 -31.02
C ALA E 55 36.03 6.62 -30.47
N PHE E 56 35.51 5.76 -31.33
CA PHE E 56 35.01 4.46 -30.96
C PHE E 56 36.09 3.63 -30.23
N GLU E 57 37.29 3.57 -30.81
CA GLU E 57 38.38 2.82 -30.20
C GLU E 57 38.73 3.35 -28.80
N LEU E 58 38.88 4.68 -28.67
CA LEU E 58 39.17 5.32 -27.36
C LEU E 58 38.03 5.01 -26.36
N PHE E 59 36.80 4.89 -26.85
CA PHE E 59 35.70 4.70 -25.94
C PHE E 59 35.83 3.26 -25.39
N ALA E 60 36.10 2.36 -26.32
CA ALA E 60 36.27 0.94 -25.99
C ALA E 60 37.38 0.78 -24.99
N LYS E 61 38.33 1.71 -25.04
CA LYS E 61 39.50 1.63 -24.21
C LYS E 61 39.41 2.52 -22.95
N ARG E 62 38.21 2.95 -22.63
CA ARG E 62 38.07 3.72 -21.40
C ARG E 62 38.27 2.85 -20.15
N LYS E 63 38.60 3.50 -19.03
CA LYS E 63 38.54 2.86 -17.72
C LYS E 63 37.08 2.56 -17.34
N VAL E 64 36.74 1.28 -17.22
CA VAL E 64 35.35 0.90 -16.97
C VAL E 64 35.15 0.61 -15.48
N GLY E 65 33.94 0.87 -15.00
CA GLY E 65 33.58 0.69 -13.60
C GLY E 65 34.02 1.86 -12.74
N LEU E 66 34.79 1.54 -11.69
CA LEU E 66 35.20 2.56 -10.69
C LEU E 66 36.26 3.52 -11.20
N THR E 67 35.95 4.80 -11.16
CA THR E 67 36.88 5.79 -11.73
C THR E 67 36.97 6.99 -10.79
N PRO E 68 38.13 7.69 -10.83
CA PRO E 68 38.32 8.97 -10.12
C PRO E 68 37.48 10.08 -10.78
N PRO E 69 37.09 11.08 -10.00
CA PRO E 69 36.37 12.26 -10.52
C PRO E 69 37.24 12.89 -11.61
N LEU E 70 36.68 13.64 -12.59
CA LEU E 70 37.46 14.17 -13.74
C LEU E 70 38.05 15.58 -13.56
N SER E 71 37.29 16.49 -12.97
CA SER E 71 37.64 17.91 -12.93
C SER E 71 38.99 18.16 -12.24
N ILE E 72 39.30 17.36 -11.21
CA ILE E 72 40.64 17.47 -10.57
C ILE E 72 41.79 17.14 -11.49
N LEU E 73 41.68 16.01 -12.17
CA LEU E 73 42.62 15.66 -13.24
C LEU E 73 42.79 16.81 -14.25
N LYS E 74 41.69 17.29 -14.84
CA LYS E 74 41.76 18.43 -15.76
C LYS E 74 42.48 19.59 -15.09
N ASN E 75 42.06 19.94 -13.87
CA ASN E 75 42.67 21.05 -13.15
C ASN E 75 44.18 20.91 -12.85
N LEU E 76 44.65 19.67 -12.77
CA LEU E 76 46.07 19.41 -12.59
C LEU E 76 46.86 19.45 -13.90
N GLY E 77 46.26 19.98 -14.97
CA GLY E 77 46.91 20.11 -16.26
C GLY E 77 47.20 18.80 -16.99
N VAL E 78 46.44 17.74 -16.63
CA VAL E 78 46.58 16.48 -17.36
C VAL E 78 46.34 16.63 -18.89
N VAL E 79 47.29 16.16 -19.68
CA VAL E 79 47.23 16.34 -21.13
C VAL E 79 46.93 15.03 -21.80
N ALA E 80 47.42 13.94 -21.23
CA ALA E 80 47.28 12.65 -21.85
C ALA E 80 47.26 11.57 -20.75
N THR E 81 46.57 10.47 -21.05
CA THR E 81 46.51 9.30 -20.17
C THR E 81 47.30 8.12 -20.68
N TYR E 82 47.98 7.42 -19.77
CA TYR E 82 48.95 6.38 -20.18
C TYR E 82 48.29 5.02 -20.16
N LYS E 83 48.05 4.47 -21.35
CA LYS E 83 47.52 3.10 -21.49
C LYS E 83 46.07 2.91 -21.04
N PHE E 84 45.33 4.00 -20.82
CA PHE E 84 43.88 3.89 -20.69
C PHE E 84 43.31 5.20 -21.14
N VAL E 85 42.00 5.25 -21.30
CA VAL E 85 41.38 6.54 -21.49
C VAL E 85 40.32 6.77 -20.40
N LEU E 86 40.21 8.02 -19.97
CA LEU E 86 39.17 8.41 -19.08
C LEU E 86 38.03 9.01 -19.94
N TRP E 87 36.83 8.42 -19.87
CA TRP E 87 35.66 8.86 -20.64
C TRP E 87 34.74 9.82 -19.85
N ASP E 88 34.56 11.02 -20.36
CA ASP E 88 33.57 11.93 -19.80
C ASP E 88 32.22 11.48 -20.41
N TYR E 89 31.43 10.76 -19.62
CA TYR E 89 30.13 10.23 -20.07
C TYR E 89 29.10 11.32 -20.35
N GLU E 90 29.35 12.50 -19.79
CA GLU E 90 28.36 13.54 -19.90
C GLU E 90 28.57 14.28 -21.22
N ALA E 91 29.81 14.69 -21.48
CA ALA E 91 30.14 15.32 -22.75
C ALA E 91 30.29 14.28 -23.89
N GLU E 92 30.51 12.98 -23.58
CA GLU E 92 30.71 11.86 -24.59
C GLU E 92 32.02 11.99 -25.41
N ARG E 93 33.12 11.81 -24.70
CA ARG E 93 34.34 12.46 -25.07
C ARG E 93 35.45 11.95 -24.13
N PRO E 94 36.61 11.68 -24.67
CA PRO E 94 37.74 11.46 -23.75
C PRO E 94 38.04 12.75 -22.98
N LEU E 95 38.82 12.59 -21.90
CA LEU E 95 39.11 13.71 -20.99
C LEU E 95 39.88 14.77 -21.72
N THR E 96 40.80 14.32 -22.62
CA THR E 96 41.52 15.18 -23.55
C THR E 96 41.56 14.50 -24.93
N SER E 97 42.11 15.21 -25.92
CA SER E 97 42.31 14.72 -27.29
C SER E 97 43.50 13.81 -27.39
N PHE E 98 44.23 13.62 -26.29
CA PHE E 98 45.51 12.92 -26.36
C PHE E 98 45.68 11.76 -25.43
N THR E 99 46.41 10.74 -25.93
CA THR E 99 46.76 9.53 -25.16
C THR E 99 48.25 9.27 -25.22
N LYS E 100 48.67 8.20 -24.55
CA LYS E 100 50.02 7.69 -24.65
C LYS E 100 49.89 6.19 -24.54
N SER E 101 50.46 5.49 -25.54
CA SER E 101 50.37 4.02 -25.69
C SER E 101 48.93 3.47 -25.70
N VAL E 102 47.99 4.24 -26.27
CA VAL E 102 46.64 3.75 -26.43
C VAL E 102 46.32 3.55 -27.90
N CYS E 103 46.50 4.62 -28.64
CA CYS E 103 46.07 4.62 -30.02
C CYS E 103 47.03 5.52 -30.85
N GLY E 104 47.62 4.93 -31.88
CA GLY E 104 48.59 5.64 -32.69
C GLY E 104 48.06 7.01 -33.15
N TYR E 105 46.82 7.03 -33.65
CA TYR E 105 46.24 8.30 -34.14
C TYR E 105 46.22 9.47 -33.10
N THR E 106 45.99 9.13 -31.83
CA THR E 106 45.89 10.14 -30.75
C THR E 106 47.11 10.21 -29.82
N ASP E 107 47.93 9.15 -29.80
CA ASP E 107 49.21 9.21 -29.07
C ASP E 107 50.04 10.51 -29.27
N PHE E 108 50.61 10.95 -28.15
CA PHE E 108 51.28 12.25 -28.08
C PHE E 108 52.71 12.06 -27.57
N ALA E 109 53.64 12.01 -28.52
CA ALA E 109 54.98 11.54 -28.26
C ALA E 109 55.74 12.37 -27.20
N GLU E 110 55.50 13.68 -27.23
CA GLU E 110 56.27 14.63 -26.44
C GLU E 110 56.07 14.50 -24.91
N ASP E 111 57.14 14.78 -24.16
CA ASP E 111 57.06 14.74 -22.70
C ASP E 111 56.10 15.82 -22.26
N VAL E 112 55.09 15.45 -21.51
CA VAL E 112 54.06 16.39 -21.13
C VAL E 112 53.37 15.87 -19.85
N CYS E 113 52.59 16.71 -19.17
CA CYS E 113 51.87 16.25 -17.99
C CYS E 113 50.94 15.01 -18.25
N THR E 114 51.41 13.82 -17.86
CA THR E 114 50.69 12.59 -18.13
C THR E 114 50.00 12.06 -16.87
N CYS E 115 48.86 11.40 -17.05
CA CYS E 115 48.12 10.85 -15.90
C CYS E 115 48.26 9.36 -15.92
N TYR E 116 48.57 8.77 -14.77
CA TYR E 116 48.83 7.31 -14.70
C TYR E 116 47.81 6.64 -13.80
N ASP E 117 47.39 5.44 -14.18
CA ASP E 117 46.50 4.63 -13.35
C ASP E 117 47.30 3.51 -12.64
N ASN E 118 47.46 3.67 -11.33
CA ASN E 118 48.25 2.75 -10.53
C ASN E 118 47.87 1.29 -10.70
N SER E 119 46.65 1.03 -11.17
CA SER E 119 46.18 -0.36 -11.31
C SER E 119 46.84 -1.01 -12.53
N ILE E 120 47.55 -0.20 -13.28
CA ILE E 120 48.15 -0.68 -14.55
C ILE E 120 49.67 -0.86 -14.45
N GLN E 121 50.10 -2.08 -14.75
CA GLN E 121 51.50 -2.46 -14.59
C GLN E 121 52.44 -1.37 -15.12
N GLY E 122 53.33 -0.89 -14.25
CA GLY E 122 54.42 -0.03 -14.66
C GLY E 122 54.15 1.46 -14.63
N SER E 123 52.90 1.83 -14.33
CA SER E 123 52.51 3.24 -14.41
C SER E 123 53.15 4.04 -13.27
N TYR E 124 53.25 3.41 -12.09
CA TYR E 124 53.85 4.08 -10.93
C TYR E 124 55.33 4.51 -11.19
N GLU E 125 56.09 3.60 -11.81
CA GLU E 125 57.51 3.82 -12.10
C GLU E 125 57.66 4.97 -13.10
N ARG E 126 56.81 4.98 -14.12
CA ARG E 126 56.88 6.03 -15.14
C ARG E 126 56.48 7.34 -14.54
N PHE E 127 55.48 7.27 -13.66
CA PHE E 127 54.99 8.46 -12.97
C PHE E 127 56.11 9.11 -12.13
N THR E 128 56.80 8.30 -11.31
CA THR E 128 57.81 8.81 -10.38
C THR E 128 58.99 9.50 -11.08
N LEU E 129 59.40 8.97 -12.24
CA LEU E 129 60.48 9.56 -13.03
C LEU E 129 60.10 10.93 -13.60
N SER E 130 58.81 11.20 -13.76
CA SER E 130 58.37 12.36 -14.55
C SER E 130 58.61 13.77 -13.93
N THR E 131 58.71 14.77 -14.78
CA THR E 131 58.91 16.13 -14.29
C THR E 131 57.55 16.73 -13.93
N ASN E 132 56.57 16.49 -14.81
CA ASN E 132 55.17 16.74 -14.49
C ASN E 132 54.26 15.55 -14.82
N ALA E 133 53.43 15.18 -13.84
CA ALA E 133 52.60 13.99 -13.94
C ALA E 133 51.60 13.89 -12.80
N VAL E 134 50.54 13.12 -13.04
CA VAL E 134 49.60 12.79 -11.99
C VAL E 134 49.39 11.26 -11.91
N LEU E 135 49.14 10.78 -10.69
CA LEU E 135 48.93 9.36 -10.42
C LEU E 135 47.67 9.27 -9.58
N PHE E 136 46.78 8.36 -9.96
CA PHE E 136 45.66 8.00 -9.09
C PHE E 136 45.69 6.49 -8.79
N SER E 137 45.14 6.13 -7.64
CA SER E 137 45.26 4.79 -7.12
C SER E 137 44.10 4.51 -6.16
N ALA E 138 43.60 3.26 -6.27
CA ALA E 138 42.49 2.81 -5.40
C ALA E 138 42.97 2.68 -3.96
N THR E 139 44.29 2.50 -3.85
CA THR E 139 45.00 2.33 -2.58
C THR E 139 46.09 3.41 -2.41
N ALA E 140 46.34 3.87 -1.19
CA ALA E 140 47.48 4.75 -0.94
C ALA E 140 48.88 4.21 -1.42
N VAL E 141 49.69 5.10 -2.00
CA VAL E 141 51.04 4.72 -2.48
C VAL E 141 52.08 4.95 -1.37
N LYS E 142 52.97 3.96 -1.21
CA LYS E 142 53.72 3.73 0.04
C LYS E 142 55.26 3.78 -0.08
N THR E 143 55.89 4.38 0.92
CA THR E 143 57.34 4.58 0.97
C THR E 143 58.10 3.44 1.68
N GLY E 144 57.43 2.85 2.67
CA GLY E 144 58.03 2.07 3.73
C GLY E 144 57.54 2.72 5.00
N GLY E 145 56.94 1.94 5.90
CA GLY E 145 56.21 2.49 7.01
C GLY E 145 54.98 3.31 6.61
N LYS E 146 55.21 4.39 5.85
CA LYS E 146 54.19 5.42 5.65
C LYS E 146 53.93 5.91 4.20
N SER E 147 53.90 7.23 4.04
CA SER E 147 53.03 7.79 3.02
C SER E 147 53.63 8.80 2.05
N LEU E 148 53.11 8.77 0.83
CA LEU E 148 53.17 9.93 -0.01
C LEU E 148 52.02 10.87 0.38
N PRO E 149 52.30 12.15 0.48
CA PRO E 149 51.19 13.13 0.55
C PRO E 149 50.28 12.90 -0.67
N ALA E 150 48.97 12.87 -0.44
CA ALA E 150 48.04 12.37 -1.43
C ALA E 150 46.70 13.09 -1.37
N ILE E 151 46.11 13.37 -2.53
CA ILE E 151 44.79 13.97 -2.56
C ILE E 151 43.94 12.80 -2.15
N LYS E 152 43.13 13.00 -1.13
CA LYS E 152 42.38 11.89 -0.63
C LYS E 152 40.90 12.09 -0.85
N LEU E 153 40.34 11.25 -1.69
CA LEU E 153 38.94 11.39 -2.04
C LEU E 153 38.13 10.29 -1.38
N ASN E 154 36.96 10.65 -0.82
CA ASN E 154 36.04 9.64 -0.22
C ASN E 154 34.76 9.52 -1.06
N PHE E 155 34.90 9.80 -2.37
CA PHE E 155 33.79 9.64 -3.33
C PHE E 155 34.43 9.40 -4.67
N GLY E 156 33.64 9.12 -5.69
CA GLY E 156 34.18 8.77 -6.98
C GLY E 156 33.06 8.58 -8.00
N MET E 157 33.36 7.96 -9.11
CA MET E 157 32.36 7.78 -10.12
C MET E 157 32.31 6.32 -10.36
N LEU E 158 31.24 5.91 -11.03
CA LEU E 158 31.07 4.50 -11.32
C LEU E 158 30.35 4.43 -12.66
N ASN E 159 31.09 4.07 -13.70
CA ASN E 159 30.53 4.07 -15.04
C ASN E 159 29.87 5.43 -15.35
N GLY E 160 30.50 6.50 -14.83
CA GLY E 160 30.07 7.87 -15.06
C GLY E 160 28.96 8.27 -14.12
N ASN E 161 28.60 7.41 -13.17
CA ASN E 161 27.60 7.80 -12.16
C ASN E 161 28.31 8.21 -10.86
N ALA E 162 27.84 9.29 -10.23
CA ALA E 162 28.50 9.74 -9.01
C ALA E 162 28.17 8.71 -7.91
N ILE E 163 29.17 8.38 -7.10
CA ILE E 163 28.96 7.51 -5.92
C ILE E 163 29.83 7.99 -4.76
N ALA E 164 29.33 7.75 -3.55
CA ALA E 164 30.08 8.15 -2.35
C ALA E 164 30.24 7.02 -1.33
N THR E 165 31.23 7.18 -0.46
CA THR E 165 31.37 6.34 0.73
C THR E 165 30.07 6.47 1.53
N VAL E 166 29.46 5.33 1.88
CA VAL E 166 28.05 5.28 2.30
C VAL E 166 27.67 4.43 3.54
N ASN E 172 25.76 -1.91 5.50
CA ASN E 172 25.66 -0.68 4.71
C ASN E 172 27.01 -0.07 4.34
N ILE E 173 28.09 -0.51 5.03
CA ILE E 173 29.35 0.28 5.23
C ILE E 173 30.49 0.23 4.16
N LYS E 174 30.35 1.10 3.16
CA LYS E 174 30.99 0.90 1.86
C LYS E 174 32.00 2.02 1.58
N ASN E 175 33.26 1.65 1.44
CA ASN E 175 34.28 2.67 1.28
C ASN E 175 34.62 3.02 -0.15
N ILE E 176 34.47 4.29 -0.50
CA ILE E 176 34.91 4.70 -1.83
C ILE E 176 36.09 5.63 -1.69
N ASN E 177 37.27 5.15 -2.09
CA ASN E 177 38.47 5.99 -2.03
C ASN E 177 39.26 6.18 -3.34
N TRP E 178 39.81 7.39 -3.53
CA TRP E 178 40.83 7.63 -4.55
C TRP E 178 41.97 8.37 -3.90
N PHE E 179 43.17 7.95 -4.28
CA PHE E 179 44.39 8.63 -3.91
C PHE E 179 45.02 9.27 -5.16
N VAL E 180 45.20 10.59 -5.13
CA VAL E 180 45.64 11.29 -6.33
C VAL E 180 46.91 12.03 -5.98
N TYR E 181 47.97 11.72 -6.73
CA TYR E 181 49.31 12.29 -6.49
C TYR E 181 49.82 13.19 -7.63
N VAL E 182 50.46 14.30 -7.25
CA VAL E 182 51.04 15.19 -8.26
C VAL E 182 52.55 15.29 -8.13
N ARG E 183 53.23 15.27 -9.28
CA ARG E 183 54.65 15.64 -9.37
C ARG E 183 54.73 16.86 -10.27
N LYS E 184 55.45 17.89 -9.83
CA LYS E 184 55.49 19.13 -10.57
C LYS E 184 56.88 19.81 -10.48
N ASP E 185 57.44 20.15 -11.64
CA ASP E 185 58.74 20.79 -11.73
C ASP E 185 59.78 19.86 -11.14
N GLY E 186 59.59 18.56 -11.37
CA GLY E 186 60.61 17.55 -11.06
C GLY E 186 60.54 16.92 -9.68
N LYS E 187 59.50 17.26 -8.90
CA LYS E 187 59.39 16.77 -7.49
C LYS E 187 57.95 16.64 -6.93
N PRO E 188 57.72 15.70 -5.99
CA PRO E 188 56.40 15.56 -5.33
C PRO E 188 55.85 16.89 -4.79
N VAL E 189 54.53 17.06 -4.93
CA VAL E 189 53.86 18.20 -4.33
C VAL E 189 53.72 17.92 -2.83
N ASP E 190 54.18 18.89 -2.02
CA ASP E 190 54.24 18.79 -0.54
C ASP E 190 52.95 18.31 0.14
N HIS E 191 51.84 18.86 -0.35
CA HIS E 191 50.63 19.03 0.43
C HIS E 191 49.50 19.43 -0.50
N TYR E 192 48.28 19.18 -0.10
CA TYR E 192 47.15 19.52 -0.93
C TYR E 192 46.04 20.16 -0.11
N ASP E 193 45.74 21.42 -0.41
CA ASP E 193 44.68 22.14 0.29
C ASP E 193 43.35 22.07 -0.45
N GLY E 194 42.28 22.39 0.29
CA GLY E 194 41.04 22.79 -0.33
C GLY E 194 39.91 21.79 -0.26
N PHE E 195 38.82 22.11 -0.97
CA PHE E 195 37.66 21.25 -1.04
C PHE E 195 37.55 20.63 -2.43
N TYR E 196 36.65 19.65 -2.55
CA TYR E 196 36.46 18.90 -3.81
C TYR E 196 34.99 18.86 -4.26
N THR E 197 34.74 19.20 -5.52
CA THR E 197 33.38 19.15 -6.02
C THR E 197 33.02 17.67 -6.07
N GLN E 198 31.73 17.40 -6.01
CA GLN E 198 31.26 16.05 -5.75
C GLN E 198 30.84 15.32 -7.01
N GLY E 199 30.68 16.06 -8.12
CA GLY E 199 30.37 15.45 -9.42
C GLY E 199 29.01 14.77 -9.58
N ARG E 200 28.03 15.20 -8.81
CA ARG E 200 26.66 14.73 -8.98
C ARG E 200 25.95 15.54 -10.06
N ASN E 201 24.74 15.13 -10.43
CA ASN E 201 23.93 15.94 -11.36
C ASN E 201 22.54 16.19 -10.78
N LEU E 202 21.79 17.09 -11.39
CA LEU E 202 20.44 17.43 -10.88
C LEU E 202 19.49 16.25 -10.74
N GLN E 203 19.45 15.37 -11.73
CA GLN E 203 18.50 14.24 -11.76
C GLN E 203 18.85 13.15 -10.76
N ASP E 204 20.14 12.87 -10.56
CA ASP E 204 20.53 11.67 -9.78
C ASP E 204 21.09 12.01 -8.40
N PHE E 205 21.08 13.32 -8.06
CA PHE E 205 21.64 13.83 -6.78
C PHE E 205 21.16 12.97 -5.57
N LEU E 206 22.12 12.55 -4.75
CA LEU E 206 21.84 11.95 -3.45
C LEU E 206 22.68 12.73 -2.46
N PRO E 207 22.13 13.01 -1.29
CA PRO E 207 22.85 13.72 -0.22
C PRO E 207 23.95 12.85 0.36
N ARG E 208 24.98 13.46 0.94
CA ARG E 208 26.22 12.73 1.37
C ARG E 208 26.58 13.07 2.80
N SER E 209 25.69 13.84 3.44
CA SER E 209 25.91 14.29 4.82
C SER E 209 24.57 14.53 5.53
N THR E 210 24.61 14.54 6.86
CA THR E 210 23.37 14.80 7.59
C THR E 210 22.89 16.21 7.24
N MET E 211 23.84 17.14 7.11
CA MET E 211 23.43 18.51 6.72
C MET E 211 22.72 18.60 5.36
N GLU E 212 23.26 17.91 4.36
CA GLU E 212 22.60 17.80 3.05
C GLU E 212 21.22 17.15 3.15
N GLU E 213 21.13 16.01 3.85
CA GLU E 213 19.82 15.41 4.17
C GLU E 213 18.87 16.45 4.72
N ASP E 214 19.36 17.25 5.66
CA ASP E 214 18.51 18.24 6.31
C ASP E 214 18.07 19.37 5.38
N PHE E 215 18.96 19.77 4.47
CA PHE E 215 18.66 20.88 3.60
C PHE E 215 17.49 20.52 2.70
N LEU E 216 17.53 19.32 2.13
CA LEU E 216 16.46 18.79 1.27
C LEU E 216 15.17 18.48 1.98
N ASN E 217 15.25 18.15 3.27
CA ASN E 217 14.05 17.66 3.99
C ASN E 217 13.38 18.66 4.91
N MET E 218 14.18 19.51 5.55
CA MET E 218 13.62 20.47 6.51
C MET E 218 12.98 21.73 5.90
N ASP E 219 12.29 22.44 6.76
CA ASP E 219 11.82 23.76 6.47
C ASP E 219 13.00 24.70 6.49
N ILE E 220 12.83 25.86 5.84
CA ILE E 220 13.94 26.83 5.71
C ILE E 220 14.46 27.41 7.04
N GLY E 221 13.54 27.93 7.86
CA GLY E 221 13.92 28.52 9.13
C GLY E 221 14.51 27.48 10.07
N VAL E 222 13.92 26.28 10.03
CA VAL E 222 14.40 25.18 10.86
C VAL E 222 15.81 24.77 10.51
N PHE E 223 16.07 24.67 9.21
CA PHE E 223 17.44 24.30 8.75
C PHE E 223 18.44 25.39 9.12
N ILE E 224 18.03 26.64 8.91
CA ILE E 224 18.92 27.79 9.16
C ILE E 224 19.28 27.90 10.63
N GLN E 225 18.27 27.79 11.48
CA GLN E 225 18.47 27.78 12.92
C GLN E 225 19.41 26.63 13.38
N LYS E 226 19.14 25.41 12.91
CA LYS E 226 19.88 24.22 13.36
C LYS E 226 21.36 24.34 13.05
N TYR E 227 21.69 25.09 11.99
CA TYR E 227 23.09 25.17 11.54
C TYR E 227 23.68 26.58 11.74
N GLY E 228 22.89 27.46 12.34
CA GLY E 228 23.36 28.77 12.75
C GLY E 228 23.83 29.61 11.58
N LEU E 229 22.95 29.80 10.61
CA LEU E 229 23.33 30.36 9.31
C LEU E 229 22.65 31.69 9.15
N GLU E 230 22.29 32.35 10.25
CA GLU E 230 21.40 33.52 10.14
C GLU E 230 22.05 34.74 9.44
N ASP E 231 23.36 34.87 9.59
CA ASP E 231 24.10 36.01 9.04
C ASP E 231 24.56 35.77 7.59
N PHE E 232 24.38 34.55 7.09
CA PHE E 232 24.65 34.14 5.69
C PHE E 232 23.34 34.15 4.97
N ASN E 233 23.29 34.85 3.84
CA ASN E 233 21.97 35.05 3.26
C ASN E 233 21.55 33.76 2.55
N PHE E 234 21.41 32.67 3.31
CA PHE E 234 21.13 31.35 2.73
C PHE E 234 19.89 31.34 1.85
N GLU E 235 18.84 32.04 2.28
CA GLU E 235 17.59 32.11 1.52
C GLU E 235 17.87 32.60 0.11
N HIS E 236 18.84 33.50 -0.02
CA HIS E 236 19.25 33.98 -1.34
C HIS E 236 20.38 33.12 -1.95
N VAL E 237 21.51 33.04 -1.27
CA VAL E 237 22.69 32.36 -1.82
C VAL E 237 22.53 30.88 -2.17
N VAL E 238 21.78 30.11 -1.37
CA VAL E 238 21.68 28.66 -1.58
C VAL E 238 20.25 28.20 -1.91
N TYR E 239 19.27 28.67 -1.14
CA TYR E 239 17.89 28.31 -1.40
C TYR E 239 17.42 28.87 -2.73
N GLY E 240 17.86 30.08 -3.06
CA GLY E 240 17.45 30.72 -4.32
C GLY E 240 16.20 31.54 -4.07
N ASP E 241 16.10 32.67 -4.74
CA ASP E 241 14.92 33.54 -4.61
C ASP E 241 14.07 33.58 -5.92
N VAL E 242 12.94 32.92 -5.87
CA VAL E 242 12.16 32.66 -7.05
C VAL E 242 11.00 33.69 -7.12
N SER E 243 11.11 34.76 -6.32
CA SER E 243 10.02 35.69 -6.11
C SER E 243 9.89 36.76 -7.19
N LYS E 244 11.00 37.12 -7.83
CA LYS E 244 10.96 37.99 -9.03
C LYS E 244 11.16 37.16 -10.31
N THR E 245 10.93 37.77 -11.47
CA THR E 245 11.13 37.07 -12.74
C THR E 245 12.62 36.72 -12.90
N THR E 246 13.50 37.49 -12.26
CA THR E 246 14.91 37.16 -12.28
C THR E 246 15.24 36.41 -11.03
N LEU E 247 15.63 35.15 -11.19
CA LEU E 247 15.85 34.26 -10.05
C LEU E 247 17.16 34.53 -9.37
N GLY E 248 17.12 34.77 -8.06
CA GLY E 248 18.27 35.29 -7.32
C GLY E 248 19.08 34.21 -6.63
N GLY E 249 20.40 34.41 -6.60
CA GLY E 249 21.33 33.48 -5.97
C GLY E 249 21.35 32.09 -6.61
N LEU E 250 21.09 31.06 -5.83
CA LEU E 250 21.03 29.68 -6.33
C LEU E 250 22.38 29.18 -6.86
N HIS E 251 23.41 29.20 -6.02
CA HIS E 251 24.79 28.90 -6.49
C HIS E 251 25.39 27.52 -6.16
N LEU E 252 24.54 26.57 -5.69
CA LEU E 252 25.02 25.19 -5.58
C LEU E 252 24.16 24.25 -6.42
N LEU E 253 24.69 23.08 -6.78
CA LEU E 253 23.87 22.00 -7.37
C LEU E 253 22.65 21.72 -6.47
N ILE E 254 22.96 21.49 -5.19
CA ILE E 254 21.92 21.14 -4.25
C ILE E 254 20.80 22.20 -4.22
N SER E 255 21.15 23.46 -4.48
CA SER E 255 20.10 24.50 -4.68
C SER E 255 19.05 24.11 -5.71
N GLN E 256 19.51 23.70 -6.89
CA GLN E 256 18.62 23.21 -7.94
C GLN E 256 17.83 21.99 -7.50
N VAL E 257 18.54 21.03 -6.91
CA VAL E 257 17.91 19.79 -6.45
C VAL E 257 16.64 20.07 -5.58
N ARG E 258 16.81 20.95 -4.59
CA ARG E 258 15.75 21.23 -3.66
C ARG E 258 14.57 21.89 -4.39
N LEU E 259 14.90 22.91 -5.19
CA LEU E 259 13.91 23.69 -5.84
C LEU E 259 13.11 22.81 -6.82
N SER E 260 13.73 21.80 -7.37
CA SER E 260 13.04 20.96 -8.37
C SER E 260 12.17 19.92 -7.73
N LYS E 261 12.33 19.81 -6.41
CA LYS E 261 11.36 19.07 -5.59
C LYS E 261 10.08 19.85 -5.28
N MET E 262 10.17 21.18 -5.35
CA MET E 262 9.04 22.06 -5.07
C MET E 262 8.14 22.22 -6.31
N GLY E 263 8.70 22.04 -7.50
CA GLY E 263 8.06 22.43 -8.76
C GLY E 263 8.95 22.04 -9.94
N ILE E 264 8.65 22.54 -11.14
CA ILE E 264 9.35 22.15 -12.36
C ILE E 264 10.53 23.05 -12.57
N LEU E 265 11.73 22.48 -12.43
CA LEU E 265 12.96 23.28 -12.63
C LEU E 265 13.82 22.79 -13.77
N LYS E 266 14.12 23.70 -14.72
CA LYS E 266 15.04 23.41 -15.84
C LYS E 266 16.41 24.07 -15.61
N ALA E 267 17.47 23.33 -15.93
CA ALA E 267 18.83 23.85 -15.84
C ALA E 267 19.64 23.47 -17.08
N GLU E 268 19.90 24.44 -17.94
CA GLU E 268 20.46 24.17 -19.28
C GLU E 268 21.88 24.55 -19.18
N GLU E 269 22.74 23.53 -19.22
CA GLU E 269 24.18 23.74 -19.07
C GLU E 269 24.76 24.44 -20.31
N PHE E 270 25.61 25.45 -20.11
CA PHE E 270 26.29 26.15 -21.24
C PHE E 270 27.08 25.17 -22.10
N VAL E 271 27.92 24.35 -21.46
CA VAL E 271 28.69 23.38 -22.18
C VAL E 271 28.63 22.13 -21.35
N ALA E 272 28.00 21.11 -21.92
CA ALA E 272 27.94 19.74 -21.33
C ALA E 272 29.37 19.14 -21.06
N ALA E 273 29.61 18.65 -19.84
CA ALA E 273 30.93 18.20 -19.38
C ALA E 273 30.83 17.60 -18.00
N SER E 274 31.70 16.64 -17.68
CA SER E 274 31.73 16.15 -16.29
C SER E 274 33.12 16.29 -15.72
N ASP E 275 33.93 17.10 -16.43
CA ASP E 275 35.36 17.26 -16.05
C ASP E 275 35.72 18.70 -15.69
N ILE E 276 34.73 19.47 -15.24
CA ILE E 276 34.90 20.91 -15.01
C ILE E 276 34.37 21.24 -13.62
N THR E 277 35.06 22.14 -12.93
CA THR E 277 34.75 22.45 -11.54
C THR E 277 33.66 23.55 -11.46
N LEU E 278 33.91 24.70 -12.08
CA LEU E 278 32.91 25.78 -12.12
C LEU E 278 31.86 25.49 -13.23
N LYS E 279 30.58 25.50 -12.84
CA LYS E 279 29.53 25.08 -13.72
C LYS E 279 28.64 26.26 -13.95
N CYS E 280 27.85 26.19 -15.01
CA CYS E 280 27.06 27.33 -15.41
C CYS E 280 25.91 26.89 -16.33
N CYS E 281 24.72 27.40 -16.02
CA CYS E 281 23.58 27.08 -16.84
C CYS E 281 22.62 28.22 -16.92
N THR E 282 21.64 28.02 -17.79
CA THR E 282 20.46 28.87 -17.76
C THR E 282 19.38 28.08 -16.96
N VAL E 283 18.87 28.69 -15.90
CA VAL E 283 17.94 28.04 -15.03
C VAL E 283 16.56 28.69 -15.05
N THR E 284 15.54 27.86 -15.28
CA THR E 284 14.16 28.31 -15.34
C THR E 284 13.29 27.53 -14.30
N TYR E 285 12.46 28.27 -13.55
CA TYR E 285 11.45 27.71 -12.62
C TYR E 285 10.02 28.00 -13.07
N LEU E 286 9.25 26.98 -13.43
CA LEU E 286 7.99 27.21 -14.13
C LEU E 286 6.86 27.71 -13.23
N ASN E 287 6.76 27.15 -12.04
CA ASN E 287 5.55 27.33 -11.18
C ASN E 287 5.35 28.74 -10.66
N ASP E 288 6.44 29.32 -10.15
CA ASP E 288 6.48 30.73 -9.89
C ASP E 288 7.51 31.33 -10.92
N PRO E 289 7.04 31.66 -12.15
CA PRO E 289 7.98 32.02 -13.26
C PRO E 289 9.20 32.86 -12.83
N SER E 290 10.34 32.19 -12.85
CA SER E 290 11.63 32.82 -12.50
C SER E 290 12.83 32.15 -13.23
N SER E 291 13.82 32.93 -13.62
CA SER E 291 14.92 32.38 -14.40
C SER E 291 16.14 33.25 -14.18
N LYS E 292 17.30 32.60 -14.32
CA LYS E 292 18.55 33.33 -14.35
C LYS E 292 19.34 32.84 -15.55
N THR E 293 19.63 33.75 -16.49
CA THR E 293 20.32 33.42 -17.72
C THR E 293 21.70 32.82 -17.43
N VAL E 294 22.50 33.53 -16.62
CA VAL E 294 23.82 33.05 -16.30
C VAL E 294 23.86 32.67 -14.86
N CYS E 295 23.66 31.39 -14.62
CA CYS E 295 23.65 30.89 -13.28
C CYS E 295 24.90 30.04 -12.97
N THR E 296 25.92 30.65 -12.36
CA THR E 296 27.10 29.91 -11.91
C THR E 296 26.79 29.05 -10.67
N TYR E 297 27.36 27.86 -10.65
CA TYR E 297 27.22 26.98 -9.50
C TYR E 297 28.32 25.91 -9.50
N MET E 298 28.49 25.32 -8.32
CA MET E 298 29.41 24.18 -8.14
C MET E 298 28.70 23.16 -7.27
N ASP E 299 29.08 21.90 -7.43
CA ASP E 299 28.53 20.89 -6.58
C ASP E 299 29.48 20.71 -5.42
N LEU E 300 29.46 21.66 -4.50
CA LEU E 300 30.26 21.50 -3.28
C LEU E 300 29.49 20.66 -2.24
N LEU E 301 30.22 19.85 -1.47
CA LEU E 301 29.60 19.31 -0.23
C LEU E 301 28.97 20.50 0.56
N LEU E 302 27.67 20.41 0.91
CA LEU E 302 27.07 21.53 1.63
C LEU E 302 27.89 21.93 2.88
N ASP E 303 28.47 20.93 3.55
CA ASP E 303 29.18 21.23 4.80
C ASP E 303 30.36 22.10 4.47
N ASP E 304 31.07 21.77 3.39
CA ASP E 304 32.25 22.52 2.98
C ASP E 304 31.86 23.95 2.64
N PHE E 305 30.80 24.10 1.85
CA PHE E 305 30.34 25.44 1.49
C PHE E 305 30.03 26.32 2.71
N VAL E 306 29.26 25.77 3.63
CA VAL E 306 28.99 26.40 4.94
C VAL E 306 30.29 26.76 5.69
N SER E 307 31.20 25.78 5.79
CA SER E 307 32.51 26.00 6.36
C SER E 307 33.18 27.24 5.73
N VAL E 308 33.07 27.39 4.41
CA VAL E 308 33.62 28.56 3.73
C VAL E 308 32.94 29.86 4.17
N LEU E 309 31.61 29.85 4.18
CA LEU E 309 30.84 30.98 4.72
C LEU E 309 31.26 31.41 6.14
N LYS E 310 31.35 30.43 7.04
CA LYS E 310 31.76 30.66 8.42
C LYS E 310 33.27 30.96 8.58
N SER E 311 33.88 31.61 7.59
CA SER E 311 35.32 31.92 7.66
C SER E 311 35.48 33.21 6.89
N LEU E 312 34.32 33.79 6.56
CA LEU E 312 34.25 35.08 5.82
C LEU E 312 34.14 36.25 6.77
N ASP E 313 34.68 37.38 6.34
CA ASP E 313 34.58 38.59 7.12
C ASP E 313 33.32 39.32 6.70
N LEU E 314 32.36 39.43 7.62
CA LEU E 314 31.07 40.03 7.30
C LEU E 314 31.07 41.54 7.48
N THR E 315 32.25 42.10 7.78
CA THR E 315 32.36 43.52 8.15
C THR E 315 32.74 44.39 6.98
N VAL E 316 33.37 43.79 5.96
CA VAL E 316 33.70 44.51 4.71
C VAL E 316 32.45 44.71 3.87
N VAL E 317 32.47 45.68 2.95
CA VAL E 317 31.36 45.89 2.03
C VAL E 317 31.46 45.00 0.78
N SER E 318 32.65 45.00 0.19
CA SER E 318 32.97 43.98 -0.82
C SER E 318 34.43 43.50 -0.75
N LYS E 319 34.62 42.20 -0.64
CA LYS E 319 35.93 41.62 -0.87
C LYS E 319 35.79 40.52 -1.92
N VAL E 320 36.89 40.20 -2.59
CA VAL E 320 36.95 39.00 -3.42
C VAL E 320 37.74 37.97 -2.62
N HIS E 321 37.10 36.83 -2.31
CA HIS E 321 37.77 35.74 -1.60
C HIS E 321 38.27 34.64 -2.55
N GLU E 322 39.43 34.09 -2.24
CA GLU E 322 39.95 32.99 -3.02
C GLU E 322 39.58 31.69 -2.30
N VAL E 323 38.85 30.80 -2.96
CA VAL E 323 38.59 29.49 -2.36
C VAL E 323 39.27 28.39 -3.16
N ILE E 324 39.96 27.49 -2.47
CA ILE E 324 40.61 26.38 -3.15
C ILE E 324 39.64 25.21 -3.32
N ILE E 325 39.34 24.89 -4.57
CA ILE E 325 38.38 23.82 -4.86
C ILE E 325 39.00 23.03 -5.98
N ASP E 326 39.04 21.71 -5.85
CA ASP E 326 39.61 20.86 -6.89
C ASP E 326 41.03 21.33 -7.24
N ASN E 327 41.75 21.77 -6.22
CA ASN E 327 43.17 22.11 -6.33
C ASN E 327 43.51 23.43 -7.03
N LYS E 328 42.47 24.26 -7.22
CA LYS E 328 42.60 25.54 -7.90
C LYS E 328 41.99 26.67 -7.05
N PRO E 329 42.61 27.84 -7.10
CA PRO E 329 42.01 29.01 -6.47
C PRO E 329 40.85 29.45 -7.35
N TRP E 330 39.70 29.77 -6.73
CA TRP E 330 38.55 30.35 -7.41
C TRP E 330 38.17 31.66 -6.78
N ARG E 331 37.85 32.64 -7.61
CA ARG E 331 37.48 33.95 -7.13
C ARG E 331 36.01 33.98 -6.73
N TRP E 332 35.73 34.18 -5.45
CA TRP E 332 34.34 34.34 -5.01
C TRP E 332 34.08 35.77 -4.50
N MET E 333 33.12 36.45 -5.13
CA MET E 333 32.70 37.79 -4.72
C MET E 333 31.74 37.79 -3.51
N LEU E 334 32.09 38.59 -2.50
CA LEU E 334 31.27 38.71 -1.30
C LEU E 334 30.80 40.16 -1.06
N TRP E 335 29.50 40.43 -1.19
CA TRP E 335 28.93 41.71 -0.76
C TRP E 335 28.26 41.59 0.60
N CYS E 336 28.68 42.43 1.56
CA CYS E 336 28.14 42.33 2.91
C CYS E 336 27.36 43.57 3.23
N LYS E 337 26.53 43.47 4.26
CA LYS E 337 25.72 44.61 4.68
C LYS E 337 25.20 44.41 6.10
N ASP E 338 25.64 45.30 7.00
CA ASP E 338 25.29 45.21 8.40
C ASP E 338 25.69 43.86 8.99
N ASN E 339 26.92 43.41 8.68
CA ASN E 339 27.46 42.19 9.29
C ASN E 339 26.71 40.92 8.94
N ALA E 340 25.93 41.00 7.85
CA ALA E 340 25.30 39.82 7.25
C ALA E 340 25.74 39.80 5.81
N VAL E 341 25.82 38.61 5.22
CA VAL E 341 26.08 38.52 3.78
C VAL E 341 24.88 39.01 2.98
N ALA E 342 25.18 39.80 1.96
CA ALA E 342 24.18 40.22 0.98
C ALA E 342 24.18 39.31 -0.27
N THR E 343 25.35 39.15 -0.90
CA THR E 343 25.56 38.17 -1.97
C THR E 343 26.93 37.44 -1.94
N PHE E 344 26.94 36.20 -2.37
CA PHE E 344 28.18 35.44 -2.36
C PHE E 344 28.15 34.52 -3.54
N TYR E 345 28.99 34.84 -4.53
CA TYR E 345 29.00 34.12 -5.81
C TYR E 345 30.40 34.07 -6.43
N PRO E 346 30.63 33.05 -7.26
CA PRO E 346 31.91 32.86 -7.96
C PRO E 346 32.01 33.78 -9.20
N GLN E 347 33.25 34.21 -9.52
CA GLN E 347 33.60 35.31 -10.46
C GLN E 347 33.37 36.68 -9.82
N SER F 1 -43.49 -30.64 15.06
CA SER F 1 -43.75 -31.91 15.76
C SER F 1 -42.98 -31.98 17.09
N GLY F 2 -43.10 -30.91 17.87
CA GLY F 2 -42.52 -30.95 19.20
C GLY F 2 -41.07 -30.53 19.31
N LEU F 3 -40.77 -30.00 20.49
CA LEU F 3 -39.46 -29.49 20.79
C LEU F 3 -38.35 -30.52 20.51
N GLU F 4 -38.60 -31.80 20.77
CA GLU F 4 -37.59 -32.87 20.51
C GLU F 4 -37.17 -32.92 19.02
N ASN F 5 -38.15 -32.80 18.12
CA ASN F 5 -37.89 -32.68 16.69
C ASN F 5 -37.16 -31.37 16.30
N ILE F 6 -37.59 -30.26 16.89
CA ILE F 6 -36.91 -29.00 16.61
C ILE F 6 -35.47 -29.00 17.10
N ALA F 7 -35.24 -29.61 18.28
CA ALA F 7 -33.86 -29.76 18.74
C ALA F 7 -33.03 -30.62 17.77
N PHE F 8 -33.66 -31.65 17.20
CA PHE F 8 -32.95 -32.53 16.27
C PHE F 8 -32.49 -31.72 15.06
N ASN F 9 -33.40 -30.99 14.45
CA ASN F 9 -33.06 -30.04 13.40
C ASN F 9 -31.96 -29.03 13.75
N VAL F 10 -32.08 -28.37 14.89
CA VAL F 10 -31.12 -27.32 15.23
C VAL F 10 -29.72 -27.91 15.40
N VAL F 11 -29.62 -29.00 16.16
CA VAL F 11 -28.33 -29.69 16.34
C VAL F 11 -27.70 -30.25 15.03
N ASN F 12 -28.52 -30.73 14.10
CA ASN F 12 -27.98 -31.40 12.92
C ASN F 12 -28.03 -30.55 11.65
N LYS F 13 -28.91 -29.54 11.62
CA LYS F 13 -29.03 -28.69 10.41
C LYS F 13 -28.91 -27.21 10.74
N GLY F 14 -28.64 -26.89 12.00
CA GLY F 14 -28.45 -25.52 12.46
C GLY F 14 -29.73 -24.67 12.56
N SER F 15 -30.85 -25.27 12.16
CA SER F 15 -32.15 -24.59 12.15
C SER F 15 -33.27 -25.59 11.79
N PHE F 16 -34.52 -25.18 11.93
CA PHE F 16 -35.60 -26.12 11.61
C PHE F 16 -35.85 -26.19 10.12
N VAL F 17 -35.59 -27.35 9.53
CA VAL F 17 -35.79 -27.56 8.09
C VAL F 17 -36.87 -28.58 7.76
N GLY F 18 -37.43 -29.21 8.82
CA GLY F 18 -38.47 -30.21 8.67
C GLY F 18 -37.88 -31.62 8.51
N ALA F 19 -36.62 -31.77 8.93
CA ALA F 19 -35.95 -33.08 9.05
C ALA F 19 -36.66 -33.97 10.10
N ASP F 20 -36.63 -35.29 9.88
CA ASP F 20 -37.22 -36.21 10.86
C ASP F 20 -36.15 -36.59 11.87
N GLY F 21 -36.58 -36.86 13.10
CA GLY F 21 -35.64 -37.17 14.17
C GLY F 21 -35.98 -36.46 15.47
N GLU F 22 -35.48 -37.02 16.57
CA GLU F 22 -35.77 -36.44 17.87
C GLU F 22 -34.52 -36.47 18.75
N LEU F 23 -34.33 -35.37 19.48
CA LEU F 23 -33.40 -35.34 20.59
C LEU F 23 -34.09 -34.91 21.88
N PRO F 24 -33.70 -35.52 22.99
CA PRO F 24 -34.31 -35.04 24.25
C PRO F 24 -33.76 -33.60 24.56
N VAL F 25 -34.69 -32.67 24.81
CA VAL F 25 -34.41 -31.27 25.09
C VAL F 25 -35.22 -30.76 26.29
N ALA F 26 -34.63 -29.83 27.02
CA ALA F 26 -35.35 -29.19 28.10
C ALA F 26 -34.81 -27.77 28.22
N ALA F 27 -35.69 -26.78 28.29
CA ALA F 27 -35.26 -25.46 28.67
C ALA F 27 -35.13 -25.44 30.20
N SER F 28 -34.16 -24.71 30.70
CA SER F 28 -33.94 -24.61 32.13
C SER F 28 -33.38 -23.22 32.41
N GLY F 29 -34.24 -22.39 33.01
CA GLY F 29 -33.96 -20.94 33.05
C GLY F 29 -33.91 -20.32 31.64
N ASP F 30 -32.76 -19.72 31.28
CA ASP F 30 -32.62 -19.06 29.99
C ASP F 30 -31.78 -19.92 29.06
N LYS F 31 -31.60 -21.20 29.40
CA LYS F 31 -30.79 -22.12 28.59
C LYS F 31 -31.59 -23.31 28.00
N VAL F 32 -31.18 -23.76 26.81
CA VAL F 32 -31.73 -24.99 26.26
C VAL F 32 -30.70 -26.12 26.25
N PHE F 33 -31.04 -27.29 26.83
CA PHE F 33 -30.10 -28.42 26.75
C PHE F 33 -30.61 -29.61 25.94
N VAL F 34 -29.67 -30.31 25.32
CA VAL F 34 -29.96 -31.57 24.68
C VAL F 34 -29.19 -32.70 25.39
N ARG F 35 -29.94 -33.74 25.80
CA ARG F 35 -29.35 -34.92 26.43
C ARG F 35 -28.67 -35.76 25.39
N ASP F 36 -27.34 -35.86 25.54
CA ASP F 36 -26.46 -36.63 24.64
C ASP F 36 -25.89 -37.84 25.39
N GLY F 37 -26.75 -38.82 25.62
CA GLY F 37 -26.38 -39.96 26.45
C GLY F 37 -26.06 -39.49 27.86
N ASN F 38 -24.78 -39.23 28.12
CA ASN F 38 -24.29 -39.00 29.47
C ASN F 38 -23.92 -37.58 29.71
N THR F 39 -24.34 -36.73 28.79
CA THR F 39 -23.97 -35.31 28.85
C THR F 39 -25.10 -34.37 28.40
N ASP F 40 -25.23 -33.23 29.06
CA ASP F 40 -26.20 -32.25 28.58
C ASP F 40 -25.45 -31.16 27.88
N ASN F 41 -25.71 -31.06 26.56
CA ASN F 41 -25.11 -29.99 25.73
C ASN F 41 -25.95 -28.74 25.69
N LEU F 42 -25.30 -27.59 25.90
CA LEU F 42 -26.01 -26.30 25.82
C LEU F 42 -26.13 -25.95 24.33
N VAL F 43 -27.34 -25.81 23.83
CA VAL F 43 -27.52 -25.49 22.39
C VAL F 43 -28.08 -24.08 22.16
N PHE F 44 -28.54 -23.40 23.22
CA PHE F 44 -29.21 -22.10 23.05
C PHE F 44 -29.29 -21.34 24.38
N VAL F 45 -29.02 -20.05 24.29
CA VAL F 45 -29.13 -19.16 25.44
C VAL F 45 -30.11 -18.05 25.05
N ASN F 46 -31.14 -17.85 25.87
CA ASN F 46 -32.23 -16.94 25.59
C ASN F 46 -31.90 -15.50 26.07
N LYS F 47 -31.88 -14.54 25.16
CA LYS F 47 -31.64 -13.13 25.49
C LYS F 47 -32.91 -12.28 25.23
N THR F 48 -34.00 -12.99 24.88
CA THR F 48 -35.33 -12.42 24.65
C THR F 48 -36.16 -12.39 25.95
N SER F 49 -37.25 -11.62 25.92
CA SER F 49 -38.20 -11.60 27.04
C SER F 49 -39.20 -12.75 26.92
N LEU F 50 -39.12 -13.53 25.83
CA LEU F 50 -39.99 -14.72 25.70
C LEU F 50 -39.54 -15.91 26.58
N PRO F 51 -40.51 -16.79 26.90
CA PRO F 51 -40.09 -18.05 27.54
C PRO F 51 -39.02 -18.79 26.70
N THR F 52 -38.03 -19.36 27.39
CA THR F 52 -36.87 -19.94 26.74
C THR F 52 -37.14 -20.96 25.62
N ALA F 53 -38.02 -21.92 25.85
CA ALA F 53 -38.33 -22.91 24.82
C ALA F 53 -38.95 -22.24 23.60
N ILE F 54 -39.71 -21.16 23.84
CA ILE F 54 -40.35 -20.39 22.77
C ILE F 54 -39.30 -19.61 21.95
N ALA F 55 -38.44 -18.87 22.66
CA ALA F 55 -37.42 -18.08 21.98
C ALA F 55 -36.62 -19.04 21.09
N PHE F 56 -36.35 -20.24 21.63
CA PHE F 56 -35.57 -21.28 20.92
C PHE F 56 -36.28 -21.75 19.66
N GLU F 57 -37.57 -22.05 19.77
CA GLU F 57 -38.35 -22.38 18.58
C GLU F 57 -38.25 -21.29 17.46
N LEU F 58 -38.44 -20.02 17.84
CA LEU F 58 -38.50 -18.94 16.87
C LEU F 58 -37.12 -18.77 16.22
N PHE F 59 -36.09 -19.04 17.00
CA PHE F 59 -34.76 -18.93 16.50
C PHE F 59 -34.56 -20.03 15.45
N ALA F 60 -35.02 -21.24 15.76
CA ALA F 60 -34.93 -22.40 14.86
C ALA F 60 -35.70 -22.17 13.55
N LYS F 61 -36.71 -21.27 13.63
CA LYS F 61 -37.62 -20.98 12.50
C LYS F 61 -37.29 -19.66 11.82
N ARG F 62 -36.11 -19.13 12.14
CA ARG F 62 -35.64 -17.91 11.48
C ARG F 62 -35.33 -18.23 10.02
N LYS F 63 -35.40 -17.19 9.18
CA LYS F 63 -34.95 -17.27 7.79
C LYS F 63 -33.44 -17.37 7.84
N VAL F 64 -32.89 -18.42 7.24
CA VAL F 64 -31.45 -18.69 7.32
C VAL F 64 -30.78 -18.36 5.98
N GLY F 65 -29.50 -17.98 6.04
CA GLY F 65 -28.73 -17.56 4.85
C GLY F 65 -29.02 -16.10 4.47
N LEU F 66 -29.47 -15.92 3.24
CA LEU F 66 -29.68 -14.61 2.67
C LEU F 66 -30.98 -13.96 3.18
N THR F 67 -30.84 -12.82 3.83
CA THR F 67 -31.96 -12.11 4.38
C THR F 67 -31.91 -10.61 3.98
N PRO F 68 -33.11 -9.96 3.91
CA PRO F 68 -33.25 -8.50 3.77
C PRO F 68 -32.81 -7.78 5.05
N PRO F 69 -32.27 -6.57 4.91
CA PRO F 69 -31.80 -5.74 6.04
C PRO F 69 -33.00 -5.58 6.97
N LEU F 70 -32.80 -5.27 8.26
CA LEU F 70 -33.93 -5.25 9.24
C LEU F 70 -34.59 -3.89 9.49
N SER F 71 -33.77 -2.85 9.70
CA SER F 71 -34.30 -1.51 10.04
C SER F 71 -35.40 -0.97 9.09
N ILE F 72 -35.30 -1.27 7.78
CA ILE F 72 -36.38 -0.85 6.88
C ILE F 72 -37.72 -1.51 7.20
N LEU F 73 -37.68 -2.83 7.41
CA LEU F 73 -38.88 -3.56 7.81
C LEU F 73 -39.45 -2.96 9.10
N LYS F 74 -38.63 -2.84 10.15
CA LYS F 74 -39.06 -2.18 11.39
C LYS F 74 -39.68 -0.79 11.07
N ASN F 75 -39.00 -0.01 10.23
CA ASN F 75 -39.45 1.35 9.91
C ASN F 75 -40.80 1.39 9.16
N LEU F 76 -41.09 0.37 8.35
CA LEU F 76 -42.35 0.26 7.68
C LEU F 76 -43.45 -0.23 8.63
N GLY F 77 -43.22 -0.21 9.93
CA GLY F 77 -44.23 -0.65 10.90
C GLY F 77 -44.57 -2.15 10.92
N VAL F 78 -43.64 -2.99 10.44
CA VAL F 78 -43.88 -4.44 10.52
C VAL F 78 -44.12 -4.93 11.98
N VAL F 79 -45.21 -5.66 12.19
CA VAL F 79 -45.62 -6.09 13.53
C VAL F 79 -45.42 -7.60 13.69
N ALA F 80 -45.60 -8.33 12.60
CA ALA F 80 -45.44 -9.78 12.65
C ALA F 80 -45.00 -10.31 11.28
N THR F 81 -44.22 -11.39 11.29
CA THR F 81 -43.86 -12.11 10.08
C THR F 81 -44.73 -13.39 9.83
N TYR F 82 -45.03 -13.66 8.55
CA TYR F 82 -45.92 -14.73 8.18
C TYR F 82 -45.17 -15.98 7.79
N LYS F 83 -45.23 -17.00 8.63
CA LYS F 83 -44.62 -18.32 8.33
C LYS F 83 -43.10 -18.36 8.31
N PHE F 84 -42.48 -17.31 8.84
CA PHE F 84 -41.04 -17.36 9.14
C PHE F 84 -40.75 -16.35 10.24
N VAL F 85 -39.53 -16.40 10.77
CA VAL F 85 -39.15 -15.30 11.60
C VAL F 85 -37.88 -14.70 11.11
N LEU F 86 -37.75 -13.39 11.35
CA LEU F 86 -36.48 -12.70 11.05
C LEU F 86 -35.71 -12.54 12.35
N TRP F 87 -34.53 -13.15 12.43
CA TRP F 87 -33.68 -13.05 13.60
C TRP F 87 -32.71 -11.83 13.60
N ASP F 88 -32.81 -10.98 14.63
CA ASP F 88 -31.79 -9.95 14.82
C ASP F 88 -30.62 -10.60 15.57
N TYR F 89 -29.58 -10.96 14.80
CA TYR F 89 -28.44 -11.72 15.34
C TYR F 89 -27.58 -10.91 16.30
N GLU F 90 -27.76 -9.60 16.25
CA GLU F 90 -26.96 -8.68 17.06
C GLU F 90 -27.60 -8.54 18.42
N ALA F 91 -28.91 -8.29 18.44
CA ALA F 91 -29.68 -8.24 19.71
C ALA F 91 -30.04 -9.60 20.25
N GLU F 92 -30.11 -10.60 19.37
CA GLU F 92 -30.42 -12.01 19.74
C GLU F 92 -31.90 -12.25 20.12
N ARG F 93 -32.75 -12.20 19.11
CA ARG F 93 -34.09 -11.68 19.31
C ARG F 93 -34.76 -11.65 17.95
N PRO F 94 -35.99 -12.16 17.87
CA PRO F 94 -36.75 -11.96 16.63
C PRO F 94 -36.99 -10.44 16.41
N LEU F 95 -37.37 -10.09 15.17
CA LEU F 95 -37.61 -8.70 14.77
C LEU F 95 -38.65 -8.00 15.62
N THR F 96 -39.74 -8.72 15.92
CA THR F 96 -40.75 -8.27 16.89
C THR F 96 -41.12 -9.44 17.78
N SER F 97 -41.99 -9.21 18.76
CA SER F 97 -42.50 -10.26 19.67
C SER F 97 -43.58 -11.10 19.02
N PHE F 98 -43.93 -10.79 17.77
CA PHE F 98 -45.11 -11.42 17.16
C PHE F 98 -44.90 -12.10 15.81
N THR F 99 -45.62 -13.18 15.60
CA THR F 99 -45.57 -13.94 14.35
C THR F 99 -47.01 -14.13 13.84
N LYS F 100 -47.11 -14.76 12.68
CA LYS F 100 -48.36 -15.32 12.21
C LYS F 100 -48.08 -16.70 11.56
N SER F 101 -48.84 -17.73 12.01
CA SER F 101 -48.68 -19.12 11.59
C SER F 101 -47.26 -19.62 11.79
N VAL F 102 -46.62 -19.20 12.88
CA VAL F 102 -45.29 -19.74 13.18
C VAL F 102 -45.38 -20.54 14.44
N CYS F 103 -45.89 -19.89 15.48
CA CYS F 103 -45.83 -20.43 16.85
C CYS F 103 -47.06 -19.95 17.64
N GLY F 104 -47.83 -20.90 18.15
CA GLY F 104 -49.04 -20.61 18.87
C GLY F 104 -48.83 -19.54 19.93
N TYR F 105 -47.76 -19.70 20.70
CA TYR F 105 -47.54 -18.81 21.82
C TYR F 105 -47.39 -17.35 21.36
N THR F 106 -46.76 -17.13 20.21
CA THR F 106 -46.47 -15.76 19.76
C THR F 106 -47.36 -15.27 18.63
N ASP F 107 -48.13 -16.19 18.02
CA ASP F 107 -49.03 -15.82 16.93
C ASP F 107 -49.98 -14.66 17.34
N PHE F 108 -50.28 -13.80 16.38
CA PHE F 108 -51.02 -12.59 16.64
C PHE F 108 -52.16 -12.54 15.66
N ALA F 109 -53.34 -12.94 16.14
CA ALA F 109 -54.52 -13.23 15.29
C ALA F 109 -55.05 -12.01 14.54
N GLU F 110 -55.03 -10.85 15.19
CA GLU F 110 -55.63 -9.62 14.66
C GLU F 110 -54.97 -9.14 13.36
N ASP F 111 -55.78 -8.54 12.48
CA ASP F 111 -55.25 -7.97 11.25
C ASP F 111 -54.30 -6.85 11.63
N VAL F 112 -53.10 -6.88 11.08
CA VAL F 112 -52.08 -5.90 11.43
C VAL F 112 -51.02 -5.86 10.33
N CYS F 113 -50.14 -4.86 10.33
CA CYS F 113 -49.10 -4.79 9.30
C CYS F 113 -48.20 -6.03 9.38
N THR F 114 -48.38 -6.95 8.43
CA THR F 114 -47.63 -8.20 8.37
C THR F 114 -46.60 -8.19 7.26
N CYS F 115 -45.48 -8.91 7.49
CA CYS F 115 -44.38 -8.96 6.54
C CYS F 115 -44.38 -10.32 5.90
N TYR F 116 -44.27 -10.37 4.58
CA TYR F 116 -44.36 -11.65 3.86
C TYR F 116 -43.06 -11.88 3.12
N ASP F 117 -42.61 -13.15 3.09
CA ASP F 117 -41.44 -13.56 2.33
C ASP F 117 -41.88 -14.23 1.03
N ASN F 118 -41.61 -13.59 -0.10
CA ASN F 118 -42.09 -14.06 -1.40
C ASN F 118 -41.61 -15.49 -1.73
N SER F 119 -40.60 -15.97 -1.02
CA SER F 119 -40.03 -17.27 -1.37
C SER F 119 -40.93 -18.37 -0.84
N ILE F 120 -41.96 -17.97 -0.08
CA ILE F 120 -42.83 -18.89 0.66
C ILE F 120 -44.20 -18.93 -0.01
N GLN F 121 -44.55 -20.14 -0.43
CA GLN F 121 -45.80 -20.36 -1.10
C GLN F 121 -46.98 -19.57 -0.47
N GLY F 122 -47.57 -18.68 -1.27
CA GLY F 122 -48.86 -18.08 -0.91
C GLY F 122 -48.78 -16.74 -0.21
N SER F 123 -47.56 -16.32 0.11
CA SER F 123 -47.35 -15.09 0.87
C SER F 123 -47.67 -13.85 0.01
N TYR F 124 -47.33 -13.93 -1.29
CA TYR F 124 -47.66 -12.84 -2.21
C TYR F 124 -49.18 -12.53 -2.27
N GLU F 125 -49.99 -13.58 -2.37
CA GLU F 125 -51.46 -13.49 -2.44
C GLU F 125 -52.06 -12.87 -1.18
N ARG F 126 -51.55 -13.30 -0.02
CA ARG F 126 -52.04 -12.77 1.25
C ARG F 126 -51.61 -11.32 1.39
N PHE F 127 -50.39 -11.05 0.92
CA PHE F 127 -49.86 -9.70 0.95
C PHE F 127 -50.73 -8.72 0.13
N THR F 128 -51.10 -9.11 -1.10
CA THR F 128 -51.83 -8.23 -2.01
C THR F 128 -53.22 -7.89 -1.49
N LEU F 129 -53.83 -8.80 -0.74
CA LEU F 129 -55.16 -8.59 -0.19
C LEU F 129 -55.17 -7.66 1.01
N SER F 130 -54.00 -7.47 1.63
CA SER F 130 -53.93 -6.75 2.92
C SER F 130 -54.09 -5.23 2.84
N THR F 131 -54.63 -4.64 3.91
CA THR F 131 -54.78 -3.18 4.01
C THR F 131 -53.45 -2.53 4.32
N ASN F 132 -52.70 -3.13 5.26
CA ASN F 132 -51.31 -2.80 5.49
C ASN F 132 -50.41 -4.07 5.56
N ALA F 133 -49.32 -4.05 4.81
CA ALA F 133 -48.43 -5.19 4.75
C ALA F 133 -47.12 -4.87 3.98
N VAL F 134 -46.09 -5.70 4.20
CA VAL F 134 -44.83 -5.51 3.50
C VAL F 134 -44.46 -6.85 2.84
N LEU F 135 -43.84 -6.80 1.68
CA LEU F 135 -43.43 -8.01 0.98
C LEU F 135 -41.96 -7.81 0.63
N PHE F 136 -41.15 -8.85 0.83
CA PHE F 136 -39.80 -8.82 0.27
C PHE F 136 -39.57 -10.05 -0.62
N SER F 137 -38.62 -9.94 -1.54
CA SER F 137 -38.48 -10.87 -2.63
C SER F 137 -37.09 -10.77 -3.20
N ALA F 138 -36.47 -11.94 -3.38
CA ALA F 138 -35.21 -12.01 -4.14
C ALA F 138 -35.27 -11.37 -5.57
N THR F 139 -36.49 -11.22 -6.14
CA THR F 139 -36.71 -10.70 -7.52
C THR F 139 -37.84 -9.66 -7.57
N ALA F 140 -38.13 -9.08 -8.73
CA ALA F 140 -39.22 -8.08 -8.73
C ALA F 140 -40.60 -8.70 -8.78
N VAL F 141 -41.61 -7.83 -8.75
CA VAL F 141 -43.00 -8.28 -8.82
C VAL F 141 -43.74 -7.43 -9.87
N LYS F 142 -44.58 -8.12 -10.66
CA LYS F 142 -45.31 -7.48 -11.77
C LYS F 142 -46.81 -7.77 -11.76
N THR F 143 -47.54 -6.96 -12.53
CA THR F 143 -48.73 -7.40 -13.26
C THR F 143 -48.76 -6.69 -14.64
N GLY F 144 -48.64 -7.49 -15.69
CA GLY F 144 -48.73 -7.03 -17.07
C GLY F 144 -47.71 -7.62 -18.05
N GLY F 145 -46.44 -7.43 -17.69
CA GLY F 145 -45.28 -7.52 -18.57
C GLY F 145 -44.41 -6.39 -18.01
N LYS F 146 -45.12 -5.39 -17.48
CA LYS F 146 -44.53 -4.34 -16.65
C LYS F 146 -44.92 -4.54 -15.17
N SER F 147 -44.14 -3.96 -14.26
CA SER F 147 -44.01 -4.44 -12.87
C SER F 147 -44.72 -3.68 -11.72
N LEU F 148 -44.04 -3.71 -10.56
CA LEU F 148 -44.48 -3.04 -9.35
C LEU F 148 -43.40 -2.09 -8.77
N PRO F 149 -43.83 -0.84 -8.47
CA PRO F 149 -42.98 0.16 -7.80
C PRO F 149 -42.60 -0.35 -6.43
N ALA F 150 -41.35 -0.10 -6.06
CA ALA F 150 -40.55 -0.99 -5.24
C ALA F 150 -39.42 -0.28 -4.47
N ILE F 151 -39.06 -0.81 -3.29
CA ILE F 151 -37.79 -0.46 -2.68
C ILE F 151 -36.74 -1.45 -3.17
N LYS F 152 -35.69 -0.93 -3.81
CA LYS F 152 -34.67 -1.77 -4.46
C LYS F 152 -33.34 -1.69 -3.72
N LEU F 153 -32.88 -2.83 -3.21
CA LEU F 153 -31.67 -2.89 -2.43
C LEU F 153 -30.60 -3.66 -3.18
N ASN F 154 -29.37 -3.15 -3.16
CA ASN F 154 -28.27 -3.83 -3.82
C ASN F 154 -27.26 -4.37 -2.81
N PHE F 155 -27.79 -4.69 -1.62
CA PHE F 155 -27.01 -5.25 -0.51
C PHE F 155 -27.97 -6.01 0.38
N GLY F 156 -27.46 -6.68 1.41
CA GLY F 156 -28.32 -7.47 2.27
C GLY F 156 -27.54 -8.09 3.40
N MET F 157 -28.14 -9.05 4.05
CA MET F 157 -27.45 -9.75 5.13
C MET F 157 -27.30 -11.23 4.76
N LEU F 158 -26.31 -11.85 5.36
CA LEU F 158 -26.10 -13.28 5.18
C LEU F 158 -25.80 -13.94 6.53
N ASN F 159 -26.78 -14.66 7.09
CA ASN F 159 -26.67 -15.22 8.44
C ASN F 159 -26.26 -14.15 9.43
N GLY F 160 -26.90 -12.99 9.29
CA GLY F 160 -26.62 -11.83 10.14
C GLY F 160 -25.31 -11.08 9.82
N ASN F 161 -24.60 -11.51 8.78
CA ASN F 161 -23.44 -10.73 8.32
C ASN F 161 -23.78 -9.80 7.15
N ALA F 162 -23.27 -8.57 7.24
CA ALA F 162 -23.52 -7.60 6.17
C ALA F 162 -22.83 -8.08 4.84
N ILE F 163 -23.58 -8.09 3.74
CA ILE F 163 -23.02 -8.36 2.41
C ILE F 163 -23.53 -7.40 1.31
N ALA F 164 -22.68 -7.13 0.33
CA ALA F 164 -23.07 -6.24 -0.77
C ALA F 164 -22.77 -6.82 -2.16
N THR F 165 -23.52 -6.35 -3.15
CA THR F 165 -23.18 -6.61 -4.54
C THR F 165 -21.73 -6.22 -4.78
N VAL F 166 -20.94 -7.11 -5.40
CA VAL F 166 -19.45 -7.02 -5.32
C VAL F 166 -18.64 -7.34 -6.59
N ASN F 172 -15.61 -12.38 -10.24
CA ASN F 172 -15.88 -11.55 -9.07
C ASN F 172 -17.34 -11.09 -8.93
N ILE F 173 -18.10 -11.13 -10.04
CA ILE F 173 -19.32 -10.33 -10.26
C ILE F 173 -20.68 -10.83 -9.68
N LYS F 174 -20.97 -10.44 -8.44
CA LYS F 174 -21.97 -11.10 -7.57
C LYS F 174 -23.14 -10.19 -7.18
N ASN F 175 -24.36 -10.57 -7.56
CA ASN F 175 -25.48 -9.67 -7.36
C ASN F 175 -26.25 -9.93 -6.10
N ILE F 176 -26.28 -8.93 -5.23
CA ILE F 176 -27.11 -9.03 -4.02
C ILE F 176 -28.32 -8.06 -4.11
N ASN F 177 -29.51 -8.63 -4.33
CA ASN F 177 -30.71 -7.82 -4.49
C ASN F 177 -31.89 -8.19 -3.56
N TRP F 178 -32.56 -7.16 -3.05
CA TRP F 178 -33.83 -7.33 -2.34
C TRP F 178 -34.85 -6.35 -2.92
N PHE F 179 -36.05 -6.88 -3.09
CA PHE F 179 -37.13 -6.04 -3.56
C PHE F 179 -38.14 -6.00 -2.43
N VAL F 180 -38.43 -4.79 -1.96
CA VAL F 180 -39.33 -4.62 -0.83
C VAL F 180 -40.50 -3.74 -1.20
N TYR F 181 -41.72 -4.27 -0.99
CA TYR F 181 -42.95 -3.62 -1.44
C TYR F 181 -43.84 -3.28 -0.25
N VAL F 182 -44.51 -2.13 -0.33
CA VAL F 182 -45.42 -1.73 0.72
C VAL F 182 -46.84 -1.56 0.21
N ARG F 183 -47.81 -2.02 0.99
CA ARG F 183 -49.20 -1.69 0.78
C ARG F 183 -49.68 -0.98 2.03
N LYS F 184 -50.36 0.16 1.86
CA LYS F 184 -50.76 0.99 3.00
C LYS F 184 -52.10 1.67 2.77
N ASP F 185 -52.98 1.56 3.78
CA ASP F 185 -54.33 2.10 3.73
C ASP F 185 -55.07 1.51 2.53
N GLY F 186 -54.76 0.25 2.21
CA GLY F 186 -55.50 -0.52 1.23
C GLY F 186 -54.99 -0.52 -0.20
N LYS F 187 -53.83 0.11 -0.44
CA LYS F 187 -53.32 0.28 -1.80
C LYS F 187 -51.78 0.34 -1.90
N PRO F 188 -51.19 -0.12 -3.05
CA PRO F 188 -49.74 0.01 -3.25
C PRO F 188 -49.22 1.43 -2.94
N VAL F 189 -48.01 1.51 -2.37
CA VAL F 189 -47.32 2.78 -2.22
C VAL F 189 -46.69 3.14 -3.57
N ASP F 190 -47.01 4.34 -4.08
CA ASP F 190 -46.61 4.84 -5.41
C ASP F 190 -45.15 4.66 -5.79
N HIS F 191 -44.31 4.95 -4.81
CA HIS F 191 -42.94 5.36 -5.04
C HIS F 191 -42.15 5.39 -3.72
N TYR F 192 -40.83 5.29 -3.81
CA TYR F 192 -40.03 5.16 -2.62
C TYR F 192 -38.81 6.03 -2.73
N ASP F 193 -38.75 7.04 -1.86
CA ASP F 193 -37.60 7.94 -1.86
C ASP F 193 -36.54 7.57 -0.83
N GLY F 194 -35.34 8.10 -1.04
CA GLY F 194 -34.37 8.16 0.02
C GLY F 194 -33.16 7.26 -0.11
N PHE F 195 -32.38 7.24 0.96
CA PHE F 195 -31.21 6.38 1.04
C PHE F 195 -31.45 5.24 2.04
N TYR F 196 -30.57 4.24 2.01
CA TYR F 196 -30.67 3.07 2.91
C TYR F 196 -29.37 2.84 3.71
N THR F 197 -29.52 2.65 5.02
CA THR F 197 -28.37 2.29 5.86
C THR F 197 -27.85 0.91 5.42
N GLN F 198 -26.55 0.67 5.61
CA GLN F 198 -25.88 -0.49 5.01
C GLN F 198 -25.81 -1.73 5.94
N GLY F 199 -26.01 -1.51 7.22
CA GLY F 199 -26.10 -2.63 8.15
C GLY F 199 -24.77 -3.29 8.53
N ARG F 200 -23.68 -2.56 8.38
CA ARG F 200 -22.36 -3.09 8.67
C ARG F 200 -22.05 -2.81 10.14
N ASN F 201 -20.94 -3.36 10.63
CA ASN F 201 -20.50 -3.06 11.99
C ASN F 201 -19.03 -2.65 11.95
N LEU F 202 -18.60 -2.02 13.05
CA LEU F 202 -17.23 -1.56 13.22
C LEU F 202 -16.18 -2.65 12.93
N GLN F 203 -16.32 -3.85 13.49
CA GLN F 203 -15.34 -4.91 13.30
C GLN F 203 -15.27 -5.43 11.87
N ASP F 204 -16.43 -5.61 11.23
CA ASP F 204 -16.48 -6.36 9.94
C ASP F 204 -16.64 -5.45 8.71
N PHE F 205 -16.60 -4.14 8.94
CA PHE F 205 -16.82 -3.15 7.88
C PHE F 205 -15.97 -3.44 6.64
N LEU F 206 -16.65 -3.48 5.51
CA LEU F 206 -15.96 -3.52 4.22
C LEU F 206 -16.52 -2.38 3.38
N PRO F 207 -15.65 -1.71 2.63
CA PRO F 207 -16.07 -0.60 1.77
C PRO F 207 -16.91 -1.17 0.62
N ARG F 208 -17.85 -0.37 0.09
CA ARG F 208 -18.73 -0.78 -1.00
C ARG F 208 -18.68 0.19 -2.19
N SER F 209 -17.72 1.13 -2.18
CA SER F 209 -17.61 2.09 -3.26
C SER F 209 -16.18 2.54 -3.32
N THR F 210 -15.78 3.09 -4.48
CA THR F 210 -14.42 3.62 -4.62
C THR F 210 -14.21 4.75 -3.59
N MET F 211 -15.24 5.57 -3.39
CA MET F 211 -15.13 6.71 -2.47
C MET F 211 -14.85 6.17 -1.05
N GLU F 212 -15.58 5.12 -0.65
CA GLU F 212 -15.32 4.49 0.65
C GLU F 212 -13.92 3.88 0.73
N GLU F 213 -13.52 3.18 -0.32
CA GLU F 213 -12.16 2.68 -0.38
C GLU F 213 -11.18 3.81 -0.14
N ASP F 214 -11.49 4.98 -0.74
CA ASP F 214 -10.56 6.11 -0.73
C ASP F 214 -10.51 6.79 0.63
N PHE F 215 -11.65 6.77 1.31
CA PHE F 215 -11.75 7.41 2.60
C PHE F 215 -10.82 6.70 3.59
N LEU F 216 -10.83 5.37 3.50
CA LEU F 216 -10.07 4.53 4.45
C LEU F 216 -8.59 4.52 4.10
N ASN F 217 -8.29 4.73 2.81
CA ASN F 217 -6.91 4.52 2.36
C ASN F 217 -6.10 5.78 2.19
N MET F 218 -6.77 6.87 1.79
CA MET F 218 -6.06 8.11 1.45
C MET F 218 -5.75 9.00 2.64
N ASP F 219 -4.89 9.98 2.39
CA ASP F 219 -4.65 11.03 3.35
C ASP F 219 -5.88 11.90 3.37
N ILE F 220 -6.09 12.64 4.45
CA ILE F 220 -7.27 13.53 4.59
C ILE F 220 -7.38 14.58 3.47
N GLY F 221 -6.33 15.41 3.31
CA GLY F 221 -6.31 16.49 2.33
C GLY F 221 -6.52 15.96 0.92
N VAL F 222 -5.85 14.85 0.62
CA VAL F 222 -5.99 14.19 -0.68
C VAL F 222 -7.43 13.68 -0.95
N PHE F 223 -8.07 13.11 0.05
CA PHE F 223 -9.41 12.60 -0.14
C PHE F 223 -10.38 13.77 -0.32
N ILE F 224 -10.22 14.81 0.51
CA ILE F 224 -11.10 15.96 0.47
C ILE F 224 -11.01 16.67 -0.88
N GLN F 225 -9.78 16.85 -1.37
CA GLN F 225 -9.55 17.48 -2.63
C GLN F 225 -10.17 16.68 -3.77
N LYS F 226 -9.92 15.38 -3.76
CA LYS F 226 -10.41 14.49 -4.82
C LYS F 226 -11.91 14.50 -5.02
N TYR F 227 -12.65 14.70 -3.94
CA TYR F 227 -14.10 14.65 -3.98
C TYR F 227 -14.76 16.03 -3.78
N GLY F 228 -13.94 17.07 -3.63
CA GLY F 228 -14.43 18.45 -3.63
C GLY F 228 -15.27 18.75 -2.40
N LEU F 229 -14.71 18.49 -1.22
CA LEU F 229 -15.46 18.52 0.02
C LEU F 229 -15.03 19.66 0.92
N GLU F 230 -14.38 20.66 0.34
CA GLU F 230 -13.71 21.67 1.14
C GLU F 230 -14.66 22.48 2.02
N ASP F 231 -15.91 22.69 1.54
CA ASP F 231 -16.90 23.50 2.25
C ASP F 231 -17.73 22.71 3.29
N PHE F 232 -17.56 21.38 3.28
CA PHE F 232 -18.17 20.51 4.26
C PHE F 232 -17.10 20.18 5.27
N ASN F 233 -17.36 20.46 6.54
CA ASN F 233 -16.29 20.33 7.51
C ASN F 233 -15.99 18.83 7.72
N PHE F 234 -15.50 18.16 6.67
CA PHE F 234 -15.33 16.70 6.70
C PHE F 234 -14.42 16.24 7.83
N GLU F 235 -13.36 17.00 8.08
CA GLU F 235 -12.44 16.74 9.17
C GLU F 235 -13.12 16.61 10.53
N HIS F 236 -14.18 17.39 10.73
CA HIS F 236 -15.01 17.34 11.95
C HIS F 236 -16.17 16.34 11.78
N VAL F 237 -16.99 16.56 10.76
CA VAL F 237 -18.21 15.78 10.60
C VAL F 237 -17.99 14.31 10.37
N VAL F 238 -17.02 13.95 9.55
CA VAL F 238 -16.82 12.51 9.23
C VAL F 238 -15.54 11.88 9.78
N TYR F 239 -14.42 12.59 9.64
CA TYR F 239 -13.17 12.12 10.15
C TYR F 239 -13.15 12.08 11.67
N GLY F 240 -13.78 13.05 12.31
CA GLY F 240 -13.78 13.06 13.76
C GLY F 240 -12.59 13.85 14.26
N ASP F 241 -12.81 14.63 15.32
CA ASP F 241 -11.75 15.46 15.90
C ASP F 241 -11.39 14.95 17.30
N VAL F 242 -10.24 14.29 17.36
CA VAL F 242 -9.82 13.61 18.56
C VAL F 242 -8.84 14.46 19.38
N SER F 243 -8.78 15.76 19.06
CA SER F 243 -7.76 16.68 19.60
C SER F 243 -8.13 17.25 21.00
N LYS F 244 -9.42 17.27 21.33
CA LYS F 244 -9.81 17.60 22.71
C LYS F 244 -10.36 16.39 23.44
N THR F 245 -10.59 16.54 24.74
CA THR F 245 -11.01 15.38 25.54
C THR F 245 -12.40 14.93 25.14
N THR F 246 -13.15 15.89 24.58
CA THR F 246 -14.47 15.62 24.00
C THR F 246 -14.35 15.49 22.49
N LEU F 247 -14.63 14.29 21.99
CA LEU F 247 -14.36 13.93 20.61
C LEU F 247 -15.44 14.49 19.73
N GLY F 248 -15.03 15.29 18.75
CA GLY F 248 -15.94 16.05 17.92
C GLY F 248 -16.47 15.29 16.71
N GLY F 249 -17.69 15.63 16.30
CA GLY F 249 -18.28 15.05 15.10
C GLY F 249 -18.32 13.53 15.11
N LEU F 250 -17.71 12.90 14.11
CA LEU F 250 -17.71 11.42 14.02
C LEU F 250 -19.11 10.80 13.87
N HIS F 251 -19.83 11.07 12.78
CA HIS F 251 -21.25 10.71 12.71
C HIS F 251 -21.59 9.66 11.67
N LEU F 252 -20.59 8.99 11.12
CA LEU F 252 -20.88 7.75 10.38
C LEU F 252 -20.13 6.54 10.98
N LEU F 253 -20.70 5.35 10.75
CA LEU F 253 -19.98 4.08 11.04
C LEU F 253 -18.53 4.13 10.49
N ILE F 254 -18.39 4.44 9.20
CA ILE F 254 -17.09 4.48 8.55
C ILE F 254 -16.11 5.42 9.28
N SER F 255 -16.63 6.49 9.91
CA SER F 255 -15.79 7.34 10.76
C SER F 255 -15.06 6.49 11.79
N GLN F 256 -15.81 5.68 12.55
CA GLN F 256 -15.20 4.79 13.53
C GLN F 256 -14.21 3.83 12.87
N VAL F 257 -14.61 3.26 11.73
CA VAL F 257 -13.77 2.28 11.10
C VAL F 257 -12.36 2.82 10.85
N ARG F 258 -12.30 4.03 10.29
CA ARG F 258 -11.03 4.67 9.93
C ARG F 258 -10.20 4.99 11.19
N LEU F 259 -10.86 5.61 12.16
CA LEU F 259 -10.16 6.04 13.35
C LEU F 259 -9.59 4.82 14.11
N SER F 260 -10.26 3.67 14.03
CA SER F 260 -9.78 2.45 14.75
C SER F 260 -8.60 1.78 14.04
N LYS F 261 -8.40 2.14 12.76
CA LYS F 261 -7.17 1.77 12.08
C LYS F 261 -5.99 2.62 12.60
N MET F 262 -6.28 3.77 13.19
CA MET F 262 -5.20 4.68 13.58
C MET F 262 -4.76 4.38 14.98
N GLY F 263 -5.65 3.78 15.74
CA GLY F 263 -5.43 3.58 17.17
C GLY F 263 -6.59 2.79 17.79
N ILE F 264 -6.61 2.73 19.13
CA ILE F 264 -7.60 1.89 19.85
C ILE F 264 -8.94 2.64 20.10
N LEU F 265 -9.95 2.26 19.34
CA LEU F 265 -11.22 2.94 19.45
C LEU F 265 -12.29 1.99 19.99
N LYS F 266 -12.97 2.41 21.05
CA LYS F 266 -14.12 1.66 21.61
C LYS F 266 -15.45 2.38 21.29
N ALA F 267 -16.46 1.61 20.87
CA ALA F 267 -17.78 2.17 20.60
C ALA F 267 -18.81 1.31 21.28
N GLU F 268 -19.41 1.85 22.35
CA GLU F 268 -20.38 1.14 23.22
C GLU F 268 -21.83 1.49 22.92
N GLU F 269 -22.51 0.60 22.23
CA GLU F 269 -23.83 0.90 21.73
C GLU F 269 -24.85 1.03 22.89
N PHE F 270 -25.65 2.08 22.86
CA PHE F 270 -26.69 2.26 23.83
C PHE F 270 -27.63 1.06 23.96
N VAL F 271 -28.09 0.52 22.82
CA VAL F 271 -28.99 -0.62 22.81
C VAL F 271 -28.59 -1.46 21.61
N ALA F 272 -27.96 -2.61 21.88
CA ALA F 272 -27.61 -3.60 20.84
C ALA F 272 -28.82 -4.02 19.95
N ALA F 273 -28.66 -3.94 18.62
CA ALA F 273 -29.77 -4.11 17.68
C ALA F 273 -29.23 -4.03 16.27
N SER F 274 -29.82 -4.77 15.35
CA SER F 274 -29.42 -4.70 13.96
C SER F 274 -30.62 -4.33 13.06
N ASP F 275 -31.67 -3.82 13.70
CA ASP F 275 -32.93 -3.50 13.05
C ASP F 275 -33.32 -2.02 13.29
N ILE F 276 -32.30 -1.20 13.58
CA ILE F 276 -32.53 0.20 13.87
C ILE F 276 -31.71 1.08 12.90
N THR F 277 -32.26 2.24 12.53
CA THR F 277 -31.63 3.10 11.55
C THR F 277 -30.64 4.06 12.20
N LEU F 278 -31.16 4.88 13.11
CA LEU F 278 -30.34 5.81 13.83
C LEU F 278 -29.63 5.08 14.96
N LYS F 279 -28.31 5.12 14.93
CA LYS F 279 -27.54 4.43 15.95
C LYS F 279 -26.90 5.43 16.92
N CYS F 280 -26.40 4.91 18.04
CA CYS F 280 -25.86 5.77 19.08
C CYS F 280 -24.99 4.98 20.05
N CYS F 281 -23.84 5.54 20.39
CA CYS F 281 -22.95 4.85 21.33
C CYS F 281 -22.17 5.86 22.15
N THR F 282 -21.45 5.35 23.12
CA THR F 282 -20.42 6.13 23.75
C THR F 282 -19.12 5.66 23.12
N VAL F 283 -18.36 6.62 22.62
CA VAL F 283 -17.16 6.32 21.84
C VAL F 283 -15.91 6.81 22.61
N THR F 284 -14.93 5.92 22.75
CA THR F 284 -13.68 6.30 23.39
C THR F 284 -12.47 5.96 22.54
N TYR F 285 -11.54 6.93 22.39
CA TYR F 285 -10.27 6.79 21.66
C TYR F 285 -9.14 6.84 22.69
N LEU F 286 -8.42 5.72 22.87
CA LEU F 286 -7.36 5.64 23.90
C LEU F 286 -6.07 6.45 23.62
N ASN F 287 -5.52 6.36 22.38
CA ASN F 287 -4.15 6.84 22.10
C ASN F 287 -3.98 8.34 22.33
N ASP F 288 -4.92 9.12 21.80
CA ASP F 288 -5.01 10.55 22.06
C ASP F 288 -6.33 10.74 22.82
N PRO F 289 -6.30 10.48 24.14
CA PRO F 289 -7.52 10.33 24.96
C PRO F 289 -8.65 11.27 24.54
N SER F 290 -9.67 10.68 23.92
CA SER F 290 -10.85 11.47 23.54
C SER F 290 -12.10 10.59 23.58
N SER F 291 -13.24 11.17 23.94
CA SER F 291 -14.50 10.43 23.97
C SER F 291 -15.72 11.33 23.79
N LYS F 292 -16.81 10.72 23.34
CA LYS F 292 -18.07 11.46 23.20
C LYS F 292 -19.18 10.59 23.75
N THR F 293 -19.85 11.07 24.80
CA THR F 293 -20.75 10.21 25.55
C THR F 293 -21.94 9.76 24.67
N VAL F 294 -22.59 10.75 24.06
CA VAL F 294 -23.68 10.47 23.15
C VAL F 294 -23.22 10.79 21.73
N CYS F 295 -22.75 9.75 21.06
CA CYS F 295 -22.30 9.86 19.70
C CYS F 295 -23.33 9.22 18.72
N THR F 296 -24.22 10.04 18.15
CA THR F 296 -25.10 9.56 17.11
C THR F 296 -24.36 9.25 15.82
N TYR F 297 -24.83 8.23 15.11
CA TYR F 297 -24.24 7.89 13.81
C TYR F 297 -25.18 6.94 13.04
N MET F 298 -24.96 6.88 11.74
CA MET F 298 -25.66 5.97 10.84
C MET F 298 -24.61 5.33 9.93
N ASP F 299 -24.92 4.14 9.46
CA ASP F 299 -24.06 3.55 8.47
C ASP F 299 -24.68 3.84 7.14
N LEU F 300 -24.47 5.08 6.70
CA LEU F 300 -24.82 5.49 5.34
C LEU F 300 -23.66 5.14 4.37
N LEU F 301 -24.01 4.67 3.16
CA LEU F 301 -23.08 4.63 2.07
C LEU F 301 -22.40 6.03 1.98
N LEU F 302 -21.07 6.11 2.08
CA LEU F 302 -20.41 7.42 2.06
C LEU F 302 -20.80 8.32 0.85
N ASP F 303 -21.03 7.70 -0.31
CA ASP F 303 -21.49 8.45 -1.46
C ASP F 303 -22.84 9.18 -1.14
N ASP F 304 -23.77 8.45 -0.55
CA ASP F 304 -25.06 9.02 -0.25
C ASP F 304 -24.94 10.14 0.75
N PHE F 305 -24.10 9.96 1.74
CA PHE F 305 -23.96 11.02 2.72
C PHE F 305 -23.44 12.29 2.04
N VAL F 306 -22.42 12.13 1.21
CA VAL F 306 -21.81 13.24 0.49
C VAL F 306 -22.85 13.90 -0.39
N SER F 307 -23.56 13.05 -1.13
CA SER F 307 -24.67 13.52 -1.95
C SER F 307 -25.65 14.42 -1.13
N VAL F 308 -25.94 14.06 0.12
CA VAL F 308 -26.75 14.89 1.01
C VAL F 308 -26.07 16.20 1.34
N LEU F 309 -24.78 16.15 1.68
CA LEU F 309 -24.04 17.38 1.92
C LEU F 309 -24.12 18.36 0.75
N LYS F 310 -23.91 17.83 -0.46
CA LYS F 310 -23.88 18.63 -1.70
C LYS F 310 -25.29 19.00 -2.19
N SER F 311 -26.22 19.13 -1.25
CA SER F 311 -27.58 19.56 -1.56
C SER F 311 -28.09 20.49 -0.46
N LEU F 312 -27.17 20.82 0.45
CA LEU F 312 -27.45 21.69 1.58
C LEU F 312 -27.18 23.15 1.21
N ASP F 313 -27.89 24.04 1.86
CA ASP F 313 -27.65 25.46 1.70
C ASP F 313 -26.63 25.90 2.75
N LEU F 314 -25.46 26.36 2.30
CA LEU F 314 -24.38 26.75 3.22
C LEU F 314 -24.46 28.22 3.66
N THR F 315 -25.55 28.89 3.28
CA THR F 315 -25.76 30.31 3.52
C THR F 315 -26.54 30.61 4.80
N VAL F 316 -27.40 29.69 5.23
CA VAL F 316 -28.12 29.81 6.51
C VAL F 316 -27.18 29.63 7.70
N VAL F 317 -27.56 30.14 8.85
CA VAL F 317 -26.74 29.90 10.04
C VAL F 317 -27.15 28.56 10.69
N SER F 318 -28.45 28.33 10.81
CA SER F 318 -28.93 27.05 11.25
C SER F 318 -30.24 26.70 10.57
N LYS F 319 -30.28 25.54 9.95
CA LYS F 319 -31.55 24.97 9.54
C LYS F 319 -31.59 23.54 10.07
N VAL F 320 -32.79 22.99 10.18
CA VAL F 320 -32.94 21.56 10.36
C VAL F 320 -33.35 20.99 9.00
N HIS F 321 -32.56 20.05 8.49
CA HIS F 321 -32.91 19.39 7.24
C HIS F 321 -33.51 18.03 7.47
N GLU F 322 -34.48 17.68 6.64
CA GLU F 322 -35.09 16.37 6.71
C GLU F 322 -34.43 15.46 5.65
N VAL F 323 -33.81 14.36 6.10
CA VAL F 323 -33.29 13.36 5.14
C VAL F 323 -34.10 12.08 5.22
N ILE F 324 -34.42 11.51 4.06
CA ILE F 324 -35.13 10.24 4.01
C ILE F 324 -34.14 9.08 3.97
N ILE F 325 -34.12 8.32 5.06
CA ILE F 325 -33.23 7.18 5.22
C ILE F 325 -34.05 6.00 5.74
N ASP F 326 -33.87 4.84 5.09
CA ASP F 326 -34.69 3.67 5.39
C ASP F 326 -36.18 3.98 5.41
N ASN F 327 -36.65 4.82 4.49
CA ASN F 327 -38.07 5.14 4.32
C ASN F 327 -38.68 6.10 5.36
N LYS F 328 -37.83 6.76 6.14
CA LYS F 328 -38.29 7.62 7.20
C LYS F 328 -37.58 8.98 7.16
N PRO F 329 -38.31 10.03 7.46
CA PRO F 329 -37.67 11.36 7.56
C PRO F 329 -36.86 11.42 8.84
N TRP F 330 -35.61 11.88 8.73
CA TRP F 330 -34.76 12.06 9.91
C TRP F 330 -34.36 13.50 10.02
N ARG F 331 -34.38 14.03 11.24
CA ARG F 331 -34.01 15.44 11.44
C ARG F 331 -32.50 15.61 11.60
N TRP F 332 -31.86 16.27 10.65
CA TRP F 332 -30.43 16.58 10.73
C TRP F 332 -30.21 18.08 10.89
N MET F 333 -29.56 18.42 12.00
CA MET F 333 -29.18 19.80 12.33
C MET F 333 -27.95 20.25 11.53
N LEU F 334 -28.05 21.40 10.85
CA LEU F 334 -26.94 21.99 10.13
C LEU F 334 -26.58 23.39 10.63
N TRP F 335 -25.41 23.54 11.27
CA TRP F 335 -24.84 24.86 11.54
C TRP F 335 -23.84 25.25 10.46
N CYS F 336 -24.04 26.41 9.85
CA CYS F 336 -23.07 26.88 8.84
C CYS F 336 -22.40 28.17 9.29
N LYS F 337 -21.27 28.44 8.68
CA LYS F 337 -20.48 29.62 8.98
C LYS F 337 -19.58 30.01 7.83
N ASP F 338 -19.82 31.19 7.28
CA ASP F 338 -19.04 31.71 6.15
C ASP F 338 -19.12 30.79 4.95
N ASN F 339 -20.32 30.26 4.67
CA ASN F 339 -20.55 29.44 3.48
C ASN F 339 -19.83 28.09 3.49
N ALA F 340 -19.41 27.66 4.67
CA ALA F 340 -18.90 26.32 4.88
C ALA F 340 -19.73 25.71 6.00
N VAL F 341 -19.82 24.37 6.04
CA VAL F 341 -20.45 23.72 7.19
C VAL F 341 -19.60 23.79 8.45
N ALA F 342 -20.27 24.11 9.56
CA ALA F 342 -19.64 24.08 10.87
C ALA F 342 -19.94 22.72 11.53
N THR F 343 -21.21 22.36 11.61
CA THR F 343 -21.61 21.05 12.15
C THR F 343 -22.80 20.47 11.40
N PHE F 344 -22.80 19.16 11.27
CA PHE F 344 -23.92 18.50 10.64
C PHE F 344 -24.16 17.16 11.33
N TYR F 345 -25.27 17.05 12.08
CA TYR F 345 -25.55 15.88 12.89
C TYR F 345 -27.05 15.61 12.96
N PRO F 346 -27.41 14.34 13.17
CA PRO F 346 -28.82 13.93 13.38
C PRO F 346 -29.35 14.27 14.81
N GLN F 347 -30.65 14.62 14.87
CA GLN F 347 -31.36 15.24 16.02
C GLN F 347 -31.10 16.76 16.08
#